data_2GRV
#
_entry.id   2GRV
#
_cell.length_a   188.572
_cell.length_b   312.035
_cell.length_c   104.145
_cell.angle_alpha   90.00
_cell.angle_beta   90.00
_cell.angle_gamma   90.00
#
_symmetry.space_group_name_H-M   'C 2 2 2'
#
loop_
_entity.id
_entity.type
_entity.pdbx_description
1 polymer LpqW
2 water water
#
_entity_poly.entity_id   1
_entity_poly.type   'polypeptide(L)'
_entity_poly.pdbx_seq_one_letter_code
;MGSSHHHHHHSSGLVPRGSHMCTVSPPPAPQSTETTETTPPPPPKAPTQIIMAIDSIGPGFNPHLLSDQSPVNAAIASLV
LPSSFRPVPDPTSPTGSRWELDTTLLESAEVTQENPFTVTYKIRPEAQWTDNAPIAADDYWYLWRQMVSQPGVVDPAGYD
LITGVQSVEGGKQAVVTFSQPYPAWRELFNDILPAHIVKDIPGGFGAGLARAMPVTGGQFRVETIDPQRDEILLARNDRF
WSVPAKPDLVLFRRGGAPAALADSIRNGDTQVAQVHGGAATFAQLSAIPDVRTARIVTPRVMQLTLRAQQPKLADPQVRK
AILGLIDVDLLASVGAGDDNTVTLAQAQVRSPSDPGYVPTAPPAMTRDDALELLRDAGYVSEPVPPPDNTADDPPPDNGR
ERIVKDGVPLTIVLGVASNDPTSVAVANTAADQLRNVGIDASVLALDPVALYGDALVNNRVDAVVGWRQAGGDLATVLAS
RYGCRALEATPVATAVPGPATTTSQAPTTTTTTTPPATTTPTPTAPIPAPESGELVQAPSNITGICDRSIQPRIDAALDG
TDDIADVIQAVEPRLWNMATVLPILQDTTIVAAGPSVQNVSLTGAVPVGIVGDAGDWTKTK
;
_entity_poly.pdbx_strand_id   A,B,C
#
# COMPACT_ATOMS: atom_id res chain seq x y z
N ALA A 46 9.72 -4.27 31.46
CA ALA A 46 9.27 -2.89 31.09
C ALA A 46 7.78 -2.68 31.36
N PRO A 47 7.44 -1.62 32.13
CA PRO A 47 6.05 -1.31 32.46
C PRO A 47 5.28 -0.80 31.24
N THR A 48 3.99 -1.14 31.18
CA THR A 48 3.10 -0.66 30.12
C THR A 48 2.83 0.83 30.33
N GLN A 49 3.15 1.64 29.32
CA GLN A 49 2.93 3.09 29.38
C GLN A 49 2.05 3.58 28.24
N ILE A 50 1.06 4.40 28.57
CA ILE A 50 0.25 5.06 27.57
C ILE A 50 0.58 6.56 27.58
N ILE A 51 0.86 7.09 26.40
CA ILE A 51 1.27 8.48 26.24
C ILE A 51 0.11 9.32 25.71
N MET A 52 -0.25 10.34 26.46
CA MET A 52 -1.29 11.29 26.07
C MET A 52 -0.69 12.67 25.88
N ALA A 53 -0.89 13.23 24.69
CA ALA A 53 -0.38 14.56 24.36
C ALA A 53 -1.28 15.66 24.90
N ILE A 54 -0.64 16.70 25.44
CA ILE A 54 -1.31 17.91 25.95
C ILE A 54 -0.57 19.17 25.45
N ASP A 55 -1.15 20.35 25.64
CA ASP A 55 -0.48 21.60 25.23
C ASP A 55 0.70 21.88 26.15
N SER A 56 0.41 21.94 27.45
CA SER A 56 1.39 22.13 28.51
C SER A 56 0.75 21.63 29.82
N ILE A 57 1.51 21.62 30.91
CA ILE A 57 0.99 21.07 32.18
C ILE A 57 -0.05 21.98 32.84
N GLY A 58 -0.11 23.24 32.41
CA GLY A 58 -1.09 24.19 32.91
C GLY A 58 -0.66 24.91 34.18
N PRO A 59 -1.54 25.76 34.73
CA PRO A 59 -1.24 26.69 35.82
C PRO A 59 -1.18 26.08 37.21
N GLY A 60 -1.80 24.92 37.41
CA GLY A 60 -1.85 24.30 38.73
C GLY A 60 -2.79 23.13 38.83
N PHE A 61 -2.86 22.53 40.02
CA PHE A 61 -3.55 21.26 40.20
C PHE A 61 -4.58 21.22 41.33
N ASN A 62 -5.02 22.39 41.77
CA ASN A 62 -6.19 22.50 42.66
C ASN A 62 -7.43 22.86 41.85
N PRO A 63 -8.33 21.89 41.64
CA PRO A 63 -9.51 22.09 40.78
C PRO A 63 -10.50 23.13 41.34
N HIS A 64 -10.32 23.48 42.60
CA HIS A 64 -11.24 24.40 43.29
C HIS A 64 -10.88 25.87 43.12
N LEU A 65 -9.78 26.16 42.43
CA LEU A 65 -9.33 27.53 42.22
C LEU A 65 -9.61 28.01 40.81
N LEU A 66 -10.07 29.26 40.71
CA LEU A 66 -10.30 29.91 39.42
C LEU A 66 -9.01 29.94 38.58
N SER A 67 -7.89 30.14 39.28
CA SER A 67 -6.58 30.23 38.66
C SER A 67 -6.13 28.95 37.96
N ASP A 68 -6.66 27.82 38.41
CA ASP A 68 -6.21 26.51 37.94
C ASP A 68 -7.15 25.83 36.96
N GLN A 69 -8.19 26.54 36.52
CA GLN A 69 -9.14 25.97 35.55
C GLN A 69 -8.44 25.66 34.24
N SER A 70 -8.47 24.39 33.84
CA SER A 70 -7.70 23.87 32.71
C SER A 70 -8.12 22.41 32.46
N PRO A 71 -8.13 21.97 31.17
CA PRO A 71 -8.45 20.57 30.86
C PRO A 71 -7.44 19.57 31.44
N VAL A 72 -6.19 20.01 31.60
CA VAL A 72 -5.14 19.19 32.22
C VAL A 72 -5.41 18.99 33.71
N ASN A 73 -5.65 20.10 34.42
CA ASN A 73 -6.02 20.10 35.82
C ASN A 73 -7.24 19.22 36.09
N ALA A 74 -8.27 19.33 35.26
CA ALA A 74 -9.47 18.51 35.42
C ALA A 74 -9.18 17.03 35.18
N ALA A 75 -8.29 16.74 34.25
CA ALA A 75 -7.93 15.35 33.91
C ALA A 75 -7.19 14.65 35.05
N ILE A 76 -6.19 15.33 35.61
CA ILE A 76 -5.38 14.78 36.70
C ILE A 76 -6.23 14.58 37.96
N ALA A 77 -7.07 15.54 38.28
CA ALA A 77 -7.97 15.46 39.43
C ALA A 77 -8.90 14.25 39.35
N SER A 78 -9.45 14.02 38.16
CA SER A 78 -10.31 12.88 37.88
C SER A 78 -9.62 11.55 38.22
N LEU A 79 -8.33 11.47 37.92
CA LEU A 79 -7.57 10.24 37.99
C LEU A 79 -6.89 9.96 39.33
N VAL A 80 -6.61 11.01 40.11
CA VAL A 80 -5.83 10.87 41.33
C VAL A 80 -6.57 11.26 42.63
N LEU A 81 -7.61 12.07 42.49
CA LEU A 81 -8.34 12.56 43.67
C LEU A 81 -9.68 11.83 43.87
N PRO A 82 -10.06 11.58 45.13
CA PRO A 82 -11.35 10.99 45.42
C PRO A 82 -12.50 11.98 45.26
N SER A 83 -13.68 11.48 44.88
CA SER A 83 -14.88 12.28 44.70
C SER A 83 -16.07 11.56 45.31
N SER A 84 -17.02 12.34 45.83
CA SER A 84 -18.27 11.79 46.33
C SER A 84 -19.17 11.35 45.17
N PHE A 85 -19.18 12.16 44.11
CA PHE A 85 -19.99 11.90 42.91
C PHE A 85 -19.20 12.15 41.64
N ARG A 86 -19.51 11.38 40.59
CA ARG A 86 -18.88 11.57 39.27
C ARG A 86 -19.95 11.91 38.23
N PRO A 87 -19.62 12.79 37.27
CA PRO A 87 -20.62 13.18 36.27
C PRO A 87 -20.70 12.27 35.06
N VAL A 88 -21.92 12.05 34.58
CA VAL A 88 -22.16 11.33 33.33
C VAL A 88 -23.02 12.24 32.42
N PRO A 89 -22.88 12.08 31.08
CA PRO A 89 -23.70 12.89 30.18
C PRO A 89 -25.20 12.66 30.38
N ASP A 90 -25.96 13.76 30.42
CA ASP A 90 -27.41 13.74 30.57
C ASP A 90 -28.01 15.01 29.95
N PRO A 91 -28.57 14.90 28.74
CA PRO A 91 -29.10 16.09 28.03
C PRO A 91 -30.38 16.62 28.69
N THR A 92 -30.95 15.82 29.59
CA THR A 92 -32.08 16.17 30.43
C THR A 92 -31.72 17.21 31.52
N SER A 93 -30.44 17.30 31.84
CA SER A 93 -29.96 18.23 32.85
C SER A 93 -29.63 19.60 32.24
N PRO A 94 -30.04 20.69 32.91
CA PRO A 94 -29.72 22.05 32.48
C PRO A 94 -28.21 22.24 32.31
N THR A 95 -27.47 21.32 32.89
CA THR A 95 -26.02 21.33 32.99
C THR A 95 -25.38 20.40 31.95
N GLY A 96 -26.17 19.45 31.45
CA GLY A 96 -25.68 18.42 30.52
C GLY A 96 -25.10 17.21 31.23
N SER A 97 -25.00 17.29 32.56
CA SER A 97 -24.44 16.21 33.36
C SER A 97 -25.34 15.82 34.52
N ARG A 98 -25.35 14.53 34.83
CA ARG A 98 -25.97 14.02 36.04
C ARG A 98 -24.85 13.54 36.95
N TRP A 99 -24.98 13.78 38.24
CA TRP A 99 -23.95 13.36 39.19
C TRP A 99 -24.34 12.09 39.92
N GLU A 100 -23.50 11.06 39.74
CA GLU A 100 -23.78 9.71 40.24
C GLU A 100 -22.79 9.33 41.33
N LEU A 101 -23.30 8.68 42.38
CA LEU A 101 -22.48 8.29 43.53
C LEU A 101 -21.25 7.49 43.13
N ASP A 102 -20.09 7.92 43.64
CA ASP A 102 -18.85 7.17 43.46
C ASP A 102 -18.77 6.08 44.53
N THR A 103 -19.11 4.85 44.15
CA THR A 103 -19.12 3.71 45.08
C THR A 103 -17.73 3.26 45.48
N THR A 104 -16.73 3.65 44.69
CA THR A 104 -15.32 3.42 45.02
C THR A 104 -14.99 4.09 46.35
N LEU A 105 -15.39 5.34 46.51
CA LEU A 105 -15.14 6.08 47.75
C LEU A 105 -16.22 5.87 48.81
N LEU A 106 -17.49 5.85 48.39
CA LEU A 106 -18.60 5.92 49.33
C LEU A 106 -19.49 4.69 49.33
N GLU A 107 -20.05 4.38 50.49
CA GLU A 107 -21.09 3.37 50.61
C GLU A 107 -22.42 4.02 50.24
N SER A 108 -22.57 5.29 50.61
CA SER A 108 -23.80 6.05 50.41
C SER A 108 -23.59 7.56 50.63
N ALA A 109 -24.50 8.35 50.06
CA ALA A 109 -24.66 9.76 50.39
C ALA A 109 -26.13 10.11 50.20
N GLU A 110 -26.79 10.49 51.29
CA GLU A 110 -28.25 10.70 51.28
C GLU A 110 -28.67 11.88 52.13
N VAL A 111 -29.77 12.52 51.72
CA VAL A 111 -30.48 13.49 52.55
C VAL A 111 -31.07 12.74 53.74
N THR A 112 -30.56 13.03 54.93
CA THR A 112 -30.94 12.31 56.15
C THR A 112 -32.08 13.02 56.89
N GLN A 113 -32.14 14.34 56.76
CA GLN A 113 -33.20 15.14 57.39
C GLN A 113 -33.51 16.36 56.53
N GLU A 114 -34.76 16.80 56.59
CA GLU A 114 -35.22 17.93 55.78
C GLU A 114 -35.50 19.19 56.60
N ASN A 115 -35.62 19.04 57.92
CA ASN A 115 -35.81 20.19 58.80
C ASN A 115 -34.54 21.06 58.80
N PRO A 116 -33.55 20.77 59.68
CA PRO A 116 -32.25 21.25 59.23
C PRO A 116 -31.74 20.34 58.12
N PHE A 117 -31.81 20.83 56.87
CA PHE A 117 -31.39 20.07 55.70
C PHE A 117 -29.98 19.50 55.92
N THR A 118 -29.88 18.17 55.89
CA THR A 118 -28.64 17.48 56.21
C THR A 118 -28.36 16.31 55.25
N VAL A 119 -27.10 16.17 54.88
CA VAL A 119 -26.63 15.05 54.05
C VAL A 119 -25.59 14.27 54.86
N THR A 120 -25.74 12.95 54.91
CA THR A 120 -24.72 12.12 55.55
C THR A 120 -23.99 11.25 54.53
N TYR A 121 -22.67 11.36 54.51
CA TYR A 121 -21.80 10.56 53.66
C TYR A 121 -21.22 9.41 54.48
N LYS A 122 -21.33 8.19 53.95
CA LYS A 122 -20.72 7.02 54.59
C LYS A 122 -19.51 6.59 53.78
N ILE A 123 -18.33 6.90 54.31
CA ILE A 123 -17.06 6.65 53.62
C ILE A 123 -16.58 5.22 53.86
N ARG A 124 -16.03 4.59 52.83
CA ARG A 124 -15.51 3.24 52.92
C ARG A 124 -14.29 3.16 53.86
N PRO A 125 -14.26 2.13 54.75
CA PRO A 125 -13.13 1.92 55.67
C PRO A 125 -11.79 1.78 54.93
N GLU A 126 -11.80 1.09 53.80
CA GLU A 126 -10.59 0.83 53.02
C GLU A 126 -10.06 2.07 52.29
N ALA A 127 -10.94 3.05 52.05
CA ALA A 127 -10.58 4.27 51.32
C ALA A 127 -9.51 5.08 52.05
N GLN A 128 -8.32 5.16 51.45
CA GLN A 128 -7.19 5.83 52.09
C GLN A 128 -6.37 6.69 51.13
N TRP A 129 -5.73 7.72 51.69
CA TRP A 129 -4.74 8.51 50.97
C TRP A 129 -3.50 7.67 50.72
N THR A 130 -2.63 8.15 49.85
CA THR A 130 -1.48 7.39 49.39
C THR A 130 -0.41 7.18 50.48
N ASP A 131 -0.49 7.98 51.55
CA ASP A 131 0.41 7.85 52.69
C ASP A 131 -0.19 7.00 53.82
N ASN A 132 -1.21 6.21 53.48
CA ASN A 132 -1.92 5.31 54.41
C ASN A 132 -2.86 5.98 55.41
N ALA A 133 -2.94 7.31 55.35
CA ALA A 133 -3.91 8.07 56.14
C ALA A 133 -5.31 7.81 55.56
N PRO A 134 -6.32 7.68 56.44
CA PRO A 134 -7.67 7.43 55.94
C PRO A 134 -8.28 8.65 55.25
N ILE A 135 -9.04 8.42 54.17
CA ILE A 135 -9.89 9.48 53.64
C ILE A 135 -11.09 9.53 54.57
N ALA A 136 -11.26 10.65 55.26
CA ALA A 136 -12.20 10.75 56.37
C ALA A 136 -13.01 12.04 56.37
N ALA A 137 -13.89 12.18 57.36
CA ALA A 137 -14.73 13.37 57.52
C ALA A 137 -13.92 14.66 57.69
N ASP A 138 -12.72 14.55 58.25
CA ASP A 138 -11.80 15.69 58.38
C ASP A 138 -11.50 16.33 57.02
N ASP A 139 -11.38 15.49 55.98
CA ASP A 139 -11.13 15.96 54.63
C ASP A 139 -12.34 16.72 54.07
N TYR A 140 -13.53 16.26 54.42
CA TYR A 140 -14.79 16.93 54.09
C TYR A 140 -14.85 18.30 54.79
N TRP A 141 -14.62 18.30 56.10
CA TRP A 141 -14.60 19.51 56.92
C TRP A 141 -13.63 20.55 56.37
N TYR A 142 -12.43 20.09 56.01
CA TYR A 142 -11.36 20.96 55.51
C TYR A 142 -11.73 21.64 54.18
N LEU A 143 -12.28 20.88 53.24
CA LEU A 143 -12.68 21.42 51.94
C LEU A 143 -13.76 22.50 52.09
N TRP A 144 -14.73 22.25 52.98
CA TRP A 144 -15.76 23.24 53.29
C TRP A 144 -15.15 24.54 53.82
N ARG A 145 -14.28 24.45 54.82
CA ARG A 145 -13.66 25.63 55.41
C ARG A 145 -12.84 26.43 54.39
N GLN A 146 -12.12 25.73 53.51
CA GLN A 146 -11.34 26.38 52.45
C GLN A 146 -12.24 27.06 51.42
N MET A 147 -13.28 26.34 50.98
CA MET A 147 -14.21 26.87 49.96
C MET A 147 -14.95 28.13 50.42
N VAL A 148 -15.10 28.27 51.73
CA VAL A 148 -15.83 29.40 52.30
C VAL A 148 -14.90 30.56 52.70
N SER A 149 -13.63 30.26 52.99
CA SER A 149 -12.69 31.28 53.45
C SER A 149 -11.69 31.77 52.40
N GLN A 150 -11.37 30.94 51.40
CA GLN A 150 -10.36 31.29 50.39
C GLN A 150 -10.91 32.16 49.25
N PRO A 151 -10.21 33.27 48.93
CA PRO A 151 -10.51 34.06 47.73
C PRO A 151 -10.20 33.30 46.44
N GLY A 152 -10.92 33.62 45.37
CA GLY A 152 -10.65 33.06 44.05
C GLY A 152 -10.96 31.58 43.90
N VAL A 153 -11.97 31.11 44.63
CA VAL A 153 -12.42 29.71 44.50
C VAL A 153 -13.59 29.60 43.53
N VAL A 154 -13.79 28.38 43.01
CA VAL A 154 -14.88 28.09 42.07
C VAL A 154 -16.24 28.18 42.76
N ASP A 155 -17.12 29.01 42.18
CA ASP A 155 -18.54 29.13 42.56
C ASP A 155 -18.92 28.45 43.90
N PRO A 156 -18.60 29.10 45.03
CA PRO A 156 -18.81 28.53 46.36
C PRO A 156 -20.18 28.78 47.02
N ALA A 157 -21.17 29.24 46.26
CA ALA A 157 -22.50 29.55 46.83
C ALA A 157 -23.16 28.39 47.57
N GLY A 158 -22.90 27.17 47.08
CA GLY A 158 -23.43 25.96 47.73
C GLY A 158 -22.71 25.66 49.04
N TYR A 159 -21.39 25.79 49.01
CA TYR A 159 -20.56 25.64 50.20
C TYR A 159 -20.91 26.67 51.27
N ASP A 160 -21.26 27.89 50.85
CA ASP A 160 -21.64 28.96 51.77
C ASP A 160 -22.90 28.63 52.57
N LEU A 161 -23.69 27.69 52.06
CA LEU A 161 -24.93 27.28 52.72
C LEU A 161 -24.70 26.24 53.82
N ILE A 162 -23.49 25.67 53.88
CA ILE A 162 -23.14 24.68 54.90
C ILE A 162 -23.01 25.33 56.28
N THR A 163 -23.66 24.71 57.25
CA THR A 163 -23.75 25.18 58.63
C THR A 163 -22.72 24.48 59.51
N GLY A 164 -22.35 23.26 59.12
CA GLY A 164 -21.37 22.46 59.87
C GLY A 164 -21.09 21.14 59.20
N VAL A 165 -19.92 20.58 59.51
CA VAL A 165 -19.53 19.24 59.08
C VAL A 165 -19.03 18.49 60.31
N GLN A 166 -19.78 17.47 60.75
CA GLN A 166 -19.39 16.71 61.93
C GLN A 166 -18.86 15.32 61.58
N SER A 167 -17.86 14.89 62.34
CA SER A 167 -17.21 13.60 62.14
C SER A 167 -17.80 12.55 63.07
N VAL A 168 -18.29 11.46 62.48
CA VAL A 168 -18.97 10.39 63.21
C VAL A 168 -18.41 9.04 62.75
N GLU A 169 -18.48 8.02 63.61
CA GLU A 169 -18.05 6.64 63.31
C GLU A 169 -16.57 6.54 62.94
N GLY A 170 -15.71 7.09 63.81
CA GLY A 170 -14.26 7.05 63.62
C GLY A 170 -13.78 7.78 62.38
N GLY A 171 -14.48 8.84 62.01
CA GLY A 171 -14.13 9.64 60.83
C GLY A 171 -14.71 9.12 59.53
N LYS A 172 -15.29 7.92 59.56
CA LYS A 172 -15.80 7.29 58.35
C LYS A 172 -17.22 7.73 57.97
N GLN A 173 -17.81 8.61 58.77
CA GLN A 173 -19.12 9.16 58.46
C GLN A 173 -19.12 10.68 58.61
N ALA A 174 -19.57 11.37 57.57
CA ALA A 174 -19.59 12.84 57.55
C ALA A 174 -21.02 13.34 57.47
N VAL A 175 -21.44 14.08 58.50
CA VAL A 175 -22.78 14.66 58.56
C VAL A 175 -22.71 16.16 58.29
N VAL A 176 -23.23 16.55 57.12
CA VAL A 176 -23.17 17.93 56.65
C VAL A 176 -24.53 18.62 56.85
N THR A 177 -24.52 19.73 57.61
CA THR A 177 -25.74 20.50 57.88
C THR A 177 -25.79 21.75 57.00
N PHE A 178 -27.00 22.11 56.57
CA PHE A 178 -27.25 23.27 55.72
C PHE A 178 -28.24 24.25 56.36
N SER A 179 -28.13 25.53 55.99
CA SER A 179 -29.01 26.59 56.47
C SER A 179 -30.34 26.63 55.72
N GLN A 180 -30.39 25.92 54.60
CA GLN A 180 -31.56 25.89 53.72
C GLN A 180 -31.46 24.66 52.82
N PRO A 181 -32.55 24.33 52.09
CA PRO A 181 -32.41 23.28 51.06
C PRO A 181 -31.42 23.68 49.96
N TYR A 182 -30.60 22.72 49.55
CA TYR A 182 -29.67 22.92 48.44
C TYR A 182 -29.68 21.70 47.51
N PRO A 183 -30.55 21.73 46.49
CA PRO A 183 -30.76 20.60 45.57
C PRO A 183 -29.51 20.13 44.81
N ALA A 184 -28.51 21.00 44.67
CA ALA A 184 -27.33 20.68 43.89
C ALA A 184 -26.18 20.08 44.72
N TRP A 185 -26.53 19.57 45.89
CA TRP A 185 -25.55 19.09 46.88
C TRP A 185 -24.59 18.00 46.39
N ARG A 186 -24.99 17.26 45.37
CA ARG A 186 -24.16 16.20 44.79
C ARG A 186 -22.91 16.73 44.08
N GLU A 187 -22.86 18.04 43.86
CA GLU A 187 -21.68 18.69 43.26
C GLU A 187 -20.66 19.13 44.31
N LEU A 188 -21.04 18.99 45.58
CA LEU A 188 -20.13 19.32 46.69
C LEU A 188 -19.27 18.14 47.03
N PHE A 189 -18.11 18.41 47.63
CA PHE A 189 -17.19 17.39 48.12
C PHE A 189 -16.71 16.41 47.05
N ASN A 190 -16.41 16.97 45.88
CA ASN A 190 -15.70 16.25 44.83
C ASN A 190 -14.31 16.84 44.68
N ASP A 191 -13.39 16.07 44.11
CA ASP A 191 -11.96 16.42 44.08
C ASP A 191 -11.45 16.74 45.47
N ILE A 192 -11.66 15.81 46.39
CA ILE A 192 -11.31 16.00 47.80
C ILE A 192 -9.79 15.99 47.97
N LEU A 193 -9.30 16.86 48.84
CA LEU A 193 -7.87 17.01 49.09
C LEU A 193 -7.47 16.45 50.46
N PRO A 194 -6.23 15.95 50.59
CA PRO A 194 -5.77 15.45 51.89
C PRO A 194 -5.53 16.60 52.87
N ALA A 195 -6.45 16.75 53.82
CA ALA A 195 -6.45 17.87 54.77
C ALA A 195 -5.13 18.02 55.53
N HIS A 196 -4.61 16.90 56.01
CA HIS A 196 -3.38 16.85 56.81
C HIS A 196 -2.13 17.21 56.00
N ILE A 197 -2.25 17.15 54.68
CA ILE A 197 -1.13 17.43 53.78
C ILE A 197 -1.13 18.88 53.29
N VAL A 198 -2.24 19.30 52.68
CA VAL A 198 -2.36 20.64 52.09
C VAL A 198 -2.21 21.74 53.15
N LYS A 199 -2.64 21.44 54.36
CA LYS A 199 -2.56 22.36 55.50
C LYS A 199 -1.12 22.79 55.83
N ASP A 200 -0.16 21.88 55.65
CA ASP A 200 1.23 22.13 56.03
C ASP A 200 2.17 22.43 54.85
N ILE A 201 1.73 22.09 53.63
CA ILE A 201 2.53 22.26 52.43
C ILE A 201 2.78 23.75 52.12
N PRO A 202 4.00 24.11 51.66
CA PRO A 202 4.28 25.48 51.23
C PRO A 202 3.31 25.96 50.14
N GLY A 203 2.67 27.09 50.39
CA GLY A 203 1.67 27.64 49.46
C GLY A 203 0.24 27.34 49.90
N GLY A 204 0.09 26.27 50.69
CA GLY A 204 -1.22 25.84 51.18
C GLY A 204 -2.23 25.52 50.08
N PHE A 205 -3.49 25.84 50.37
CA PHE A 205 -4.60 25.62 49.46
C PHE A 205 -4.45 26.43 48.17
N GLY A 206 -4.02 27.69 48.32
CA GLY A 206 -3.98 28.65 47.22
C GLY A 206 -2.86 28.45 46.20
N ALA A 207 -1.73 27.91 46.63
CA ALA A 207 -0.55 27.81 45.76
C ALA A 207 0.23 26.50 45.92
N GLY A 208 -0.09 25.72 46.95
CA GLY A 208 0.67 24.51 47.26
C GLY A 208 0.61 23.42 46.21
N LEU A 209 -0.49 23.37 45.46
CA LEU A 209 -0.67 22.33 44.46
C LEU A 209 -0.39 22.81 43.04
N ALA A 210 0.31 23.93 42.93
CA ALA A 210 0.62 24.52 41.63
C ALA A 210 1.53 23.60 40.81
N ARG A 211 2.53 23.02 41.46
CA ARG A 211 3.53 22.18 40.82
C ARG A 211 3.82 20.90 41.59
N ALA A 212 2.87 20.50 42.45
CA ALA A 212 3.04 19.35 43.31
C ALA A 212 1.72 18.68 43.68
N MET A 213 1.73 17.33 43.70
CA MET A 213 0.62 16.52 44.20
C MET A 213 1.17 15.32 44.96
N PRO A 214 1.81 15.57 46.13
CA PRO A 214 2.57 14.50 46.78
C PRO A 214 1.70 13.38 47.37
N VAL A 215 0.49 13.72 47.81
CA VAL A 215 -0.41 12.75 48.42
C VAL A 215 -1.78 12.79 47.71
N THR A 216 -2.19 11.63 47.20
CA THR A 216 -3.42 11.51 46.44
C THR A 216 -4.24 10.33 46.95
N GLY A 217 -5.40 10.07 46.33
CA GLY A 217 -6.30 9.03 46.82
C GLY A 217 -7.22 8.49 45.74
N GLY A 218 -6.62 7.99 44.67
CA GLY A 218 -7.38 7.43 43.56
C GLY A 218 -6.66 6.30 42.87
N GLN A 219 -7.24 5.85 41.76
CA GLN A 219 -6.71 4.75 40.95
C GLN A 219 -5.25 4.98 40.55
N PHE A 220 -4.96 6.22 40.15
CA PHE A 220 -3.61 6.64 39.80
C PHE A 220 -3.03 7.56 40.86
N ARG A 221 -1.70 7.60 40.93
CA ARG A 221 -0.98 8.57 41.74
C ARG A 221 -0.06 9.42 40.86
N VAL A 222 0.35 10.57 41.39
CA VAL A 222 1.25 11.46 40.67
C VAL A 222 2.71 11.12 40.99
N GLU A 223 3.43 10.61 39.99
CA GLU A 223 4.83 10.26 40.14
C GLU A 223 5.74 11.50 40.01
N THR A 224 5.62 12.21 38.89
CA THR A 224 6.39 13.44 38.67
C THR A 224 5.58 14.52 37.92
N ILE A 225 5.82 15.77 38.29
CA ILE A 225 5.33 16.93 37.55
C ILE A 225 6.55 17.74 37.13
N ASP A 226 6.78 17.79 35.82
CA ASP A 226 7.99 18.41 35.26
C ASP A 226 7.66 19.63 34.40
N PRO A 227 7.88 20.85 34.95
CA PRO A 227 7.58 22.09 34.24
C PRO A 227 8.52 22.37 33.05
N GLN A 228 9.78 21.93 33.16
CA GLN A 228 10.76 22.13 32.09
C GLN A 228 10.40 21.32 30.84
N ARG A 229 10.13 20.04 31.02
CA ARG A 229 9.77 19.15 29.91
C ARG A 229 8.29 19.21 29.56
N ASP A 230 7.51 19.90 30.40
CA ASP A 230 6.04 19.92 30.30
C ASP A 230 5.41 18.52 30.33
N GLU A 231 5.78 17.75 31.34
CA GLU A 231 5.32 16.38 31.49
C GLU A 231 4.70 16.11 32.86
N ILE A 232 3.68 15.27 32.87
CA ILE A 232 3.10 14.72 34.10
C ILE A 232 3.08 13.20 33.97
N LEU A 233 3.84 12.53 34.83
CA LEU A 233 3.84 11.07 34.85
C LEU A 233 2.94 10.56 35.98
N LEU A 234 1.93 9.78 35.60
CA LEU A 234 1.06 9.12 36.56
C LEU A 234 1.40 7.64 36.62
N ALA A 235 1.44 7.10 37.84
CA ALA A 235 1.65 5.67 38.04
C ALA A 235 0.43 5.07 38.72
N ARG A 236 0.19 3.79 38.46
CA ARG A 236 -0.85 3.07 39.19
C ARG A 236 -0.55 3.14 40.68
N ASN A 237 -1.56 3.52 41.46
CA ASN A 237 -1.47 3.52 42.91
C ASN A 237 -1.63 2.08 43.47
N ASP A 238 -0.51 1.52 43.94
CA ASP A 238 -0.50 0.17 44.51
C ASP A 238 -1.26 0.09 45.82
N ARG A 239 -1.49 1.25 46.44
CA ARG A 239 -2.24 1.35 47.69
C ARG A 239 -3.71 1.71 47.46
N PHE A 240 -4.15 1.61 46.21
CA PHE A 240 -5.56 1.78 45.87
C PHE A 240 -6.36 0.58 46.38
N TRP A 241 -7.60 0.83 46.78
CA TRP A 241 -8.40 -0.16 47.51
C TRP A 241 -9.47 -0.85 46.64
N SER A 242 -9.50 -0.53 45.35
CA SER A 242 -10.48 -1.10 44.45
C SER A 242 -9.84 -1.69 43.20
N VAL A 243 -10.64 -1.84 42.13
CA VAL A 243 -10.17 -2.39 40.84
C VAL A 243 -8.96 -1.60 40.33
N PRO A 244 -7.82 -2.30 40.14
CA PRO A 244 -6.59 -1.66 39.69
C PRO A 244 -6.65 -1.17 38.25
N ALA A 245 -5.97 -0.06 37.98
CA ALA A 245 -5.85 0.48 36.63
C ALA A 245 -5.04 -0.47 35.75
N LYS A 246 -5.47 -0.64 34.50
CA LYS A 246 -4.78 -1.53 33.55
C LYS A 246 -3.36 -1.03 33.20
N PRO A 247 -3.23 0.27 32.82
CA PRO A 247 -1.88 0.76 32.52
C PRO A 247 -1.02 0.93 33.78
N ASP A 248 0.27 0.61 33.66
CA ASP A 248 1.22 0.84 34.75
C ASP A 248 1.51 2.33 34.88
N LEU A 249 1.72 2.97 33.74
CA LEU A 249 2.04 4.39 33.68
C LEU A 249 1.20 5.10 32.63
N VAL A 250 0.87 6.36 32.92
CA VAL A 250 0.26 7.25 31.93
C VAL A 250 1.06 8.55 31.92
N LEU A 251 1.70 8.83 30.78
CA LEU A 251 2.52 10.02 30.61
C LEU A 251 1.79 11.09 29.80
N PHE A 252 1.57 12.24 30.45
CA PHE A 252 1.05 13.42 29.78
C PHE A 252 2.26 14.25 29.36
N ARG A 253 2.33 14.62 28.08
CA ARG A 253 3.46 15.42 27.60
C ARG A 253 3.05 16.45 26.54
N ARG A 254 3.85 17.51 26.45
CA ARG A 254 3.73 18.53 25.41
C ARG A 254 3.64 17.89 24.03
N GLY A 255 2.58 18.23 23.29
CA GLY A 255 2.40 17.72 21.93
C GLY A 255 3.34 18.37 20.93
N GLY A 256 3.73 19.61 21.19
CA GLY A 256 4.57 20.38 20.27
C GLY A 256 3.76 20.96 19.12
N ALA A 257 4.44 21.29 18.04
CA ALA A 257 3.79 21.80 16.82
C ALA A 257 2.87 20.73 16.23
N PRO A 258 1.78 21.17 15.55
CA PRO A 258 0.84 20.23 14.91
C PRO A 258 1.50 19.12 14.07
N ALA A 259 2.48 19.46 13.25
CA ALA A 259 3.16 18.47 12.40
C ALA A 259 3.91 17.41 13.22
N ALA A 260 4.49 17.84 14.33
CA ALA A 260 5.24 16.97 15.23
C ALA A 260 4.31 15.99 15.95
N LEU A 261 3.21 16.52 16.48
CA LEU A 261 2.17 15.68 17.10
C LEU A 261 1.59 14.68 16.09
N ALA A 262 1.29 15.17 14.89
CA ALA A 262 0.79 14.33 13.81
C ALA A 262 1.68 13.11 13.58
N ASP A 263 3.00 13.36 13.45
CA ASP A 263 3.94 12.28 13.17
C ASP A 263 4.10 11.31 14.33
N SER A 264 3.98 11.85 15.55
CA SER A 264 4.04 11.05 16.78
C SER A 264 2.87 10.08 16.88
N ILE A 265 1.67 10.56 16.55
CA ILE A 265 0.48 9.70 16.50
C ILE A 265 0.59 8.73 15.32
N ARG A 266 1.06 9.22 14.17
CA ARG A 266 1.28 8.40 12.98
C ARG A 266 2.24 7.23 13.26
N ASN A 267 3.28 7.50 14.03
CA ASN A 267 4.29 6.49 14.39
C ASN A 267 3.85 5.55 15.50
N GLY A 268 2.80 5.95 16.23
CA GLY A 268 2.28 5.14 17.32
C GLY A 268 2.93 5.41 18.66
N ASP A 269 3.81 6.41 18.71
CA ASP A 269 4.45 6.80 19.97
C ASP A 269 3.49 7.53 20.90
N THR A 270 2.55 8.28 20.33
CA THR A 270 1.48 8.91 21.10
C THR A 270 0.17 8.16 20.86
N GLN A 271 -0.52 7.82 21.93
CA GLN A 271 -1.76 7.04 21.87
C GLN A 271 -3.02 7.90 21.89
N VAL A 272 -3.00 8.93 22.74
CA VAL A 272 -4.15 9.81 22.97
C VAL A 272 -3.68 11.28 22.92
N ALA A 273 -4.59 12.19 22.58
CA ALA A 273 -4.26 13.62 22.55
C ALA A 273 -5.45 14.49 22.97
N GLN A 274 -5.16 15.53 23.75
CA GLN A 274 -6.13 16.59 24.00
C GLN A 274 -5.39 17.91 23.93
N VAL A 275 -5.52 18.61 22.81
CA VAL A 275 -4.73 19.80 22.53
C VAL A 275 -5.56 20.92 21.91
N HIS A 276 -5.04 22.14 21.94
CA HIS A 276 -5.63 23.25 21.21
C HIS A 276 -5.11 23.27 19.77
N GLY A 277 -6.01 23.56 18.84
CA GLY A 277 -5.68 23.70 17.42
C GLY A 277 -6.91 24.06 16.63
N GLY A 278 -6.70 24.59 15.42
CA GLY A 278 -7.80 25.02 14.56
C GLY A 278 -8.25 23.94 13.58
N ALA A 279 -8.95 24.36 12.53
CA ALA A 279 -9.52 23.45 11.53
C ALA A 279 -8.46 22.69 10.74
N ALA A 280 -7.34 23.36 10.45
CA ALA A 280 -6.23 22.73 9.74
C ALA A 280 -5.60 21.59 10.55
N THR A 281 -5.31 21.85 11.83
CA THR A 281 -4.78 20.82 12.72
C THR A 281 -5.73 19.64 12.85
N PHE A 282 -7.02 19.94 13.01
CA PHE A 282 -8.06 18.91 13.10
C PHE A 282 -8.07 18.02 11.86
N ALA A 283 -7.99 18.66 10.68
CA ALA A 283 -7.99 17.95 9.40
C ALA A 283 -6.74 17.08 9.21
N GLN A 284 -5.60 17.57 9.68
CA GLN A 284 -4.33 16.84 9.58
C GLN A 284 -4.35 15.56 10.41
N LEU A 285 -4.85 15.67 11.63
CA LEU A 285 -4.92 14.52 12.54
C LEU A 285 -5.95 13.49 12.07
N SER A 286 -7.07 13.98 11.55
CA SER A 286 -8.14 13.11 11.06
C SER A 286 -7.74 12.31 9.82
N ALA A 287 -6.75 12.80 9.07
CA ALA A 287 -6.30 12.14 7.85
C ALA A 287 -5.36 10.95 8.09
N ILE A 288 -4.84 10.84 9.31
CA ILE A 288 -3.99 9.70 9.69
C ILE A 288 -4.85 8.43 9.75
N PRO A 289 -4.47 7.37 9.00
CA PRO A 289 -5.27 6.14 8.96
C PRO A 289 -5.63 5.58 10.33
N ASP A 290 -6.92 5.31 10.53
CA ASP A 290 -7.47 4.66 11.73
C ASP A 290 -7.34 5.49 13.01
N VAL A 291 -7.21 6.81 12.85
CA VAL A 291 -7.19 7.70 13.98
C VAL A 291 -8.57 8.33 14.14
N ARG A 292 -9.08 8.28 15.36
CA ARG A 292 -10.37 8.88 15.69
C ARG A 292 -10.14 10.25 16.31
N THR A 293 -10.92 11.23 15.86
CA THR A 293 -10.78 12.60 16.32
C THR A 293 -12.14 13.22 16.61
N ALA A 294 -12.15 14.24 17.46
CA ALA A 294 -13.33 15.06 17.73
C ALA A 294 -12.89 16.39 18.33
N ARG A 295 -13.78 17.37 18.28
CA ARG A 295 -13.58 18.61 19.02
C ARG A 295 -14.55 18.63 20.17
N ILE A 296 -14.03 18.72 21.39
CA ILE A 296 -14.87 18.83 22.56
C ILE A 296 -14.68 20.15 23.29
N VAL A 297 -15.72 20.52 24.01
CA VAL A 297 -15.70 21.68 24.86
C VAL A 297 -14.91 21.31 26.14
N THR A 298 -14.34 22.32 26.76
CA THR A 298 -13.59 22.19 28.01
C THR A 298 -14.39 22.90 29.11
N PRO A 299 -14.34 22.39 30.36
CA PRO A 299 -15.17 22.96 31.44
C PRO A 299 -14.72 24.34 31.97
N ARG A 300 -14.45 25.28 31.07
CA ARG A 300 -14.09 26.64 31.47
C ARG A 300 -14.46 27.71 30.43
N VAL A 301 -14.81 28.90 30.93
CA VAL A 301 -15.18 30.06 30.13
C VAL A 301 -14.30 31.24 30.56
N MET A 302 -13.73 31.98 29.61
CA MET A 302 -12.97 33.20 29.93
C MET A 302 -13.89 34.41 30.01
N GLN A 303 -13.70 35.24 31.02
CA GLN A 303 -14.49 36.44 31.21
C GLN A 303 -13.59 37.62 31.56
N LEU A 304 -14.05 38.81 31.20
CA LEU A 304 -13.47 40.06 31.67
C LEU A 304 -14.47 40.71 32.61
N THR A 305 -14.03 41.03 33.82
CA THR A 305 -14.89 41.63 34.83
C THR A 305 -14.39 43.01 35.26
N LEU A 306 -15.30 43.99 35.29
CA LEU A 306 -14.99 45.32 35.80
C LEU A 306 -15.30 45.40 37.30
N ARG A 307 -14.47 46.17 38.01
CA ARG A 307 -14.68 46.40 39.45
C ARG A 307 -15.51 47.67 39.63
N ALA A 308 -16.83 47.49 39.75
CA ALA A 308 -17.77 48.61 39.81
C ALA A 308 -17.74 49.42 41.11
N GLN A 309 -17.06 48.90 42.14
CA GLN A 309 -16.87 49.60 43.40
C GLN A 309 -15.75 50.64 43.33
N GLN A 310 -14.97 50.60 42.24
CA GLN A 310 -13.98 51.64 41.97
C GLN A 310 -14.68 52.93 41.56
N PRO A 311 -14.40 54.04 42.26
CA PRO A 311 -15.08 55.31 41.99
C PRO A 311 -15.12 55.71 40.51
N LYS A 312 -14.01 55.51 39.80
CA LYS A 312 -13.95 55.84 38.37
C LYS A 312 -14.88 54.97 37.52
N LEU A 313 -15.29 53.82 38.07
CA LEU A 313 -16.20 52.93 37.36
C LEU A 313 -17.59 52.84 38.01
N ALA A 314 -17.86 53.71 38.98
CA ALA A 314 -19.15 53.72 39.69
C ALA A 314 -20.33 54.09 38.78
N ASP A 315 -20.08 54.96 37.80
CA ASP A 315 -21.07 55.33 36.79
C ASP A 315 -21.25 54.20 35.75
N PRO A 316 -22.47 53.64 35.68
CA PRO A 316 -22.80 52.56 34.72
C PRO A 316 -22.53 52.94 33.26
N GLN A 317 -22.69 54.23 32.93
CA GLN A 317 -22.47 54.71 31.57
C GLN A 317 -20.99 54.65 31.18
N VAL A 318 -20.09 54.91 32.13
CA VAL A 318 -18.65 54.76 31.91
C VAL A 318 -18.30 53.29 31.67
N ARG A 319 -18.86 52.40 32.50
CA ARG A 319 -18.71 50.96 32.34
C ARG A 319 -19.17 50.47 30.97
N LYS A 320 -20.34 50.92 30.54
CA LYS A 320 -20.88 50.58 29.22
C LYS A 320 -19.96 51.08 28.11
N ALA A 321 -19.44 52.31 28.28
CA ALA A 321 -18.46 52.88 27.35
C ALA A 321 -17.18 52.05 27.25
N ILE A 322 -16.61 51.66 28.39
CA ILE A 322 -15.38 50.86 28.41
C ILE A 322 -15.58 49.52 27.70
N LEU A 323 -16.65 48.81 28.06
CA LEU A 323 -16.97 47.53 27.43
C LEU A 323 -17.31 47.72 25.95
N GLY A 324 -17.96 48.82 25.64
CA GLY A 324 -18.33 49.17 24.26
C GLY A 324 -17.15 49.58 23.39
N LEU A 325 -16.03 49.93 24.02
CA LEU A 325 -14.79 50.27 23.31
C LEU A 325 -13.94 49.04 23.08
N ILE A 326 -14.34 47.94 23.71
CA ILE A 326 -13.63 46.68 23.61
C ILE A 326 -14.36 45.75 22.64
N ASP A 327 -13.63 45.27 21.63
CA ASP A 327 -14.16 44.30 20.69
C ASP A 327 -14.01 42.91 21.29
N VAL A 328 -15.12 42.34 21.76
CA VAL A 328 -15.11 41.01 22.36
C VAL A 328 -14.76 39.91 21.35
N ASP A 329 -15.10 40.14 20.08
CA ASP A 329 -14.75 39.18 19.02
C ASP A 329 -13.25 39.11 18.82
N LEU A 330 -12.59 40.27 18.89
CA LEU A 330 -11.13 40.35 18.85
C LEU A 330 -10.50 39.63 20.04
N LEU A 331 -11.06 39.85 21.24
CA LEU A 331 -10.55 39.20 22.46
C LEU A 331 -10.66 37.69 22.38
N ALA A 332 -11.77 37.21 21.83
CA ALA A 332 -12.01 35.78 21.67
C ALA A 332 -11.01 35.14 20.71
N SER A 333 -10.77 35.79 19.56
CA SER A 333 -9.82 35.27 18.59
C SER A 333 -8.39 35.21 19.15
N VAL A 334 -8.02 36.21 19.94
CA VAL A 334 -6.73 36.19 20.65
C VAL A 334 -6.75 35.08 21.70
N GLY A 335 -7.88 34.93 22.39
CA GLY A 335 -8.02 33.91 23.41
C GLY A 335 -7.97 32.50 22.85
N ALA A 336 -8.52 32.33 21.65
CA ALA A 336 -8.51 31.03 20.98
C ALA A 336 -7.24 30.81 20.16
N GLY A 337 -6.74 31.86 19.50
CA GLY A 337 -5.55 31.75 18.64
C GLY A 337 -5.88 31.33 17.22
N ASP A 338 -4.87 31.35 16.34
CA ASP A 338 -5.02 30.77 15.00
C ASP A 338 -5.29 29.30 15.22
N ASP A 339 -4.36 28.70 15.96
CA ASP A 339 -4.45 27.31 16.41
C ASP A 339 -5.58 27.13 17.43
N ASN A 340 -6.81 27.36 16.96
CA ASN A 340 -8.03 27.06 17.71
C ASN A 340 -9.25 27.61 16.98
N THR A 341 -10.39 26.97 17.26
CA THR A 341 -11.67 27.36 16.71
C THR A 341 -12.47 28.03 17.82
N VAL A 342 -13.00 29.22 17.56
CA VAL A 342 -13.61 30.03 18.62
C VAL A 342 -15.11 29.80 18.88
N THR A 343 -15.41 29.33 20.08
CA THR A 343 -16.77 29.24 20.57
C THR A 343 -17.05 30.45 21.46
N LEU A 344 -17.76 31.43 20.90
CA LEU A 344 -18.09 32.66 21.62
C LEU A 344 -19.04 32.40 22.80
N ALA A 345 -18.79 33.10 23.90
CA ALA A 345 -19.65 33.05 25.08
C ALA A 345 -20.53 34.29 25.09
N GLN A 346 -21.81 34.11 24.80
CA GLN A 346 -22.72 35.24 24.58
C GLN A 346 -23.93 35.25 25.51
N ALA A 347 -23.79 34.57 26.64
CA ALA A 347 -24.75 34.63 27.73
C ALA A 347 -23.98 34.85 29.03
N GLN A 348 -24.69 35.23 30.09
CA GLN A 348 -24.07 35.42 31.39
C GLN A 348 -23.97 34.12 32.19
N VAL A 349 -25.12 33.51 32.50
CA VAL A 349 -25.17 32.33 33.36
C VAL A 349 -24.72 31.05 32.63
N ARG A 350 -25.43 30.72 31.56
CA ARG A 350 -25.14 29.49 30.81
C ARG A 350 -23.88 29.63 29.96
N SER A 351 -23.14 28.52 29.89
CA SER A 351 -22.01 28.38 28.98
C SER A 351 -22.53 27.79 27.68
N PRO A 352 -21.85 28.08 26.55
CA PRO A 352 -22.22 27.46 25.26
C PRO A 352 -22.48 25.94 25.30
N SER A 353 -21.85 25.24 26.25
CA SER A 353 -21.98 23.80 26.35
C SER A 353 -23.27 23.32 27.03
N ASP A 354 -23.91 24.20 27.79
CA ASP A 354 -25.16 23.89 28.47
C ASP A 354 -26.27 23.65 27.44
N PRO A 355 -27.05 22.56 27.61
CA PRO A 355 -28.09 22.19 26.63
C PRO A 355 -29.08 23.31 26.29
N GLY A 356 -29.41 24.14 27.27
CA GLY A 356 -30.37 25.22 27.03
C GLY A 356 -29.76 26.54 26.59
N TYR A 357 -28.46 26.54 26.27
CA TYR A 357 -27.74 27.75 25.89
C TYR A 357 -28.35 28.48 24.69
N VAL A 358 -28.61 29.76 24.89
CA VAL A 358 -29.02 30.69 23.83
C VAL A 358 -28.30 32.01 24.12
N PRO A 359 -27.72 32.66 23.09
CA PRO A 359 -27.13 33.99 23.30
C PRO A 359 -28.15 34.98 23.88
N THR A 360 -27.70 35.81 24.82
CA THR A 360 -28.55 36.81 25.45
C THR A 360 -27.96 38.22 25.38
N ALA A 361 -26.73 38.31 24.86
CA ALA A 361 -26.04 39.59 24.69
C ALA A 361 -26.88 40.63 23.96
N PRO A 362 -26.95 41.86 24.51
CA PRO A 362 -27.62 42.97 23.84
C PRO A 362 -26.82 43.41 22.60
N PRO A 363 -27.41 44.28 21.75
CA PRO A 363 -26.77 44.65 20.48
C PRO A 363 -25.42 45.31 20.72
N ALA A 364 -24.43 45.00 19.88
CA ALA A 364 -23.11 45.61 19.99
C ALA A 364 -23.18 47.13 19.79
N MET A 365 -22.44 47.83 20.64
CA MET A 365 -22.30 49.27 20.57
C MET A 365 -21.24 49.64 19.55
N THR A 366 -21.42 50.76 18.87
CA THR A 366 -20.37 51.28 17.98
C THR A 366 -19.26 51.94 18.80
N ARG A 367 -18.27 52.50 18.11
CA ARG A 367 -17.17 53.18 18.80
C ARG A 367 -17.55 54.63 19.14
N ASP A 368 -18.23 55.30 18.21
CA ASP A 368 -18.68 56.67 18.41
C ASP A 368 -19.69 56.82 19.55
N ASP A 369 -20.55 55.82 19.73
CA ASP A 369 -21.53 55.83 20.81
C ASP A 369 -20.86 55.62 22.16
N ALA A 370 -19.83 54.79 22.18
CA ALA A 370 -19.05 54.55 23.40
C ALA A 370 -18.34 55.83 23.82
N LEU A 371 -17.71 56.50 22.85
CA LEU A 371 -17.09 57.81 23.08
C LEU A 371 -18.12 58.87 23.44
N GLU A 372 -19.31 58.79 22.84
CA GLU A 372 -20.43 59.68 23.17
C GLU A 372 -20.84 59.53 24.63
N LEU A 373 -20.87 58.29 25.11
CA LEU A 373 -21.19 58.00 26.50
C LEU A 373 -20.16 58.59 27.46
N LEU A 374 -18.90 58.57 27.05
CA LEU A 374 -17.81 59.15 27.84
C LEU A 374 -17.92 60.67 27.94
N ARG A 375 -18.23 61.32 26.82
CA ARG A 375 -18.45 62.77 26.80
C ARG A 375 -19.60 63.19 27.71
N ASP A 376 -20.69 62.40 27.70
CA ASP A 376 -21.84 62.66 28.57
C ASP A 376 -21.50 62.43 30.04
N ALA A 377 -20.55 61.54 30.30
CA ALA A 377 -20.07 61.30 31.67
C ALA A 377 -19.12 62.39 32.13
N GLY A 378 -18.76 63.29 31.21
CA GLY A 378 -17.95 64.46 31.54
C GLY A 378 -16.49 64.38 31.11
N TYR A 379 -16.18 63.44 30.22
CA TYR A 379 -14.83 63.27 29.70
C TYR A 379 -14.59 64.10 28.44
N VAL A 380 -13.37 64.61 28.29
CA VAL A 380 -12.94 65.33 27.10
C VAL A 380 -11.60 64.77 26.63
N SER A 381 -11.18 65.17 25.42
CA SER A 381 -9.84 64.82 24.96
C SER A 381 -8.94 66.06 24.83
N GLU A 382 -7.67 65.88 25.19
CA GLU A 382 -6.71 66.96 25.18
C GLU A 382 -5.38 66.49 24.60
N PRO A 383 -4.56 67.42 24.08
CA PRO A 383 -3.20 67.08 23.62
C PRO A 383 -2.33 66.48 24.73
N VAL A 384 -1.28 65.78 24.32
CA VAL A 384 -0.33 65.17 25.26
C VAL A 384 0.85 66.11 25.50
N PRO A 385 1.14 66.42 26.78
CA PRO A 385 2.21 67.36 27.15
C PRO A 385 3.59 66.88 26.72
N PRO A 386 4.44 67.81 26.23
CA PRO A 386 5.82 67.47 25.85
C PRO A 386 6.70 67.26 27.08
N PRO A 387 7.57 66.22 27.05
CA PRO A 387 8.49 65.89 28.14
C PRO A 387 9.50 67.00 28.46
N ARG A 400 -0.34 62.77 19.94
CA ARG A 400 -1.35 61.66 19.86
C ARG A 400 -2.76 62.20 20.17
N GLU A 401 -3.13 62.11 21.45
CA GLU A 401 -4.35 62.66 22.08
C GLU A 401 -4.56 61.86 23.37
N ARG A 402 -5.38 62.36 24.29
CA ARG A 402 -5.67 61.62 25.54
C ARG A 402 -6.98 62.03 26.22
N ILE A 403 -7.55 61.09 26.97
CA ILE A 403 -8.87 61.30 27.60
C ILE A 403 -8.74 61.66 29.08
N VAL A 404 -9.40 62.75 29.45
CA VAL A 404 -9.33 63.30 30.81
C VAL A 404 -10.69 63.77 31.31
N LYS A 405 -10.86 63.74 32.64
CA LYS A 405 -12.00 64.34 33.30
C LYS A 405 -11.50 65.40 34.28
N ASP A 406 -11.90 66.65 34.06
CA ASP A 406 -11.37 67.80 34.80
C ASP A 406 -9.87 67.67 35.09
N GLY A 407 -9.11 67.41 34.02
CA GLY A 407 -7.66 67.34 34.10
C GLY A 407 -7.05 66.02 34.52
N VAL A 408 -7.89 65.07 34.92
CA VAL A 408 -7.40 63.77 35.38
C VAL A 408 -7.54 62.71 34.30
N PRO A 409 -6.41 62.20 33.78
CA PRO A 409 -6.42 61.15 32.76
C PRO A 409 -7.11 59.88 33.24
N LEU A 410 -7.93 59.31 32.38
CA LEU A 410 -8.61 58.06 32.69
C LEU A 410 -7.61 56.91 32.60
N THR A 411 -7.58 56.14 33.69
CA THR A 411 -6.60 55.08 33.87
C THR A 411 -7.37 53.76 34.09
N ILE A 412 -6.93 52.70 33.41
CA ILE A 412 -7.53 51.37 33.55
C ILE A 412 -6.45 50.32 33.75
N VAL A 413 -6.43 49.68 34.93
CA VAL A 413 -5.50 48.60 35.21
C VAL A 413 -6.24 47.25 35.16
N LEU A 414 -5.83 46.40 34.22
CA LEU A 414 -6.40 45.07 34.08
C LEU A 414 -5.54 44.04 34.80
N GLY A 415 -6.12 43.42 35.83
CA GLY A 415 -5.46 42.37 36.59
C GLY A 415 -5.60 41.02 35.92
N VAL A 416 -4.54 40.21 36.02
CA VAL A 416 -4.49 38.91 35.38
C VAL A 416 -3.45 38.03 36.08
N ALA A 417 -3.64 36.71 36.05
CA ALA A 417 -2.66 35.78 36.61
C ALA A 417 -1.49 35.59 35.66
N SER A 418 -0.28 35.95 36.10
CA SER A 418 0.94 35.83 35.30
C SER A 418 1.22 34.37 34.95
N ASN A 419 0.54 33.51 35.69
CA ASN A 419 0.47 32.06 35.53
C ASN A 419 -0.11 31.60 34.19
N ASP A 420 -0.87 32.48 33.54
CA ASP A 420 -1.74 32.11 32.42
C ASP A 420 -1.48 32.95 31.17
N PRO A 421 -0.60 32.49 30.27
CA PRO A 421 -0.16 33.25 29.09
C PRO A 421 -1.32 33.65 28.16
N THR A 422 -2.35 32.83 28.09
CA THR A 422 -3.52 33.09 27.27
C THR A 422 -4.36 34.27 27.79
N SER A 423 -4.67 34.25 29.09
CA SER A 423 -5.40 35.35 29.71
C SER A 423 -4.57 36.64 29.69
N VAL A 424 -3.26 36.50 29.88
CA VAL A 424 -2.34 37.63 29.83
C VAL A 424 -2.37 38.28 28.44
N ALA A 425 -2.36 37.45 27.40
CA ALA A 425 -2.43 37.95 26.03
C ALA A 425 -3.74 38.71 25.76
N VAL A 426 -4.86 38.15 26.24
CA VAL A 426 -6.18 38.78 26.12
C VAL A 426 -6.25 40.12 26.83
N ALA A 427 -5.78 40.16 28.08
CA ALA A 427 -5.74 41.42 28.84
C ALA A 427 -4.96 42.50 28.10
N ASN A 428 -3.84 42.12 27.48
CA ASN A 428 -3.00 43.04 26.73
C ASN A 428 -3.68 43.60 25.49
N THR A 429 -4.40 42.74 24.78
CA THR A 429 -5.15 43.18 23.61
C THR A 429 -6.29 44.13 24.01
N ALA A 430 -6.92 43.86 25.15
CA ALA A 430 -7.93 44.76 25.73
C ALA A 430 -7.34 46.13 26.03
N ALA A 431 -6.16 46.13 26.65
CA ALA A 431 -5.45 47.36 26.97
C ALA A 431 -5.05 48.13 25.69
N ASP A 432 -4.56 47.40 24.68
CA ASP A 432 -4.22 47.98 23.37
C ASP A 432 -5.37 48.78 22.81
N GLN A 433 -6.57 48.19 22.85
CA GLN A 433 -7.78 48.82 22.31
C GLN A 433 -8.14 50.11 23.02
N LEU A 434 -8.00 50.12 24.35
CA LEU A 434 -8.27 51.32 25.14
C LEU A 434 -7.21 52.39 24.90
N ARG A 435 -5.96 51.97 24.74
CA ARG A 435 -4.86 52.91 24.45
C ARG A 435 -5.03 53.57 23.08
N ASN A 436 -5.64 52.86 22.14
CA ASN A 436 -5.90 53.40 20.80
C ASN A 436 -6.82 54.61 20.79
N VAL A 437 -7.70 54.70 21.80
CA VAL A 437 -8.62 55.83 21.89
C VAL A 437 -8.19 56.87 22.94
N GLY A 438 -6.98 56.70 23.49
CA GLY A 438 -6.41 57.67 24.42
C GLY A 438 -6.65 57.40 25.91
N ILE A 439 -7.04 56.16 26.23
CA ILE A 439 -7.16 55.74 27.63
C ILE A 439 -5.83 55.11 28.08
N ASP A 440 -5.31 55.55 29.23
CA ASP A 440 -4.07 55.01 29.76
C ASP A 440 -4.32 53.66 30.43
N ALA A 441 -4.43 52.63 29.59
CA ALA A 441 -4.71 51.25 30.04
C ALA A 441 -3.45 50.42 30.14
N SER A 442 -3.39 49.55 31.16
CA SER A 442 -2.22 48.73 31.40
C SER A 442 -2.60 47.38 31.99
N VAL A 443 -1.66 46.44 31.96
CA VAL A 443 -1.90 45.11 32.46
C VAL A 443 -0.98 44.83 33.64
N LEU A 444 -1.59 44.41 34.75
CA LEU A 444 -0.86 44.00 35.94
C LEU A 444 -0.95 42.50 36.11
N ALA A 445 0.11 41.80 35.69
CA ALA A 445 0.17 40.34 35.80
C ALA A 445 0.71 39.98 37.18
N LEU A 446 -0.10 39.25 37.94
CA LEU A 446 0.24 38.94 39.33
C LEU A 446 0.16 37.43 39.61
N ASP A 447 0.81 37.01 40.70
CA ASP A 447 0.64 35.66 41.24
C ASP A 447 -0.83 35.46 41.56
N PRO A 448 -1.37 34.27 41.24
CA PRO A 448 -2.80 33.96 41.41
C PRO A 448 -3.37 34.26 42.80
N VAL A 449 -2.59 33.96 43.84
CA VAL A 449 -3.00 34.23 45.22
C VAL A 449 -3.09 35.75 45.49
N ALA A 450 -2.07 36.49 45.05
CA ALA A 450 -2.05 37.95 45.16
C ALA A 450 -3.19 38.61 44.39
N LEU A 451 -3.52 38.07 43.22
CA LEU A 451 -4.57 38.63 42.39
C LEU A 451 -5.92 38.68 43.13
N TYR A 452 -6.39 37.53 43.59
CA TYR A 452 -7.71 37.43 44.23
C TYR A 452 -7.70 37.82 45.70
N GLY A 453 -6.55 37.64 46.34
CA GLY A 453 -6.44 37.86 47.77
C GLY A 453 -5.96 39.23 48.17
N ASP A 454 -5.12 39.84 47.36
CA ASP A 454 -4.48 41.10 47.73
C ASP A 454 -4.92 42.26 46.82
N ALA A 455 -4.75 42.10 45.51
CA ALA A 455 -5.07 43.13 44.53
C ALA A 455 -6.54 43.55 44.53
N LEU A 456 -7.46 42.58 44.66
CA LEU A 456 -8.90 42.87 44.68
C LEU A 456 -9.37 43.50 45.98
N VAL A 457 -8.89 42.95 47.10
CA VAL A 457 -9.23 43.44 48.43
C VAL A 457 -8.73 44.87 48.62
N ASN A 458 -7.61 45.21 48.00
CA ASN A 458 -6.98 46.52 48.21
C ASN A 458 -7.02 47.40 46.96
N ASN A 459 -7.96 47.06 46.10
CA ASN A 459 -8.30 47.83 44.89
C ASN A 459 -7.12 48.25 44.03
N ARG A 460 -6.18 47.33 43.80
CA ARG A 460 -5.01 47.61 42.97
C ARG A 460 -5.26 47.45 41.48
N VAL A 461 -6.42 46.88 41.13
CA VAL A 461 -6.80 46.73 39.72
C VAL A 461 -8.22 47.24 39.49
N ASP A 462 -8.54 47.54 38.23
CA ASP A 462 -9.88 48.01 37.86
C ASP A 462 -10.70 46.91 37.18
N ALA A 463 -10.01 45.87 36.73
CA ALA A 463 -10.63 44.77 35.98
C ALA A 463 -9.85 43.49 36.19
N VAL A 464 -10.50 42.35 35.93
CA VAL A 464 -9.87 41.04 36.00
C VAL A 464 -10.15 40.25 34.73
N VAL A 465 -9.13 39.61 34.18
CA VAL A 465 -9.29 38.63 33.11
C VAL A 465 -8.87 37.26 33.61
N GLY A 466 -9.74 36.28 33.42
CA GLY A 466 -9.47 34.92 33.87
C GLY A 466 -10.58 33.93 33.55
N TRP A 467 -10.38 32.69 33.97
CA TRP A 467 -11.31 31.61 33.67
C TRP A 467 -12.32 31.37 34.78
N ARG A 468 -13.50 30.91 34.39
CA ARG A 468 -14.54 30.44 35.31
C ARG A 468 -14.90 29.02 34.90
N GLN A 469 -15.36 28.24 35.86
CA GLN A 469 -15.83 26.90 35.57
C GLN A 469 -17.06 26.95 34.67
N ALA A 470 -17.15 25.96 33.78
CA ALA A 470 -18.34 25.73 32.96
C ALA A 470 -18.81 24.29 33.23
N GLY A 471 -20.11 24.09 33.24
CA GLY A 471 -20.68 22.75 33.47
C GLY A 471 -21.21 22.51 34.87
N GLY A 472 -21.11 23.52 35.73
CA GLY A 472 -21.61 23.42 37.10
C GLY A 472 -23.04 23.92 37.22
N ASP A 473 -23.69 23.57 38.34
CA ASP A 473 -25.06 24.00 38.64
C ASP A 473 -25.25 25.48 38.35
N LEU A 474 -26.31 25.80 37.62
CA LEU A 474 -26.53 27.15 37.10
C LEU A 474 -26.97 28.15 38.17
N ALA A 475 -27.79 27.69 39.09
CA ALA A 475 -28.24 28.51 40.23
C ALA A 475 -27.05 28.94 41.10
N THR A 476 -26.11 28.02 41.29
CA THR A 476 -24.90 28.26 42.05
C THR A 476 -23.99 29.26 41.33
N VAL A 477 -23.91 29.13 40.00
CA VAL A 477 -23.20 30.09 39.15
C VAL A 477 -23.77 31.50 39.34
N LEU A 478 -25.09 31.62 39.17
CA LEU A 478 -25.80 32.89 39.29
C LEU A 478 -25.57 33.57 40.66
N ALA A 479 -25.82 32.80 41.73
CA ALA A 479 -25.65 33.29 43.09
C ALA A 479 -24.22 33.72 43.38
N SER A 480 -23.26 32.86 43.03
CA SER A 480 -21.84 33.10 43.29
C SER A 480 -21.29 34.37 42.66
N ARG A 481 -21.67 34.62 41.41
CA ARG A 481 -21.06 35.67 40.59
C ARG A 481 -21.79 37.02 40.64
N TYR A 482 -23.11 36.99 40.85
CA TYR A 482 -23.94 38.21 40.75
C TYR A 482 -24.76 38.51 41.99
N GLY A 483 -24.82 37.56 42.92
CA GLY A 483 -25.67 37.68 44.10
C GLY A 483 -25.20 38.71 45.10
N CYS A 484 -26.17 39.28 45.83
CA CYS A 484 -25.90 40.30 46.84
C CYS A 484 -25.19 39.73 48.07
N ARG A 485 -25.54 38.50 48.43
CA ARG A 485 -24.97 37.81 49.60
C ARG A 485 -23.48 37.47 49.40
N ALA A 486 -23.09 37.31 48.14
CA ALA A 486 -21.71 36.96 47.78
C ALA A 486 -20.82 38.20 47.64
N LEU A 487 -21.35 39.35 48.06
CA LEU A 487 -20.60 40.59 48.10
C LEU A 487 -20.03 40.77 49.49
N GLU A 488 -20.79 40.30 50.48
CA GLU A 488 -20.47 40.42 51.91
C GLU A 488 -19.01 40.10 52.24
N ALA A 489 -18.30 41.12 52.73
CA ALA A 489 -16.90 41.02 53.17
C ALA A 489 -16.44 42.37 53.73
N GLN A 537 -15.06 35.34 55.27
CA GLN A 537 -15.87 35.15 53.94
C GLN A 537 -15.32 36.05 52.85
N ALA A 538 -14.53 35.47 51.94
CA ALA A 538 -14.02 36.19 50.77
C ALA A 538 -15.12 36.24 49.72
N PRO A 539 -15.42 37.45 49.19
CA PRO A 539 -16.52 37.60 48.24
C PRO A 539 -16.28 36.83 46.94
N SER A 540 -17.29 36.11 46.49
CA SER A 540 -17.22 35.42 45.20
C SER A 540 -17.78 36.29 44.08
N ASN A 541 -18.61 37.27 44.45
CA ASN A 541 -19.02 38.33 43.55
C ASN A 541 -17.93 39.41 43.58
N ILE A 542 -17.07 39.38 42.57
CA ILE A 542 -15.90 40.26 42.49
C ILE A 542 -16.23 41.54 41.71
N THR A 543 -17.52 41.66 41.37
CA THR A 543 -18.07 42.77 40.61
C THR A 543 -18.21 44.05 41.46
N GLY A 544 -18.43 43.88 42.76
CA GLY A 544 -18.60 45.00 43.68
C GLY A 544 -20.04 45.45 43.87
N ILE A 545 -20.93 44.96 43.02
CA ILE A 545 -22.35 45.33 43.05
C ILE A 545 -23.28 44.13 42.76
N CYS A 546 -24.56 44.32 43.04
CA CYS A 546 -25.58 43.35 42.69
C CYS A 546 -26.84 44.10 42.33
N ASP A 547 -27.81 43.40 41.74
CA ASP A 547 -29.12 43.97 41.49
C ASP A 547 -30.10 43.42 42.53
N ARG A 548 -30.58 44.31 43.39
CA ARG A 548 -31.43 43.93 44.50
C ARG A 548 -32.78 43.35 44.06
N SER A 549 -33.32 43.86 42.95
CA SER A 549 -34.62 43.46 42.47
C SER A 549 -34.70 42.01 41.98
N ILE A 550 -33.55 41.42 41.65
CA ILE A 550 -33.52 40.04 41.17
C ILE A 550 -33.11 39.03 42.26
N GLN A 551 -32.72 39.53 43.43
CA GLN A 551 -32.24 38.67 44.52
C GLN A 551 -33.23 37.58 44.96
N PRO A 552 -34.54 37.92 45.12
CA PRO A 552 -35.49 36.85 45.45
C PRO A 552 -35.51 35.69 44.43
N ARG A 553 -35.33 36.00 43.15
CA ARG A 553 -35.28 34.98 42.11
C ARG A 553 -34.02 34.12 42.23
N ILE A 554 -32.89 34.76 42.53
CA ILE A 554 -31.62 34.06 42.75
C ILE A 554 -31.75 33.09 43.94
N ASP A 555 -32.32 33.57 45.04
CA ASP A 555 -32.55 32.74 46.22
C ASP A 555 -33.47 31.56 45.94
N ALA A 556 -34.54 31.80 45.19
CA ALA A 556 -35.52 30.77 44.87
C ALA A 556 -34.97 29.70 43.92
N ALA A 557 -34.08 30.11 43.02
CA ALA A 557 -33.40 29.17 42.14
C ALA A 557 -32.43 28.31 42.94
N LEU A 558 -31.71 28.93 43.86
CA LEU A 558 -30.69 28.25 44.65
C LEU A 558 -31.28 27.19 45.60
N ASP A 559 -32.42 27.47 46.21
CA ASP A 559 -33.08 26.49 47.08
C ASP A 559 -34.01 25.55 46.32
N GLY A 560 -34.18 25.81 45.02
CA GLY A 560 -34.93 24.92 44.15
C GLY A 560 -36.44 25.09 44.15
N THR A 561 -36.92 26.22 44.66
CA THR A 561 -38.37 26.47 44.68
C THR A 561 -38.81 27.19 43.40
N ASP A 562 -37.82 27.55 42.59
CA ASP A 562 -38.07 28.17 41.29
C ASP A 562 -37.24 27.45 40.24
N ASP A 563 -37.83 27.23 39.07
CA ASP A 563 -37.14 26.60 37.95
C ASP A 563 -36.02 27.51 37.46
N ILE A 564 -34.82 26.95 37.36
CA ILE A 564 -33.62 27.73 36.98
C ILE A 564 -33.72 28.35 35.58
N ALA A 565 -34.35 27.63 34.66
CA ALA A 565 -34.55 28.12 33.29
C ALA A 565 -35.41 29.38 33.29
N ASP A 566 -36.45 29.39 34.12
CA ASP A 566 -37.34 30.55 34.23
C ASP A 566 -36.66 31.73 34.91
N VAL A 567 -35.80 31.45 35.88
CA VAL A 567 -35.04 32.48 36.58
C VAL A 567 -34.04 33.14 35.62
N ILE A 568 -33.26 32.32 34.93
CA ILE A 568 -32.29 32.80 33.94
C ILE A 568 -32.98 33.71 32.92
N GLN A 569 -34.06 33.22 32.32
CA GLN A 569 -34.86 33.98 31.36
C GLN A 569 -35.22 35.37 31.90
N ALA A 570 -35.62 35.42 33.17
CA ALA A 570 -36.07 36.64 33.81
C ALA A 570 -34.94 37.61 34.20
N VAL A 571 -33.77 37.08 34.56
CA VAL A 571 -32.70 37.92 35.12
C VAL A 571 -31.58 38.34 34.17
N GLU A 572 -31.40 37.62 33.05
CA GLU A 572 -30.30 37.91 32.12
C GLU A 572 -30.17 39.40 31.72
N PRO A 573 -31.29 40.05 31.31
CA PRO A 573 -31.20 41.45 30.92
C PRO A 573 -30.59 42.34 32.01
N ARG A 574 -30.99 42.07 33.26
CA ARG A 574 -30.50 42.82 34.42
C ARG A 574 -29.03 42.58 34.69
N LEU A 575 -28.56 41.38 34.38
CA LEU A 575 -27.15 41.02 34.55
C LEU A 575 -26.27 41.78 33.55
N TRP A 576 -26.67 41.78 32.28
CA TRP A 576 -25.97 42.55 31.25
C TRP A 576 -26.01 44.06 31.55
N ASN A 577 -27.14 44.53 32.08
CA ASN A 577 -27.32 45.97 32.31
C ASN A 577 -26.44 46.54 33.41
N MET A 578 -25.96 45.68 34.31
CA MET A 578 -24.99 46.09 35.34
C MET A 578 -23.64 46.44 34.73
N ALA A 579 -23.38 45.95 33.51
CA ALA A 579 -22.17 46.29 32.74
C ALA A 579 -20.90 46.02 33.53
N THR A 580 -20.81 44.84 34.11
CA THR A 580 -19.68 44.43 34.94
C THR A 580 -18.95 43.20 34.38
N VAL A 581 -19.68 42.35 33.65
CA VAL A 581 -19.14 41.09 33.16
C VAL A 581 -19.23 40.99 31.63
N LEU A 582 -18.09 40.75 31.00
CA LEU A 582 -18.03 40.47 29.57
C LEU A 582 -17.48 39.07 29.33
N PRO A 583 -18.38 38.09 29.14
CA PRO A 583 -17.96 36.73 28.77
C PRO A 583 -17.27 36.77 27.41
N ILE A 584 -16.22 35.97 27.26
CA ILE A 584 -15.43 36.03 26.04
C ILE A 584 -15.61 34.76 25.17
N LEU A 585 -15.18 33.61 25.69
CA LEU A 585 -15.31 32.36 24.95
C LEU A 585 -15.35 31.18 25.90
N GLN A 586 -15.89 30.06 25.42
CA GLN A 586 -15.68 28.79 26.09
C GLN A 586 -14.55 28.06 25.38
N ASP A 587 -13.66 27.48 26.19
CA ASP A 587 -12.50 26.76 25.71
C ASP A 587 -12.90 25.43 25.04
N THR A 588 -12.27 25.15 23.90
CA THR A 588 -12.46 23.86 23.22
C THR A 588 -11.10 23.24 22.92
N THR A 589 -11.08 21.92 22.75
CA THR A 589 -9.87 21.19 22.40
C THR A 589 -10.17 20.13 21.36
N ILE A 590 -9.17 19.83 20.53
CA ILE A 590 -9.20 18.66 19.67
C ILE A 590 -8.78 17.46 20.52
N VAL A 591 -9.54 16.37 20.42
CA VAL A 591 -9.18 15.10 21.05
C VAL A 591 -8.96 14.02 19.99
N ALA A 592 -8.04 13.09 20.29
CA ALA A 592 -7.69 12.04 19.34
C ALA A 592 -7.28 10.74 20.03
N ALA A 593 -7.54 9.63 19.34
CA ALA A 593 -7.08 8.32 19.78
C ALA A 593 -6.57 7.52 18.60
N GLY A 594 -5.32 7.07 18.70
CA GLY A 594 -4.69 6.25 17.67
C GLY A 594 -5.13 4.79 17.74
N PRO A 595 -4.89 4.03 16.66
CA PRO A 595 -5.28 2.61 16.59
C PRO A 595 -4.51 1.71 17.56
N SER A 596 -3.40 2.22 18.10
CA SER A 596 -2.53 1.43 18.99
C SER A 596 -3.05 1.35 20.43
N VAL A 597 -4.16 2.02 20.71
CA VAL A 597 -4.72 2.04 22.06
C VAL A 597 -6.16 1.50 22.09
N GLN A 598 -6.48 0.74 23.14
CA GLN A 598 -7.80 0.13 23.31
C GLN A 598 -8.58 0.79 24.45
N ASN A 599 -9.91 0.74 24.35
CA ASN A 599 -10.81 1.21 25.41
C ASN A 599 -10.80 2.72 25.65
N VAL A 600 -10.42 3.47 24.62
CA VAL A 600 -10.47 4.92 24.70
C VAL A 600 -11.70 5.42 23.95
N SER A 601 -12.75 5.71 24.72
CA SER A 601 -13.91 6.42 24.18
C SER A 601 -13.60 7.91 24.25
N LEU A 602 -13.70 8.59 23.12
CA LEU A 602 -13.42 10.03 23.10
C LEU A 602 -14.66 10.81 23.54
N THR A 603 -15.38 10.24 24.49
CA THR A 603 -16.63 10.80 24.99
C THR A 603 -16.63 10.83 26.52
N GLY A 604 -17.35 11.80 27.08
CA GLY A 604 -17.43 11.95 28.52
C GLY A 604 -18.19 13.21 28.87
N ALA A 605 -18.50 13.36 30.15
CA ALA A 605 -19.17 14.56 30.62
C ALA A 605 -18.25 15.78 30.51
N VAL A 606 -18.85 16.94 30.30
CA VAL A 606 -18.12 18.20 30.18
C VAL A 606 -17.09 18.46 31.32
N PRO A 607 -17.48 18.24 32.60
CA PRO A 607 -16.52 18.46 33.69
C PRO A 607 -15.24 17.60 33.65
N VAL A 608 -15.32 16.43 33.03
CA VAL A 608 -14.23 15.44 33.08
C VAL A 608 -13.37 15.45 31.83
N GLY A 609 -14.01 15.43 30.67
CA GLY A 609 -13.28 15.32 29.41
C GLY A 609 -13.25 13.87 28.95
N ILE A 610 -12.06 13.39 28.58
CA ILE A 610 -11.92 12.06 27.97
C ILE A 610 -11.15 11.04 28.81
N VAL A 611 -10.81 11.38 30.05
CA VAL A 611 -9.96 10.50 30.87
C VAL A 611 -10.75 9.64 31.88
N GLY A 612 -12.08 9.74 31.84
CA GLY A 612 -12.95 8.98 32.74
C GLY A 612 -12.70 7.49 32.76
N ASP A 613 -12.33 6.94 31.60
CA ASP A 613 -12.13 5.49 31.46
C ASP A 613 -10.65 5.09 31.34
N ALA A 614 -9.75 6.00 31.72
CA ALA A 614 -8.30 5.79 31.60
C ALA A 614 -7.78 4.54 32.30
N GLY A 615 -8.48 4.10 33.34
CA GLY A 615 -8.13 2.89 34.07
C GLY A 615 -8.30 1.64 33.24
N ASP A 616 -9.04 1.75 32.13
CA ASP A 616 -9.30 0.62 31.24
C ASP A 616 -8.43 0.64 29.99
N TRP A 617 -7.65 1.70 29.81
CA TRP A 617 -6.82 1.84 28.61
C TRP A 617 -5.76 0.75 28.52
N THR A 618 -5.69 0.08 27.37
CA THR A 618 -4.63 -0.88 27.08
C THR A 618 -4.06 -0.57 25.71
N LYS A 619 -2.81 -0.98 25.45
CA LYS A 619 -2.21 -0.67 24.16
C LYS A 619 -2.01 -1.88 23.23
N THR A 620 -1.36 -1.63 22.08
CA THR A 620 -1.24 -2.55 20.94
C THR A 620 -2.61 -2.91 20.34
N ALA B 46 -3.97 -35.07 0.09
CA ALA B 46 -2.92 -36.11 0.27
C ALA B 46 -2.54 -36.76 -1.08
N PRO B 47 -1.41 -36.32 -1.67
CA PRO B 47 -0.99 -36.74 -3.02
C PRO B 47 -0.77 -38.24 -3.15
N THR B 48 -0.84 -38.74 -4.38
CA THR B 48 -0.54 -40.14 -4.68
C THR B 48 -0.10 -40.33 -6.14
N GLN B 49 1.18 -40.08 -6.40
CA GLN B 49 1.80 -40.39 -7.67
C GLN B 49 2.54 -41.72 -7.57
N ILE B 50 2.20 -42.65 -8.44
CA ILE B 50 2.89 -43.93 -8.52
C ILE B 50 3.85 -43.93 -9.70
N ILE B 51 5.11 -44.23 -9.41
CA ILE B 51 6.14 -44.30 -10.45
C ILE B 51 6.41 -45.75 -10.84
N MET B 52 6.24 -46.03 -12.14
CA MET B 52 6.48 -47.35 -12.69
C MET B 52 7.57 -47.28 -13.75
N ALA B 53 8.60 -48.11 -13.58
CA ALA B 53 9.71 -48.12 -14.53
C ALA B 53 9.42 -49.01 -15.75
N ILE B 54 9.88 -48.53 -16.91
CA ILE B 54 9.76 -49.24 -18.18
C ILE B 54 11.10 -49.10 -18.90
N ASP B 55 11.30 -49.87 -19.98
CA ASP B 55 12.55 -49.78 -20.73
C ASP B 55 12.68 -48.43 -21.43
N SER B 56 11.59 -48.03 -22.08
CA SER B 56 11.47 -46.79 -22.84
C SER B 56 10.00 -46.66 -23.23
N ILE B 57 9.59 -45.51 -23.77
CA ILE B 57 8.18 -45.29 -24.11
C ILE B 57 7.66 -46.16 -25.26
N GLY B 58 8.58 -46.74 -26.03
CA GLY B 58 8.21 -47.63 -27.13
C GLY B 58 7.95 -46.94 -28.45
N PRO B 59 7.52 -47.72 -29.46
CA PRO B 59 7.40 -47.23 -30.84
C PRO B 59 6.22 -46.31 -31.09
N GLY B 60 5.15 -46.47 -30.32
CA GLY B 60 3.91 -45.72 -30.57
C GLY B 60 2.75 -46.14 -29.69
N PHE B 61 1.60 -45.51 -29.92
CA PHE B 61 0.45 -45.63 -29.01
C PHE B 61 -0.87 -45.94 -29.70
N ASN B 62 -0.78 -46.39 -30.95
CA ASN B 62 -1.92 -46.96 -31.66
C ASN B 62 -1.83 -48.47 -31.57
N PRO B 63 -2.68 -49.08 -30.72
CA PRO B 63 -2.60 -50.52 -30.43
C PRO B 63 -2.99 -51.41 -31.61
N HIS B 64 -3.52 -50.77 -32.67
CA HIS B 64 -3.99 -51.47 -33.85
C HIS B 64 -2.95 -51.61 -34.95
N LEU B 65 -1.78 -51.03 -34.73
CA LEU B 65 -0.69 -51.07 -35.71
C LEU B 65 0.40 -52.06 -35.30
N LEU B 66 0.83 -52.88 -36.26
CA LEU B 66 1.91 -53.84 -36.05
C LEU B 66 3.18 -53.15 -35.55
N SER B 67 3.44 -51.96 -36.11
CA SER B 67 4.62 -51.16 -35.77
C SER B 67 4.67 -50.77 -34.30
N ASP B 68 3.50 -50.67 -33.68
CA ASP B 68 3.37 -50.16 -32.31
C ASP B 68 3.24 -51.24 -31.21
N GLN B 69 3.19 -52.51 -31.61
CA GLN B 69 3.10 -53.61 -30.66
C GLN B 69 4.21 -53.54 -29.60
N SER B 70 3.78 -53.35 -28.35
CA SER B 70 4.69 -53.11 -27.22
C SER B 70 3.96 -53.30 -25.90
N PRO B 71 4.67 -53.79 -24.84
CA PRO B 71 4.04 -53.88 -23.51
C PRO B 71 3.67 -52.51 -22.93
N VAL B 72 4.38 -51.48 -23.36
CA VAL B 72 4.08 -50.11 -22.95
C VAL B 72 2.80 -49.65 -23.67
N ASN B 73 2.78 -49.82 -24.99
CA ASN B 73 1.60 -49.56 -25.81
C ASN B 73 0.34 -50.16 -25.21
N ALA B 74 0.41 -51.46 -24.91
CA ALA B 74 -0.72 -52.21 -24.34
C ALA B 74 -1.14 -51.70 -22.97
N ALA B 75 -0.18 -51.22 -22.19
CA ALA B 75 -0.45 -50.71 -20.85
C ALA B 75 -1.21 -49.38 -20.89
N ILE B 76 -0.74 -48.45 -21.72
CA ILE B 76 -1.36 -47.13 -21.84
C ILE B 76 -2.76 -47.23 -22.46
N ALA B 77 -2.88 -47.99 -23.55
CA ALA B 77 -4.16 -48.21 -24.22
C ALA B 77 -5.23 -48.81 -23.28
N SER B 78 -4.79 -49.78 -22.47
CA SER B 78 -5.65 -50.39 -21.45
C SER B 78 -6.21 -49.35 -20.48
N LEU B 79 -5.42 -48.30 -20.22
CA LEU B 79 -5.71 -47.36 -19.14
C LEU B 79 -6.44 -46.10 -19.58
N VAL B 80 -6.31 -45.72 -20.85
CA VAL B 80 -6.84 -44.43 -21.32
C VAL B 80 -7.89 -44.54 -22.43
N LEU B 81 -7.86 -45.64 -23.18
CA LEU B 81 -8.82 -45.84 -24.28
C LEU B 81 -10.00 -46.72 -23.83
N PRO B 82 -11.22 -46.39 -24.30
CA PRO B 82 -12.37 -47.25 -24.02
C PRO B 82 -12.40 -48.49 -24.92
N SER B 83 -13.01 -49.57 -24.43
CA SER B 83 -13.16 -50.80 -25.20
C SER B 83 -14.54 -51.41 -25.00
N SER B 84 -14.96 -52.23 -25.95
CA SER B 84 -16.24 -52.94 -25.86
C SER B 84 -16.17 -54.10 -24.87
N PHE B 85 -15.09 -54.87 -24.93
CA PHE B 85 -14.91 -56.06 -24.10
C PHE B 85 -13.55 -56.08 -23.40
N ARG B 86 -13.52 -56.70 -22.21
CA ARG B 86 -12.31 -56.80 -21.39
C ARG B 86 -11.82 -58.24 -21.28
N PRO B 87 -10.52 -58.47 -21.54
CA PRO B 87 -9.98 -59.84 -21.44
C PRO B 87 -9.70 -60.25 -20.00
N VAL B 88 -10.02 -61.51 -19.68
CA VAL B 88 -9.84 -62.08 -18.34
C VAL B 88 -9.19 -63.45 -18.47
N PRO B 89 -8.14 -63.72 -17.66
CA PRO B 89 -7.45 -65.02 -17.69
C PRO B 89 -8.42 -66.21 -17.62
N ASP B 90 -8.35 -67.07 -18.64
CA ASP B 90 -9.17 -68.28 -18.71
C ASP B 90 -8.45 -69.38 -19.49
N PRO B 91 -7.92 -70.40 -18.77
CA PRO B 91 -7.24 -71.55 -19.38
C PRO B 91 -8.09 -72.31 -20.40
N THR B 92 -9.41 -72.22 -20.27
CA THR B 92 -10.35 -72.93 -21.16
C THR B 92 -10.38 -72.31 -22.57
N SER B 93 -10.03 -71.02 -22.66
CA SER B 93 -9.93 -70.34 -23.94
C SER B 93 -8.65 -70.77 -24.67
N PRO B 94 -8.76 -71.12 -25.97
CA PRO B 94 -7.59 -71.48 -26.79
C PRO B 94 -6.63 -70.29 -26.89
N THR B 95 -7.20 -69.10 -26.67
CA THR B 95 -6.47 -67.84 -26.64
C THR B 95 -5.92 -67.55 -25.24
N GLY B 96 -6.55 -68.13 -24.22
CA GLY B 96 -6.14 -67.93 -22.83
C GLY B 96 -6.84 -66.77 -22.15
N SER B 97 -7.68 -66.07 -22.91
CA SER B 97 -8.44 -64.93 -22.42
C SER B 97 -9.94 -65.03 -22.74
N ARG B 98 -10.75 -64.77 -21.73
CA ARG B 98 -12.20 -64.68 -21.87
C ARG B 98 -12.58 -63.20 -21.92
N TRP B 99 -13.34 -62.81 -22.94
CA TRP B 99 -13.69 -61.41 -23.15
C TRP B 99 -15.03 -61.01 -22.55
N GLU B 100 -14.97 -60.26 -21.45
CA GLU B 100 -16.16 -59.82 -20.72
C GLU B 100 -16.58 -58.41 -21.13
N LEU B 101 -17.90 -58.20 -21.21
CA LEU B 101 -18.48 -56.90 -21.57
C LEU B 101 -18.01 -55.79 -20.64
N ASP B 102 -17.56 -54.69 -21.22
CA ASP B 102 -17.14 -53.52 -20.46
C ASP B 102 -18.36 -52.69 -20.08
N THR B 103 -18.84 -52.89 -18.85
CA THR B 103 -20.03 -52.20 -18.34
C THR B 103 -19.80 -50.70 -18.14
N THR B 104 -18.53 -50.30 -18.15
CA THR B 104 -18.17 -48.89 -18.04
C THR B 104 -18.54 -48.12 -19.31
N LEU B 105 -18.19 -48.68 -20.48
CA LEU B 105 -18.52 -48.06 -21.76
C LEU B 105 -19.92 -48.41 -22.25
N LEU B 106 -20.25 -49.70 -22.25
CA LEU B 106 -21.48 -50.18 -22.88
C LEU B 106 -22.54 -50.64 -21.89
N GLU B 107 -23.80 -50.37 -22.24
CA GLU B 107 -24.95 -50.89 -21.51
C GLU B 107 -25.21 -52.35 -21.89
N SER B 108 -25.06 -52.64 -23.18
CA SER B 108 -25.26 -53.98 -23.72
C SER B 108 -24.56 -54.15 -25.07
N ALA B 109 -24.12 -55.38 -25.35
CA ALA B 109 -23.57 -55.73 -26.64
C ALA B 109 -23.91 -57.19 -26.95
N GLU B 110 -24.71 -57.38 -27.99
CA GLU B 110 -25.17 -58.72 -28.37
C GLU B 110 -25.49 -58.80 -29.86
N VAL B 111 -25.46 -60.01 -30.40
CA VAL B 111 -25.93 -60.28 -31.75
C VAL B 111 -27.46 -60.23 -31.75
N THR B 112 -28.02 -59.26 -32.47
CA THR B 112 -29.46 -59.04 -32.49
C THR B 112 -30.13 -59.69 -33.71
N GLN B 113 -29.34 -59.98 -34.73
CA GLN B 113 -29.82 -60.61 -35.96
C GLN B 113 -28.79 -61.64 -36.42
N GLU B 114 -29.25 -62.87 -36.64
CA GLU B 114 -28.35 -64.00 -36.92
C GLU B 114 -28.15 -64.27 -38.41
N ASN B 115 -29.20 -64.14 -39.21
CA ASN B 115 -29.15 -64.49 -40.63
C ASN B 115 -28.11 -63.71 -41.45
N PRO B 116 -28.28 -62.38 -41.62
CA PRO B 116 -27.18 -61.56 -42.14
C PRO B 116 -25.98 -61.48 -41.18
N PHE B 117 -26.23 -61.80 -39.91
CA PHE B 117 -25.24 -61.67 -38.82
C PHE B 117 -24.88 -60.21 -38.54
N THR B 118 -25.59 -59.61 -37.58
CA THR B 118 -25.33 -58.23 -37.17
C THR B 118 -25.21 -58.14 -35.65
N VAL B 119 -24.31 -57.29 -35.19
CA VAL B 119 -24.16 -57.01 -33.76
C VAL B 119 -24.54 -55.56 -33.48
N THR B 120 -25.34 -55.34 -32.43
CA THR B 120 -25.74 -53.99 -32.04
C THR B 120 -25.10 -53.60 -30.71
N TYR B 121 -24.39 -52.48 -30.73
CA TYR B 121 -23.76 -51.92 -29.55
C TYR B 121 -24.63 -50.80 -29.00
N LYS B 122 -24.72 -50.71 -27.68
CA LYS B 122 -25.43 -49.61 -27.03
C LYS B 122 -24.51 -48.86 -26.07
N ILE B 123 -24.02 -47.72 -26.55
CA ILE B 123 -23.08 -46.89 -25.80
C ILE B 123 -23.82 -46.01 -24.79
N ARG B 124 -23.29 -45.96 -23.57
CA ARG B 124 -23.84 -45.13 -22.51
C ARG B 124 -23.78 -43.64 -22.87
N PRO B 125 -24.84 -42.88 -22.55
CA PRO B 125 -24.87 -41.43 -22.76
C PRO B 125 -23.73 -40.70 -22.03
N GLU B 126 -23.32 -41.22 -20.88
CA GLU B 126 -22.26 -40.61 -20.07
C GLU B 126 -20.87 -40.81 -20.67
N ALA B 127 -20.70 -41.91 -21.41
CA ALA B 127 -19.42 -42.25 -22.03
C ALA B 127 -18.94 -41.17 -23.01
N GLN B 128 -17.89 -40.47 -22.62
CA GLN B 128 -17.45 -39.28 -23.34
C GLN B 128 -15.93 -39.19 -23.47
N TRP B 129 -15.47 -38.55 -24.55
CA TRP B 129 -14.06 -38.25 -24.73
C TRP B 129 -13.66 -37.06 -23.86
N THR B 130 -12.36 -36.94 -23.58
CA THR B 130 -11.84 -35.87 -22.71
C THR B 130 -12.11 -34.44 -23.24
N ASP B 131 -12.39 -34.33 -24.53
CA ASP B 131 -12.76 -33.04 -25.14
C ASP B 131 -14.28 -32.79 -25.12
N ASN B 132 -15.00 -33.57 -24.31
CA ASN B 132 -16.45 -33.49 -24.15
C ASN B 132 -17.29 -33.94 -25.36
N ALA B 133 -16.61 -34.41 -26.40
CA ALA B 133 -17.30 -35.03 -27.53
C ALA B 133 -17.69 -36.45 -27.14
N PRO B 134 -18.89 -36.91 -27.54
CA PRO B 134 -19.37 -38.20 -27.06
C PRO B 134 -18.68 -39.37 -27.75
N ILE B 135 -18.47 -40.45 -27.01
CA ILE B 135 -18.02 -41.70 -27.61
C ILE B 135 -19.22 -42.27 -28.37
N ALA B 136 -19.28 -41.96 -29.66
CA ALA B 136 -20.42 -42.30 -30.50
C ALA B 136 -20.08 -43.41 -31.50
N ALA B 137 -21.09 -43.80 -32.29
CA ALA B 137 -20.95 -44.86 -33.29
C ALA B 137 -20.04 -44.44 -34.46
N ASP B 138 -19.77 -43.14 -34.57
CA ASP B 138 -18.83 -42.61 -35.56
C ASP B 138 -17.43 -43.15 -35.31
N ASP B 139 -17.12 -43.38 -34.04
CA ASP B 139 -15.84 -43.95 -33.63
C ASP B 139 -15.72 -45.41 -34.06
N TYR B 140 -16.85 -46.13 -34.00
CA TYR B 140 -16.93 -47.51 -34.48
C TYR B 140 -16.80 -47.58 -36.00
N TRP B 141 -17.38 -46.61 -36.69
CA TRP B 141 -17.30 -46.52 -38.15
C TRP B 141 -15.87 -46.23 -38.61
N TYR B 142 -15.22 -45.31 -37.92
CA TYR B 142 -13.85 -44.91 -38.23
C TYR B 142 -12.87 -46.07 -38.04
N LEU B 143 -13.00 -46.80 -36.94
CA LEU B 143 -12.11 -47.91 -36.65
C LEU B 143 -12.18 -48.98 -37.74
N TRP B 144 -13.39 -49.35 -38.14
CA TRP B 144 -13.60 -50.32 -39.21
C TRP B 144 -12.93 -49.88 -40.51
N ARG B 145 -13.21 -48.64 -40.93
CA ARG B 145 -12.66 -48.10 -42.17
C ARG B 145 -11.13 -48.12 -42.18
N GLN B 146 -10.53 -47.70 -41.07
CA GLN B 146 -9.08 -47.68 -40.93
C GLN B 146 -8.47 -49.08 -40.92
N MET B 147 -9.14 -50.02 -40.26
CA MET B 147 -8.66 -51.39 -40.15
C MET B 147 -8.68 -52.13 -41.49
N VAL B 148 -9.58 -51.74 -42.39
CA VAL B 148 -9.69 -52.40 -43.70
C VAL B 148 -8.96 -51.66 -44.83
N SER B 149 -8.61 -50.40 -44.61
CA SER B 149 -7.93 -49.60 -45.62
C SER B 149 -6.44 -49.39 -45.33
N GLN B 150 -6.09 -49.31 -44.05
CA GLN B 150 -4.70 -49.08 -43.65
C GLN B 150 -3.83 -50.33 -43.74
N PRO B 151 -2.62 -50.19 -44.33
CA PRO B 151 -1.62 -51.24 -44.29
C PRO B 151 -0.87 -51.30 -42.96
N GLY B 152 -0.45 -52.49 -42.57
CA GLY B 152 0.33 -52.70 -41.35
C GLY B 152 -0.49 -52.76 -40.07
N VAL B 153 -1.77 -53.09 -40.20
CA VAL B 153 -2.67 -53.21 -39.05
C VAL B 153 -2.76 -54.64 -38.51
N VAL B 154 -3.09 -54.75 -37.22
CA VAL B 154 -3.16 -56.04 -36.52
C VAL B 154 -4.31 -56.91 -37.03
N ASP B 155 -3.96 -58.14 -37.39
CA ASP B 155 -4.89 -59.22 -37.78
C ASP B 155 -6.32 -58.78 -38.12
N PRO B 156 -6.49 -58.11 -39.27
CA PRO B 156 -7.74 -57.43 -39.60
C PRO B 156 -8.80 -58.26 -40.31
N ALA B 157 -8.62 -59.59 -40.34
CA ALA B 157 -9.52 -60.50 -41.06
C ALA B 157 -10.98 -60.38 -40.60
N GLY B 158 -11.18 -60.18 -39.30
CA GLY B 158 -12.52 -59.98 -38.72
C GLY B 158 -13.14 -58.68 -39.17
N TYR B 159 -12.35 -57.61 -39.16
CA TYR B 159 -12.76 -56.30 -39.68
C TYR B 159 -13.12 -56.35 -41.17
N ASP B 160 -12.42 -57.21 -41.92
CA ASP B 160 -12.67 -57.41 -43.35
C ASP B 160 -14.02 -58.08 -43.65
N LEU B 161 -14.67 -58.57 -42.59
CA LEU B 161 -16.00 -59.20 -42.72
C LEU B 161 -17.14 -58.19 -42.57
N ILE B 162 -16.84 -57.03 -41.99
CA ILE B 162 -17.82 -55.96 -41.82
C ILE B 162 -18.22 -55.38 -43.17
N THR B 163 -19.52 -55.34 -43.42
CA THR B 163 -20.05 -54.80 -44.67
C THR B 163 -20.65 -53.40 -44.50
N GLY B 164 -20.73 -52.94 -43.25
CA GLY B 164 -21.19 -51.59 -42.92
C GLY B 164 -21.56 -51.42 -41.46
N VAL B 165 -21.30 -50.23 -40.93
CA VAL B 165 -21.81 -49.86 -39.60
C VAL B 165 -22.65 -48.58 -39.70
N GLN B 166 -23.63 -48.43 -38.81
CA GLN B 166 -24.53 -47.28 -38.84
C GLN B 166 -24.91 -46.81 -37.43
N SER B 167 -25.15 -45.50 -37.30
CA SER B 167 -25.47 -44.90 -36.01
C SER B 167 -26.98 -44.68 -35.83
N VAL B 168 -27.49 -45.18 -34.71
CA VAL B 168 -28.89 -45.00 -34.32
C VAL B 168 -28.94 -44.40 -32.90
N GLU B 169 -30.11 -43.95 -32.47
CA GLU B 169 -30.34 -43.43 -31.12
C GLU B 169 -29.39 -42.27 -30.76
N GLY B 170 -29.23 -41.35 -31.72
CA GLY B 170 -28.38 -40.17 -31.53
C GLY B 170 -26.90 -40.47 -31.61
N GLY B 171 -26.55 -41.55 -32.29
CA GLY B 171 -25.16 -41.98 -32.43
C GLY B 171 -24.68 -42.85 -31.28
N LYS B 172 -25.56 -43.11 -30.32
CA LYS B 172 -25.23 -43.92 -29.14
C LYS B 172 -25.58 -45.40 -29.33
N GLN B 173 -25.76 -45.80 -30.58
CA GLN B 173 -26.07 -47.18 -30.94
C GLN B 173 -25.46 -47.53 -32.30
N ALA B 174 -24.54 -48.49 -32.28
CA ALA B 174 -23.86 -48.93 -33.50
C ALA B 174 -24.42 -50.27 -33.98
N VAL B 175 -24.90 -50.28 -35.22
CA VAL B 175 -25.38 -51.52 -35.86
C VAL B 175 -24.34 -51.97 -36.88
N VAL B 176 -23.58 -53.00 -36.51
CA VAL B 176 -22.48 -53.51 -37.34
C VAL B 176 -22.92 -54.75 -38.13
N THR B 177 -22.92 -54.63 -39.45
CA THR B 177 -23.41 -55.69 -40.33
C THR B 177 -22.23 -56.47 -40.93
N PHE B 178 -22.38 -57.79 -41.02
CA PHE B 178 -21.33 -58.67 -41.52
C PHE B 178 -21.76 -59.43 -42.77
N SER B 179 -20.78 -60.05 -43.43
CA SER B 179 -21.03 -60.88 -44.61
C SER B 179 -21.26 -62.35 -44.23
N GLN B 180 -20.82 -62.73 -43.04
CA GLN B 180 -20.88 -64.12 -42.58
C GLN B 180 -20.87 -64.20 -41.03
N PRO B 181 -21.12 -65.40 -40.46
CA PRO B 181 -20.96 -65.58 -39.02
C PRO B 181 -19.51 -65.34 -38.57
N TYR B 182 -19.35 -64.75 -37.40
CA TYR B 182 -18.03 -64.46 -36.83
C TYR B 182 -18.06 -64.48 -35.29
N PRO B 183 -17.92 -65.67 -34.69
CA PRO B 183 -18.03 -65.84 -33.24
C PRO B 183 -16.92 -65.18 -32.43
N ALA B 184 -15.95 -64.56 -33.11
CA ALA B 184 -14.84 -63.86 -32.45
C ALA B 184 -15.07 -62.35 -32.42
N TRP B 185 -16.32 -61.92 -32.51
CA TRP B 185 -16.68 -60.50 -32.64
C TRP B 185 -16.38 -59.64 -31.41
N ARG B 186 -16.32 -60.27 -30.24
CA ARG B 186 -16.01 -59.57 -28.99
C ARG B 186 -14.62 -58.94 -28.98
N GLU B 187 -13.71 -59.47 -29.80
CA GLU B 187 -12.36 -58.90 -29.92
C GLU B 187 -12.34 -57.62 -30.79
N LEU B 188 -13.42 -57.37 -31.52
CA LEU B 188 -13.55 -56.15 -32.34
C LEU B 188 -13.95 -54.95 -31.49
N PHE B 189 -13.59 -53.76 -31.98
CA PHE B 189 -13.94 -52.48 -31.36
C PHE B 189 -13.47 -52.32 -29.92
N ASN B 190 -12.22 -52.70 -29.69
CA ASN B 190 -11.54 -52.47 -28.42
C ASN B 190 -10.38 -51.51 -28.64
N ASP B 191 -10.08 -50.71 -27.62
CA ASP B 191 -9.10 -49.61 -27.73
C ASP B 191 -9.55 -48.64 -28.83
N ILE B 192 -10.81 -48.20 -28.74
CA ILE B 192 -11.41 -47.30 -29.72
C ILE B 192 -10.74 -45.93 -29.66
N LEU B 193 -10.63 -45.29 -30.81
CA LEU B 193 -9.98 -43.98 -30.93
C LEU B 193 -11.01 -42.87 -31.24
N PRO B 194 -10.73 -41.63 -30.83
CA PRO B 194 -11.62 -40.52 -31.19
C PRO B 194 -11.56 -40.21 -32.68
N ALA B 195 -12.58 -40.67 -33.40
CA ALA B 195 -12.68 -40.50 -34.86
C ALA B 195 -12.42 -39.07 -35.33
N HIS B 196 -13.00 -38.11 -34.62
CA HIS B 196 -12.90 -36.69 -34.98
C HIS B 196 -11.50 -36.10 -34.76
N ILE B 197 -10.72 -36.71 -33.86
CA ILE B 197 -9.37 -36.24 -33.56
C ILE B 197 -8.33 -36.82 -34.51
N VAL B 198 -8.33 -38.15 -34.64
CA VAL B 198 -7.31 -38.86 -35.42
C VAL B 198 -7.34 -38.49 -36.91
N LYS B 199 -8.53 -38.15 -37.42
CA LYS B 199 -8.69 -37.73 -38.82
C LYS B 199 -7.84 -36.51 -39.19
N ASP B 200 -7.74 -35.57 -38.25
CA ASP B 200 -7.07 -34.28 -38.51
C ASP B 200 -5.63 -34.22 -37.99
N ILE B 201 -5.32 -35.05 -37.00
CA ILE B 201 -3.99 -35.05 -36.36
C ILE B 201 -2.87 -35.22 -37.40
N PRO B 202 -1.78 -34.43 -37.27
CA PRO B 202 -0.61 -34.62 -38.13
C PRO B 202 -0.05 -36.05 -38.03
N GLY B 203 -0.13 -36.79 -39.13
CA GLY B 203 0.31 -38.17 -39.18
C GLY B 203 -0.83 -39.17 -39.31
N GLY B 204 -2.01 -38.78 -38.87
CA GLY B 204 -3.21 -39.61 -38.97
C GLY B 204 -3.19 -40.90 -38.15
N PHE B 205 -3.87 -41.91 -38.67
CA PHE B 205 -3.99 -43.22 -38.03
C PHE B 205 -2.67 -43.99 -37.99
N GLY B 206 -1.83 -43.78 -39.02
CA GLY B 206 -0.60 -44.53 -39.17
C GLY B 206 0.57 -44.04 -38.33
N ALA B 207 0.61 -42.73 -38.06
CA ALA B 207 1.76 -42.13 -37.38
C ALA B 207 1.42 -41.01 -36.40
N GLY B 208 0.15 -40.65 -36.32
CA GLY B 208 -0.32 -39.57 -35.43
C GLY B 208 -0.23 -39.88 -33.95
N LEU B 209 -0.34 -41.16 -33.60
CA LEU B 209 -0.28 -41.61 -32.21
C LEU B 209 1.09 -42.18 -31.83
N ALA B 210 2.12 -41.79 -32.57
CA ALA B 210 3.48 -42.26 -32.30
C ALA B 210 4.03 -41.65 -31.02
N ARG B 211 3.78 -40.36 -30.84
CA ARG B 211 4.32 -39.59 -29.72
C ARG B 211 3.27 -38.65 -29.12
N ALA B 212 2.00 -38.95 -29.36
CA ALA B 212 0.89 -38.10 -28.91
C ALA B 212 -0.40 -38.87 -28.65
N MET B 213 -1.15 -38.43 -27.65
CA MET B 213 -2.47 -38.96 -27.34
C MET B 213 -3.32 -37.85 -26.70
N PRO B 214 -3.75 -36.87 -27.51
CA PRO B 214 -4.37 -35.63 -27.00
C PRO B 214 -5.76 -35.80 -26.40
N VAL B 215 -6.52 -36.78 -26.90
CA VAL B 215 -7.89 -37.02 -26.45
C VAL B 215 -8.14 -38.50 -26.18
N THR B 216 -8.65 -38.80 -24.97
CA THR B 216 -8.87 -40.18 -24.53
C THR B 216 -10.24 -40.36 -23.88
N GLY B 217 -10.49 -41.56 -23.35
CA GLY B 217 -11.77 -41.86 -22.72
C GLY B 217 -11.76 -43.04 -21.76
N GLY B 218 -11.02 -42.90 -20.67
CA GLY B 218 -10.92 -43.94 -19.65
C GLY B 218 -10.72 -43.37 -18.25
N GLN B 219 -10.44 -44.26 -17.28
CA GLN B 219 -10.09 -43.87 -15.91
C GLN B 219 -8.98 -42.83 -15.88
N PHE B 220 -7.94 -43.08 -16.68
CA PHE B 220 -6.79 -42.20 -16.79
C PHE B 220 -6.79 -41.48 -18.12
N ARG B 221 -6.06 -40.36 -18.18
CA ARG B 221 -5.83 -39.64 -19.42
C ARG B 221 -4.36 -39.29 -19.57
N VAL B 222 -3.93 -39.03 -20.80
CA VAL B 222 -2.53 -38.74 -21.08
C VAL B 222 -2.22 -37.25 -20.86
N GLU B 223 -1.38 -36.98 -19.88
CA GLU B 223 -0.91 -35.62 -19.61
C GLU B 223 0.28 -35.28 -20.53
N THR B 224 1.25 -36.17 -20.59
CA THR B 224 2.47 -35.96 -21.37
C THR B 224 3.09 -37.24 -21.90
N ILE B 225 3.55 -37.19 -23.15
CA ILE B 225 4.42 -38.21 -23.72
C ILE B 225 5.73 -37.50 -24.08
N ASP B 226 6.79 -37.88 -23.38
CA ASP B 226 8.07 -37.20 -23.48
C ASP B 226 9.12 -38.13 -24.10
N PRO B 227 9.43 -37.92 -25.39
CA PRO B 227 10.39 -38.76 -26.11
C PRO B 227 11.82 -38.58 -25.62
N GLN B 228 12.16 -37.37 -25.18
CA GLN B 228 13.51 -37.07 -24.73
C GLN B 228 13.81 -37.65 -23.35
N ARG B 229 12.87 -37.49 -22.42
CA ARG B 229 13.04 -38.02 -21.07
C ARG B 229 12.61 -39.49 -20.96
N ASP B 230 11.94 -39.98 -22.00
CA ASP B 230 11.30 -41.31 -22.00
C ASP B 230 10.29 -41.44 -20.87
N GLU B 231 9.30 -40.56 -20.87
CA GLU B 231 8.30 -40.53 -19.82
C GLU B 231 6.90 -40.41 -20.40
N ILE B 232 5.98 -41.17 -19.81
CA ILE B 232 4.55 -41.01 -20.04
C ILE B 232 3.91 -40.72 -18.69
N LEU B 233 3.19 -39.61 -18.61
CA LEU B 233 2.47 -39.25 -17.39
C LEU B 233 0.96 -39.38 -17.61
N LEU B 234 0.34 -40.25 -16.82
CA LEU B 234 -1.11 -40.36 -16.80
C LEU B 234 -1.67 -39.67 -15.57
N ALA B 235 -2.76 -38.94 -15.78
CA ALA B 235 -3.50 -38.31 -14.69
C ALA B 235 -4.90 -38.92 -14.67
N ARG B 236 -5.53 -38.92 -13.50
CA ARG B 236 -6.93 -39.34 -13.38
C ARG B 236 -7.82 -38.44 -14.24
N ASN B 237 -8.69 -39.06 -15.01
CA ASN B 237 -9.67 -38.33 -15.81
C ASN B 237 -10.79 -37.79 -14.93
N ASP B 238 -10.82 -36.47 -14.76
CA ASP B 238 -11.87 -35.80 -13.99
C ASP B 238 -13.20 -35.86 -14.72
N ARG B 239 -13.13 -35.99 -16.04
CA ARG B 239 -14.31 -36.09 -16.89
C ARG B 239 -14.74 -37.55 -17.11
N PHE B 240 -14.20 -38.45 -16.28
CA PHE B 240 -14.58 -39.86 -16.27
C PHE B 240 -15.92 -40.02 -15.58
N TRP B 241 -16.73 -40.95 -16.09
CA TRP B 241 -18.14 -41.08 -15.69
C TRP B 241 -18.43 -42.21 -14.71
N SER B 242 -17.43 -43.04 -14.42
CA SER B 242 -17.60 -44.18 -13.52
C SER B 242 -16.71 -44.07 -12.28
N VAL B 243 -16.39 -45.21 -11.67
CA VAL B 243 -15.55 -45.26 -10.46
C VAL B 243 -14.17 -44.64 -10.71
N PRO B 244 -13.84 -43.56 -9.97
CA PRO B 244 -12.59 -42.84 -10.13
C PRO B 244 -11.37 -43.68 -9.78
N ALA B 245 -10.27 -43.47 -10.50
CA ALA B 245 -9.00 -44.11 -10.17
C ALA B 245 -8.46 -43.56 -8.86
N LYS B 246 -7.85 -44.44 -8.06
CA LYS B 246 -7.32 -44.02 -6.76
C LYS B 246 -6.06 -43.15 -6.87
N PRO B 247 -5.09 -43.53 -7.74
CA PRO B 247 -3.95 -42.62 -7.89
C PRO B 247 -4.27 -41.38 -8.72
N ASP B 248 -3.72 -40.24 -8.32
CA ASP B 248 -3.86 -38.99 -9.07
C ASP B 248 -3.01 -39.07 -10.33
N LEU B 249 -1.81 -39.62 -10.18
CA LEU B 249 -0.85 -39.67 -11.25
C LEU B 249 -0.16 -41.02 -11.30
N VAL B 250 0.10 -41.50 -12.50
CA VAL B 250 0.97 -42.65 -12.72
C VAL B 250 2.04 -42.24 -13.74
N LEU B 251 3.30 -42.36 -13.34
CA LEU B 251 4.41 -42.01 -14.21
C LEU B 251 5.12 -43.27 -14.70
N PHE B 252 5.15 -43.43 -16.02
CA PHE B 252 5.92 -44.51 -16.65
C PHE B 252 7.20 -43.86 -17.15
N ARG B 253 8.34 -44.40 -16.75
CA ARG B 253 9.62 -43.79 -17.12
C ARG B 253 10.76 -44.79 -17.29
N ARG B 254 11.70 -44.42 -18.18
CA ARG B 254 12.94 -45.16 -18.40
C ARG B 254 13.55 -45.62 -17.07
N GLY B 255 13.69 -46.92 -16.92
CA GLY B 255 14.28 -47.49 -15.71
C GLY B 255 15.78 -47.27 -15.63
N GLY B 256 16.43 -47.30 -16.79
CA GLY B 256 17.89 -47.18 -16.87
C GLY B 256 18.58 -48.53 -16.69
N ALA B 257 19.89 -48.48 -16.46
CA ALA B 257 20.68 -49.68 -16.19
C ALA B 257 20.16 -50.41 -14.95
N PRO B 258 20.27 -51.76 -14.93
CA PRO B 258 19.79 -52.60 -13.82
C PRO B 258 20.17 -52.08 -12.43
N ALA B 259 21.44 -51.72 -12.26
CA ALA B 259 21.95 -51.17 -11.01
C ALA B 259 21.24 -49.87 -10.60
N ALA B 260 20.95 -49.01 -11.58
CA ALA B 260 20.27 -47.74 -11.32
C ALA B 260 18.80 -47.94 -10.90
N LEU B 261 18.11 -48.85 -11.59
CA LEU B 261 16.74 -49.21 -11.26
C LEU B 261 16.66 -49.87 -9.89
N ALA B 262 17.55 -50.84 -9.64
CA ALA B 262 17.59 -51.55 -8.36
C ALA B 262 17.73 -50.55 -7.21
N ASP B 263 18.61 -49.56 -7.40
CA ASP B 263 18.84 -48.56 -6.37
C ASP B 263 17.63 -47.65 -6.19
N SER B 264 16.94 -47.36 -7.28
CA SER B 264 15.71 -46.58 -7.23
C SER B 264 14.59 -47.31 -6.47
N ILE B 265 14.46 -48.62 -6.73
CA ILE B 265 13.49 -49.46 -6.06
C ILE B 265 13.87 -49.68 -4.58
N ARG B 266 15.18 -49.85 -4.35
CA ARG B 266 15.76 -50.03 -3.03
C ARG B 266 15.48 -48.82 -2.12
N ASN B 267 15.51 -47.64 -2.73
CA ASN B 267 15.27 -46.39 -2.01
C ASN B 267 13.78 -45.99 -1.94
N GLY B 268 12.93 -46.79 -2.57
CA GLY B 268 11.50 -46.53 -2.61
C GLY B 268 11.05 -45.47 -3.61
N ASP B 269 11.98 -45.00 -4.44
CA ASP B 269 11.70 -43.92 -5.42
C ASP B 269 10.97 -44.40 -6.68
N THR B 270 10.98 -45.70 -6.91
CA THR B 270 10.18 -46.36 -7.95
C THR B 270 9.38 -47.45 -7.26
N GLN B 271 8.10 -47.57 -7.59
CA GLN B 271 7.22 -48.52 -6.91
C GLN B 271 6.93 -49.79 -7.70
N VAL B 272 6.83 -49.66 -9.02
CA VAL B 272 6.47 -50.78 -9.90
C VAL B 272 7.44 -50.77 -11.08
N ALA B 273 7.68 -51.94 -11.68
CA ALA B 273 8.53 -52.01 -12.87
C ALA B 273 8.06 -53.10 -13.83
N GLN B 274 8.13 -52.80 -15.11
CA GLN B 274 8.02 -53.81 -16.17
C GLN B 274 9.11 -53.53 -17.19
N VAL B 275 10.22 -54.23 -17.06
CA VAL B 275 11.40 -53.98 -17.87
C VAL B 275 11.93 -55.27 -18.48
N HIS B 276 12.76 -55.14 -19.52
CA HIS B 276 13.50 -56.26 -20.06
C HIS B 276 14.78 -56.45 -19.27
N GLY B 277 15.11 -57.71 -18.99
CA GLY B 277 16.28 -58.07 -18.20
C GLY B 277 16.45 -59.57 -18.08
N GLY B 278 17.66 -60.01 -17.77
CA GLY B 278 17.99 -61.44 -17.68
C GLY B 278 17.81 -62.02 -16.30
N ALA B 279 18.45 -63.17 -16.07
CA ALA B 279 18.40 -63.88 -14.78
C ALA B 279 19.13 -63.13 -13.67
N ALA B 280 20.22 -62.45 -14.04
CA ALA B 280 20.99 -61.65 -13.09
C ALA B 280 20.18 -60.45 -12.58
N THR B 281 19.62 -59.67 -13.50
CA THR B 281 18.74 -58.55 -13.17
C THR B 281 17.57 -59.01 -12.30
N PHE B 282 16.92 -60.10 -12.70
CA PHE B 282 15.81 -60.65 -11.95
C PHE B 282 16.21 -60.95 -10.51
N ALA B 283 17.36 -61.58 -10.34
CA ALA B 283 17.88 -61.93 -9.02
C ALA B 283 18.25 -60.68 -8.22
N GLN B 284 18.84 -59.69 -8.88
CA GLN B 284 19.23 -58.43 -8.24
C GLN B 284 18.03 -57.69 -7.64
N LEU B 285 16.91 -57.73 -8.35
CA LEU B 285 15.69 -57.07 -7.88
C LEU B 285 15.03 -57.87 -6.76
N SER B 286 15.03 -59.19 -6.91
CA SER B 286 14.43 -60.10 -5.92
C SER B 286 15.09 -60.02 -4.55
N ALA B 287 16.37 -59.65 -4.52
CA ALA B 287 17.16 -59.58 -3.29
C ALA B 287 16.89 -58.33 -2.46
N ILE B 288 16.16 -57.38 -3.03
CA ILE B 288 15.77 -56.17 -2.30
C ILE B 288 14.61 -56.52 -1.33
N PRO B 289 14.76 -56.15 -0.04
CA PRO B 289 13.77 -56.51 0.99
C PRO B 289 12.33 -56.17 0.57
N ASP B 290 11.43 -57.14 0.76
CA ASP B 290 9.98 -56.97 0.55
C ASP B 290 9.57 -56.59 -0.88
N VAL B 291 10.45 -56.83 -1.84
CA VAL B 291 10.14 -56.59 -3.25
C VAL B 291 9.67 -57.90 -3.88
N ARG B 292 8.52 -57.84 -4.54
CA ARG B 292 7.98 -58.98 -5.26
C ARG B 292 8.36 -58.89 -6.73
N THR B 293 8.76 -60.02 -7.30
CA THR B 293 9.16 -60.08 -8.70
C THR B 293 8.54 -61.30 -9.39
N ALA B 294 8.47 -61.22 -10.72
CA ALA B 294 8.01 -62.33 -11.56
C ALA B 294 8.49 -62.07 -12.98
N ARG B 295 8.31 -63.07 -13.84
CA ARG B 295 8.54 -62.92 -15.27
C ARG B 295 7.25 -63.23 -16.01
N ILE B 296 6.83 -62.33 -16.89
CA ILE B 296 5.59 -62.54 -17.65
C ILE B 296 5.81 -62.36 -19.15
N VAL B 297 4.90 -62.92 -19.94
CA VAL B 297 4.91 -62.75 -21.38
C VAL B 297 4.27 -61.43 -21.78
N THR B 298 4.71 -60.90 -22.92
CA THR B 298 4.12 -59.74 -23.54
C THR B 298 3.28 -60.23 -24.71
N PRO B 299 2.16 -59.55 -25.02
CA PRO B 299 1.31 -59.95 -26.15
C PRO B 299 1.92 -59.64 -27.53
N ARG B 300 3.17 -60.05 -27.76
CA ARG B 300 3.80 -59.91 -29.07
C ARG B 300 4.80 -61.03 -29.40
N VAL B 301 4.88 -61.35 -30.69
CA VAL B 301 5.82 -62.36 -31.22
C VAL B 301 6.61 -61.76 -32.37
N MET B 302 7.93 -61.88 -32.32
CA MET B 302 8.78 -61.42 -33.42
C MET B 302 8.86 -62.48 -34.53
N GLN B 303 8.70 -62.03 -35.77
CA GLN B 303 8.76 -62.91 -36.93
C GLN B 303 9.54 -62.30 -38.09
N LEU B 304 10.17 -63.17 -38.89
CA LEU B 304 10.73 -62.80 -40.18
C LEU B 304 9.82 -63.36 -41.27
N THR B 305 9.41 -62.52 -42.20
CA THR B 305 8.53 -62.92 -43.29
C THR B 305 9.19 -62.68 -44.65
N LEU B 306 9.21 -63.72 -45.49
CA LEU B 306 9.72 -63.60 -46.85
C LEU B 306 8.63 -63.15 -47.82
N ARG B 307 9.06 -62.48 -48.88
CA ARG B 307 8.14 -61.95 -49.89
C ARG B 307 8.16 -62.83 -51.14
N ALA B 308 7.25 -63.80 -51.18
CA ALA B 308 7.21 -64.81 -52.24
C ALA B 308 6.82 -64.27 -53.62
N GLN B 309 6.22 -63.08 -53.67
CA GLN B 309 5.86 -62.45 -54.94
C GLN B 309 7.07 -61.85 -55.66
N GLN B 310 8.13 -61.58 -54.90
CA GLN B 310 9.39 -61.12 -55.48
C GLN B 310 9.96 -62.23 -56.38
N PRO B 311 10.25 -61.89 -57.66
CA PRO B 311 10.67 -62.87 -58.68
C PRO B 311 11.81 -63.80 -58.24
N LYS B 312 12.74 -63.29 -57.44
CA LYS B 312 13.87 -64.09 -56.95
C LYS B 312 13.47 -65.12 -55.88
N LEU B 313 12.31 -64.91 -55.27
CA LEU B 313 11.84 -65.74 -54.16
C LEU B 313 10.60 -66.56 -54.50
N ALA B 314 10.19 -66.54 -55.76
CA ALA B 314 9.02 -67.30 -56.22
C ALA B 314 9.25 -68.82 -56.16
N ASP B 315 10.50 -69.23 -56.32
CA ASP B 315 10.91 -70.63 -56.17
C ASP B 315 10.88 -70.98 -54.68
N PRO B 316 10.05 -71.98 -54.29
CA PRO B 316 9.98 -72.40 -52.88
C PRO B 316 11.29 -72.98 -52.37
N GLN B 317 12.04 -73.63 -53.26
CA GLN B 317 13.36 -74.18 -52.93
C GLN B 317 14.33 -73.09 -52.49
N VAL B 318 14.28 -71.95 -53.18
CA VAL B 318 15.11 -70.79 -52.83
C VAL B 318 14.73 -70.27 -51.45
N ARG B 319 13.41 -70.15 -51.22
CA ARG B 319 12.87 -69.76 -49.91
C ARG B 319 13.30 -70.71 -48.79
N LYS B 320 13.22 -72.01 -49.05
CA LYS B 320 13.59 -73.04 -48.08
C LYS B 320 15.09 -73.01 -47.75
N ALA B 321 15.89 -72.56 -48.71
CA ALA B 321 17.33 -72.46 -48.55
C ALA B 321 17.70 -71.22 -47.72
N ILE B 322 17.09 -70.09 -48.04
CA ILE B 322 17.30 -68.86 -47.26
C ILE B 322 17.00 -69.08 -45.78
N LEU B 323 15.82 -69.62 -45.49
CA LEU B 323 15.40 -69.85 -44.10
C LEU B 323 16.24 -70.94 -43.44
N GLY B 324 16.65 -71.93 -44.23
CA GLY B 324 17.53 -72.99 -43.77
C GLY B 324 18.90 -72.49 -43.39
N LEU B 325 19.34 -71.41 -44.04
CA LEU B 325 20.64 -70.79 -43.77
C LEU B 325 20.64 -69.92 -42.53
N ILE B 326 19.45 -69.64 -42.01
CA ILE B 326 19.28 -68.80 -40.82
C ILE B 326 19.09 -69.66 -39.58
N ASP B 327 19.94 -69.42 -38.58
CA ASP B 327 19.83 -70.05 -37.28
C ASP B 327 18.88 -69.22 -36.42
N VAL B 328 17.70 -69.77 -36.18
CA VAL B 328 16.63 -69.07 -35.46
C VAL B 328 16.93 -68.88 -33.96
N ASP B 329 17.64 -69.85 -33.37
CA ASP B 329 18.06 -69.76 -31.98
C ASP B 329 19.00 -68.58 -31.78
N LEU B 330 19.88 -68.37 -32.75
CA LEU B 330 20.78 -67.22 -32.76
C LEU B 330 19.99 -65.91 -32.85
N LEU B 331 19.00 -65.89 -33.74
CA LEU B 331 18.11 -64.73 -33.87
C LEU B 331 17.37 -64.43 -32.58
N ALA B 332 16.83 -65.48 -31.96
CA ALA B 332 16.11 -65.35 -30.70
C ALA B 332 16.99 -64.79 -29.58
N SER B 333 18.21 -65.31 -29.46
CA SER B 333 19.14 -64.81 -28.44
C SER B 333 19.53 -63.35 -28.67
N VAL B 334 19.76 -62.96 -29.92
CA VAL B 334 19.97 -61.55 -30.26
C VAL B 334 18.70 -60.72 -29.97
N GLY B 335 17.54 -61.29 -30.27
CA GLY B 335 16.24 -60.67 -29.98
C GLY B 335 15.97 -60.43 -28.51
N ALA B 336 16.19 -61.45 -27.68
CA ALA B 336 16.09 -61.30 -26.23
C ALA B 336 17.26 -60.46 -25.73
N GLY B 337 18.44 -60.74 -26.27
CA GLY B 337 19.63 -59.92 -26.03
C GLY B 337 20.35 -60.21 -24.74
N ASP B 338 21.51 -59.58 -24.58
CA ASP B 338 22.21 -59.55 -23.30
C ASP B 338 21.30 -58.84 -22.31
N ASP B 339 20.97 -59.55 -21.22
CA ASP B 339 19.99 -59.11 -20.23
C ASP B 339 18.56 -59.45 -20.69
N ASN B 340 18.32 -60.75 -20.88
CA ASN B 340 17.00 -61.34 -21.10
C ASN B 340 17.09 -62.85 -21.32
N THR B 341 16.04 -63.58 -20.96
CA THR B 341 15.98 -65.02 -21.21
C THR B 341 14.96 -65.36 -22.30
N VAL B 342 15.22 -66.42 -23.05
CA VAL B 342 14.53 -66.68 -24.31
C VAL B 342 13.29 -67.57 -24.16
N THR B 343 12.19 -67.11 -24.76
CA THR B 343 11.02 -67.94 -24.99
C THR B 343 10.84 -68.05 -26.51
N LEU B 344 11.19 -69.22 -27.03
CA LEU B 344 11.19 -69.49 -28.47
C LEU B 344 9.80 -69.59 -29.06
N ALA B 345 9.64 -69.07 -30.27
CA ALA B 345 8.40 -69.23 -31.04
C ALA B 345 8.61 -70.32 -32.08
N GLN B 346 7.98 -71.48 -31.85
CA GLN B 346 8.19 -72.65 -32.71
C GLN B 346 6.90 -73.19 -33.35
N ALA B 347 5.85 -72.37 -33.35
CA ALA B 347 4.61 -72.66 -34.06
C ALA B 347 4.28 -71.49 -34.97
N GLN B 348 3.40 -71.72 -35.95
CA GLN B 348 3.02 -70.68 -36.88
C GLN B 348 1.83 -69.85 -36.39
N VAL B 349 0.73 -70.52 -36.09
CA VAL B 349 -0.50 -69.86 -35.64
C VAL B 349 -0.40 -69.45 -34.17
N ARG B 350 -0.17 -70.44 -33.30
CA ARG B 350 -0.16 -70.21 -31.85
C ARG B 350 1.10 -69.52 -31.33
N SER B 351 0.92 -68.73 -30.28
CA SER B 351 2.02 -68.15 -29.51
C SER B 351 2.34 -69.06 -28.33
N PRO B 352 3.61 -69.07 -27.87
CA PRO B 352 4.03 -69.90 -26.72
C PRO B 352 3.19 -69.72 -25.43
N SER B 353 2.48 -68.59 -25.32
CA SER B 353 1.66 -68.31 -24.14
C SER B 353 0.28 -68.97 -24.19
N ASP B 354 -0.18 -69.30 -25.40
CA ASP B 354 -1.44 -70.02 -25.58
C ASP B 354 -1.40 -71.39 -24.89
N PRO B 355 -2.46 -71.72 -24.11
CA PRO B 355 -2.59 -73.02 -23.45
C PRO B 355 -2.39 -74.21 -24.39
N GLY B 356 -2.94 -74.14 -25.61
CA GLY B 356 -2.83 -75.22 -26.58
C GLY B 356 -1.54 -75.30 -27.36
N TYR B 357 -0.54 -74.53 -26.94
CA TYR B 357 0.74 -74.42 -27.67
C TYR B 357 1.61 -75.67 -27.60
N VAL B 358 1.93 -76.19 -28.77
CA VAL B 358 2.98 -77.19 -28.95
C VAL B 358 3.86 -76.71 -30.11
N PRO B 359 5.18 -76.97 -30.04
CA PRO B 359 6.05 -76.69 -31.20
C PRO B 359 5.71 -77.59 -32.40
N THR B 360 5.60 -76.99 -33.57
CA THR B 360 5.25 -77.69 -34.81
C THR B 360 6.35 -77.56 -35.87
N ALA B 361 7.45 -76.92 -35.49
CA ALA B 361 8.58 -76.69 -36.40
C ALA B 361 9.25 -78.01 -36.81
N PRO B 362 9.46 -78.20 -38.13
CA PRO B 362 10.23 -79.33 -38.64
C PRO B 362 11.68 -79.24 -38.17
N PRO B 363 12.37 -80.40 -38.06
CA PRO B 363 13.78 -80.40 -37.65
C PRO B 363 14.63 -79.53 -38.57
N ALA B 364 15.65 -78.89 -38.00
CA ALA B 364 16.53 -77.99 -38.76
C ALA B 364 17.23 -78.71 -39.92
N MET B 365 17.52 -77.97 -40.98
CA MET B 365 18.33 -78.51 -42.07
C MET B 365 19.77 -78.02 -41.96
N THR B 366 20.71 -78.80 -42.50
CA THR B 366 22.12 -78.46 -42.43
C THR B 366 22.45 -77.34 -43.42
N ARG B 367 23.55 -76.65 -43.16
CA ARG B 367 24.05 -75.59 -44.04
C ARG B 367 24.32 -76.11 -45.46
N ASP B 368 24.88 -77.32 -45.53
CA ASP B 368 25.17 -77.97 -46.80
C ASP B 368 23.90 -78.36 -47.56
N ASP B 369 22.86 -78.74 -46.82
CA ASP B 369 21.55 -79.05 -47.40
C ASP B 369 20.90 -77.82 -48.03
N ALA B 370 20.93 -76.71 -47.29
CA ALA B 370 20.37 -75.44 -47.74
C ALA B 370 21.12 -74.91 -48.96
N LEU B 371 22.46 -75.00 -48.93
CA LEU B 371 23.28 -74.58 -50.05
C LEU B 371 23.06 -75.45 -51.28
N GLU B 372 22.80 -76.74 -51.05
CA GLU B 372 22.44 -77.68 -52.12
C GLU B 372 21.17 -77.25 -52.86
N LEU B 373 20.18 -76.78 -52.11
CA LEU B 373 18.92 -76.31 -52.70
C LEU B 373 19.15 -75.10 -53.61
N LEU B 374 20.01 -74.17 -53.18
CA LEU B 374 20.43 -73.04 -54.00
C LEU B 374 21.19 -73.50 -55.25
N ARG B 375 22.14 -74.42 -55.06
CA ARG B 375 22.85 -75.05 -56.16
C ARG B 375 21.91 -75.68 -57.18
N ASP B 376 20.91 -76.40 -56.68
CA ASP B 376 19.89 -77.01 -57.53
C ASP B 376 19.06 -75.95 -58.26
N ALA B 377 18.84 -74.82 -57.60
CA ALA B 377 18.10 -73.70 -58.18
C ALA B 377 18.87 -72.95 -59.27
N GLY B 378 20.19 -73.14 -59.30
CA GLY B 378 21.02 -72.58 -60.35
C GLY B 378 22.08 -71.60 -59.87
N TYR B 379 22.16 -71.43 -58.56
CA TYR B 379 23.11 -70.49 -57.96
C TYR B 379 24.51 -71.09 -57.81
N VAL B 380 25.52 -70.31 -58.16
CA VAL B 380 26.92 -70.73 -58.07
C VAL B 380 27.80 -69.70 -57.35
N SER B 381 28.91 -70.17 -56.77
CA SER B 381 29.90 -69.29 -56.17
C SER B 381 30.78 -68.63 -57.23
N GLU B 382 31.20 -67.40 -56.96
CA GLU B 382 31.98 -66.59 -57.89
C GLU B 382 32.77 -65.55 -57.10
N PRO B 383 34.09 -65.44 -57.35
CA PRO B 383 34.93 -64.48 -56.61
C PRO B 383 34.49 -63.02 -56.77
N ARG B 400 36.88 -64.86 -50.91
CA ARG B 400 35.46 -64.65 -50.51
C ARG B 400 34.54 -64.60 -51.74
N GLU B 401 33.93 -65.75 -52.06
CA GLU B 401 33.09 -65.87 -53.25
C GLU B 401 31.62 -65.57 -52.98
N ARG B 402 31.05 -64.69 -53.80
CA ARG B 402 29.62 -64.35 -53.75
C ARG B 402 28.78 -65.33 -54.57
N ILE B 403 27.49 -65.40 -54.24
CA ILE B 403 26.55 -66.30 -54.93
C ILE B 403 25.78 -65.58 -56.04
N VAL B 404 25.82 -66.15 -57.25
CA VAL B 404 25.17 -65.58 -58.43
C VAL B 404 24.35 -66.63 -59.19
N LYS B 405 23.38 -66.16 -59.98
CA LYS B 405 22.65 -67.01 -60.92
C LYS B 405 22.64 -66.33 -62.29
N ASP B 406 23.29 -66.97 -63.25
CA ASP B 406 23.47 -66.41 -64.60
C ASP B 406 24.02 -64.98 -64.54
N GLY B 407 25.04 -64.79 -63.71
CA GLY B 407 25.66 -63.49 -63.52
C GLY B 407 25.01 -62.61 -62.47
N VAL B 408 23.73 -62.87 -62.19
CA VAL B 408 22.94 -62.03 -61.28
C VAL B 408 23.09 -62.46 -59.82
N PRO B 409 23.65 -61.58 -58.97
CA PRO B 409 23.86 -61.87 -57.56
C PRO B 409 22.54 -61.99 -56.80
N LEU B 410 22.49 -62.91 -55.84
CA LEU B 410 21.32 -63.04 -54.98
C LEU B 410 21.35 -62.00 -53.87
N THR B 411 20.41 -61.06 -53.95
CA THR B 411 20.28 -60.00 -52.96
C THR B 411 19.01 -60.20 -52.14
N ILE B 412 19.13 -60.03 -50.83
CA ILE B 412 17.99 -60.05 -49.91
C ILE B 412 17.97 -58.74 -49.11
N VAL B 413 16.98 -57.89 -49.38
CA VAL B 413 16.81 -56.65 -48.64
C VAL B 413 15.82 -56.88 -47.50
N LEU B 414 16.30 -56.80 -46.27
CA LEU B 414 15.48 -57.04 -45.08
C LEU B 414 14.90 -55.74 -44.54
N GLY B 415 13.57 -55.63 -44.60
CA GLY B 415 12.85 -54.44 -44.16
C GLY B 415 12.55 -54.51 -42.67
N VAL B 416 12.74 -53.38 -42.01
CA VAL B 416 12.51 -53.26 -40.57
C VAL B 416 12.25 -51.80 -40.22
N ALA B 417 11.48 -51.57 -39.16
CA ALA B 417 11.21 -50.21 -38.67
C ALA B 417 12.40 -49.67 -37.89
N SER B 418 12.97 -48.56 -38.36
CA SER B 418 14.06 -47.87 -37.66
C SER B 418 13.58 -47.43 -36.27
N ASN B 419 12.29 -47.60 -36.06
CA ASN B 419 11.59 -47.33 -34.82
C ASN B 419 11.96 -48.32 -33.70
N ASP B 420 12.42 -49.50 -34.09
CA ASP B 420 12.57 -50.63 -33.19
C ASP B 420 14.00 -51.20 -33.20
N PRO B 421 14.85 -50.75 -32.26
CA PRO B 421 16.25 -51.18 -32.13
C PRO B 421 16.46 -52.70 -32.02
N THR B 422 15.45 -53.40 -31.47
CA THR B 422 15.53 -54.84 -31.28
C THR B 422 15.39 -55.59 -32.61
N SER B 423 14.37 -55.22 -33.39
CA SER B 423 14.13 -55.84 -34.69
C SER B 423 15.24 -55.50 -35.69
N VAL B 424 15.84 -54.31 -35.50
CA VAL B 424 16.95 -53.86 -36.33
C VAL B 424 18.17 -54.75 -36.12
N ALA B 425 18.48 -54.99 -34.84
CA ALA B 425 19.58 -55.87 -34.44
C ALA B 425 19.42 -57.29 -35.00
N VAL B 426 18.20 -57.81 -34.92
CA VAL B 426 17.87 -59.16 -35.40
C VAL B 426 18.00 -59.25 -36.92
N ALA B 427 17.45 -58.25 -37.61
CA ALA B 427 17.57 -58.16 -39.06
C ALA B 427 19.04 -58.17 -39.50
N ASN B 428 19.86 -57.38 -38.81
CA ASN B 428 21.30 -57.34 -39.07
C ASN B 428 22.00 -58.69 -38.87
N THR B 429 21.62 -59.43 -37.85
CA THR B 429 22.20 -60.75 -37.58
C THR B 429 21.78 -61.74 -38.66
N ALA B 430 20.51 -61.69 -39.04
CA ALA B 430 20.01 -62.50 -40.15
C ALA B 430 20.80 -62.19 -41.42
N ALA B 431 21.06 -60.91 -41.66
CA ALA B 431 21.86 -60.47 -42.81
C ALA B 431 23.30 -60.98 -42.72
N ASP B 432 23.90 -60.87 -41.53
CA ASP B 432 25.25 -61.41 -41.26
C ASP B 432 25.39 -62.88 -41.68
N GLN B 433 24.42 -63.70 -41.30
CA GLN B 433 24.45 -65.13 -41.60
C GLN B 433 24.36 -65.39 -43.11
N LEU B 434 23.54 -64.62 -43.81
CA LEU B 434 23.39 -64.76 -45.25
C LEU B 434 24.63 -64.30 -46.01
N ARG B 435 25.25 -63.19 -45.56
CA ARG B 435 26.50 -62.70 -46.15
C ARG B 435 27.67 -63.66 -45.93
N ASN B 436 27.56 -64.48 -44.89
CA ASN B 436 28.61 -65.44 -44.53
C ASN B 436 28.75 -66.55 -45.58
N VAL B 437 27.67 -66.79 -46.33
CA VAL B 437 27.72 -67.78 -47.42
C VAL B 437 27.68 -67.14 -48.81
N GLY B 438 27.79 -65.81 -48.86
CA GLY B 438 27.96 -65.10 -50.13
C GLY B 438 26.73 -64.43 -50.70
N ILE B 439 25.63 -64.48 -49.96
CA ILE B 439 24.40 -63.79 -50.34
C ILE B 439 24.49 -62.29 -49.98
N ASP B 440 24.19 -61.44 -50.94
CA ASP B 440 24.24 -59.98 -50.75
C ASP B 440 23.04 -59.51 -49.94
N ALA B 441 23.04 -59.81 -48.64
CA ALA B 441 21.97 -59.40 -47.75
C ALA B 441 22.26 -58.04 -47.13
N SER B 442 21.24 -57.19 -47.10
CA SER B 442 21.32 -55.89 -46.45
C SER B 442 20.07 -55.64 -45.61
N VAL B 443 20.15 -54.61 -44.77
CA VAL B 443 19.03 -54.21 -43.92
C VAL B 443 18.60 -52.79 -44.29
N LEU B 444 17.33 -52.66 -44.64
CA LEU B 444 16.74 -51.36 -44.93
C LEU B 444 15.85 -50.93 -43.77
N ALA B 445 16.34 -49.97 -42.99
CA ALA B 445 15.61 -49.47 -41.82
C ALA B 445 14.74 -48.30 -42.25
N LEU B 446 13.43 -48.44 -42.02
CA LEU B 446 12.48 -47.47 -42.57
C LEU B 446 11.53 -46.88 -41.54
N ASP B 447 10.87 -45.80 -41.96
CA ASP B 447 9.70 -45.24 -41.30
C ASP B 447 8.63 -46.36 -41.25
N PRO B 448 7.91 -46.50 -40.12
CA PRO B 448 6.97 -47.62 -39.94
C PRO B 448 5.80 -47.61 -40.91
N VAL B 449 5.36 -46.42 -41.33
CA VAL B 449 4.32 -46.27 -42.35
C VAL B 449 4.86 -46.74 -43.70
N ALA B 450 6.04 -46.24 -44.07
CA ALA B 450 6.71 -46.61 -45.31
C ALA B 450 6.98 -48.11 -45.39
N LEU B 451 7.29 -48.72 -44.25
CA LEU B 451 7.60 -50.15 -44.17
C LEU B 451 6.47 -51.05 -44.68
N TYR B 452 5.24 -50.74 -44.28
CA TYR B 452 4.10 -51.58 -44.64
C TYR B 452 3.34 -51.05 -45.84
N GLY B 453 3.70 -49.86 -46.28
CA GLY B 453 3.06 -49.23 -47.44
C GLY B 453 3.98 -49.19 -48.64
N ASP B 454 4.68 -48.07 -48.80
CA ASP B 454 5.58 -47.82 -49.93
C ASP B 454 6.57 -48.97 -50.21
N ALA B 455 7.14 -49.53 -49.14
CA ALA B 455 8.15 -50.59 -49.27
C ALA B 455 7.60 -51.89 -49.85
N LEU B 456 6.31 -52.14 -49.61
CA LEU B 456 5.67 -53.36 -50.10
C LEU B 456 5.08 -53.21 -51.52
N VAL B 457 4.32 -52.13 -51.75
CA VAL B 457 3.72 -51.89 -53.06
C VAL B 457 4.77 -51.65 -54.16
N ASN B 458 5.88 -51.00 -53.78
CA ASN B 458 6.98 -50.73 -54.71
C ASN B 458 8.06 -51.80 -54.65
N ASN B 459 7.83 -52.83 -53.84
CA ASN B 459 8.76 -53.97 -53.71
C ASN B 459 10.20 -53.54 -53.40
N ARG B 460 10.34 -52.62 -52.45
CA ARG B 460 11.63 -52.11 -52.03
C ARG B 460 12.38 -53.10 -51.13
N VAL B 461 11.63 -54.03 -50.53
CA VAL B 461 12.19 -55.03 -49.62
C VAL B 461 11.81 -56.44 -50.06
N ASP B 462 12.64 -57.41 -49.68
CA ASP B 462 12.40 -58.83 -50.00
C ASP B 462 11.87 -59.59 -48.78
N ALA B 463 11.85 -58.92 -47.64
CA ALA B 463 11.47 -59.52 -46.37
C ALA B 463 11.14 -58.46 -45.31
N VAL B 464 10.43 -58.88 -44.25
CA VAL B 464 10.07 -58.00 -43.14
C VAL B 464 10.34 -58.67 -41.79
N VAL B 465 11.09 -57.98 -40.93
CA VAL B 465 11.28 -58.39 -39.54
C VAL B 465 10.50 -57.42 -38.66
N GLY B 466 9.60 -57.97 -37.82
CA GLY B 466 8.76 -57.16 -36.95
C GLY B 466 7.93 -57.98 -35.98
N TRP B 467 7.07 -57.29 -35.22
CA TRP B 467 6.26 -57.92 -34.18
C TRP B 467 4.83 -58.23 -34.65
N ARG B 468 4.27 -59.30 -34.12
CA ARG B 468 2.85 -59.63 -34.33
C ARG B 468 2.20 -59.76 -32.97
N GLN B 469 0.90 -59.45 -32.91
CA GLN B 469 0.12 -59.58 -31.69
C GLN B 469 0.09 -61.04 -31.21
N ALA B 470 0.20 -61.23 -29.90
CA ALA B 470 0.02 -62.54 -29.29
C ALA B 470 -1.17 -62.49 -28.37
N GLY B 471 -2.00 -63.53 -28.42
CA GLY B 471 -3.17 -63.63 -27.53
C GLY B 471 -4.48 -63.19 -28.17
N GLY B 472 -4.48 -63.05 -29.49
CA GLY B 472 -5.69 -62.75 -30.24
C GLY B 472 -6.30 -64.02 -30.81
N ASP B 473 -7.51 -63.88 -31.36
CA ASP B 473 -8.24 -65.03 -31.92
C ASP B 473 -7.38 -65.82 -32.91
N LEU B 474 -7.24 -67.12 -32.66
CA LEU B 474 -6.37 -67.99 -33.48
C LEU B 474 -6.85 -68.12 -34.92
N ALA B 475 -8.16 -68.20 -35.12
CA ALA B 475 -8.74 -68.29 -36.47
C ALA B 475 -8.50 -67.00 -37.26
N THR B 476 -8.55 -65.87 -36.56
CA THR B 476 -8.30 -64.56 -37.16
C THR B 476 -6.81 -64.40 -37.51
N VAL B 477 -5.95 -65.00 -36.69
CA VAL B 477 -4.51 -65.02 -36.94
C VAL B 477 -4.19 -65.80 -38.22
N LEU B 478 -4.77 -67.00 -38.33
CA LEU B 478 -4.55 -67.88 -39.48
C LEU B 478 -5.05 -67.27 -40.78
N ALA B 479 -6.22 -66.64 -40.74
CA ALA B 479 -6.81 -66.01 -41.92
C ALA B 479 -6.06 -64.77 -42.38
N SER B 480 -5.74 -63.88 -41.42
CA SER B 480 -5.07 -62.62 -41.71
C SER B 480 -3.68 -62.79 -42.29
N ARG B 481 -2.95 -63.79 -41.77
CA ARG B 481 -1.54 -63.95 -42.09
C ARG B 481 -1.27 -64.85 -43.28
N TYR B 482 -2.11 -65.86 -43.48
CA TYR B 482 -1.84 -66.93 -44.44
C TYR B 482 -2.92 -67.10 -45.50
N GLY B 483 -4.09 -66.53 -45.26
CA GLY B 483 -5.26 -66.72 -46.11
C GLY B 483 -5.13 -66.19 -47.54
N CYS B 484 -5.86 -66.81 -48.46
CA CYS B 484 -5.91 -66.37 -49.84
C CYS B 484 -6.79 -65.13 -49.96
N ARG B 485 -7.84 -65.07 -49.15
CA ARG B 485 -8.75 -63.94 -49.11
C ARG B 485 -8.02 -62.69 -48.61
N ALA B 486 -7.04 -62.90 -47.73
CA ALA B 486 -6.26 -61.83 -47.14
C ALA B 486 -5.15 -61.30 -48.06
N LEU B 487 -5.17 -61.74 -49.32
CA LEU B 487 -4.14 -61.40 -50.28
C LEU B 487 -4.63 -60.37 -51.30
N ALA B 538 -5.50 -52.87 -48.71
CA ALA B 538 -4.09 -53.32 -48.43
C ALA B 538 -4.08 -54.70 -47.76
N PRO B 539 -3.42 -55.68 -48.40
CA PRO B 539 -3.45 -57.07 -47.95
C PRO B 539 -2.76 -57.29 -46.61
N SER B 540 -3.42 -58.04 -45.73
CA SER B 540 -2.85 -58.41 -44.44
C SER B 540 -1.82 -59.53 -44.58
N ASN B 541 -2.06 -60.41 -45.55
CA ASN B 541 -1.14 -61.48 -45.90
C ASN B 541 0.00 -60.88 -46.74
N ILE B 542 1.09 -60.52 -46.07
CA ILE B 542 2.22 -59.85 -46.72
C ILE B 542 3.19 -60.86 -47.35
N THR B 543 2.86 -62.14 -47.18
CA THR B 543 3.59 -63.26 -47.74
C THR B 543 3.65 -63.22 -49.28
N GLY B 544 2.53 -62.87 -49.90
CA GLY B 544 2.45 -62.81 -51.37
C GLY B 544 1.79 -64.04 -51.98
N ILE B 545 1.79 -65.13 -51.23
CA ILE B 545 1.15 -66.38 -51.65
C ILE B 545 0.28 -66.98 -50.54
N CYS B 546 -0.44 -68.05 -50.88
CA CYS B 546 -1.26 -68.77 -49.91
C CYS B 546 -1.35 -70.24 -50.32
N ASP B 547 -1.74 -71.10 -49.39
CA ASP B 547 -2.01 -72.49 -49.71
C ASP B 547 -3.49 -72.62 -50.09
N ARG B 548 -3.73 -72.91 -51.37
CA ARG B 548 -5.08 -72.98 -51.91
C ARG B 548 -5.90 -74.11 -51.28
N SER B 549 -5.23 -75.23 -50.99
CA SER B 549 -5.89 -76.45 -50.51
C SER B 549 -6.38 -76.35 -49.06
N ILE B 550 -5.74 -75.52 -48.26
CA ILE B 550 -6.13 -75.34 -46.86
C ILE B 550 -7.23 -74.29 -46.66
N GLN B 551 -7.51 -73.54 -47.73
CA GLN B 551 -8.42 -72.39 -47.67
C GLN B 551 -9.84 -72.69 -47.14
N PRO B 552 -10.45 -73.82 -47.55
CA PRO B 552 -11.72 -74.21 -46.94
C PRO B 552 -11.65 -74.37 -45.42
N ARG B 553 -10.55 -74.95 -44.94
CA ARG B 553 -10.30 -75.12 -43.50
C ARG B 553 -10.13 -73.79 -42.78
N ILE B 554 -9.52 -72.82 -43.46
CA ILE B 554 -9.36 -71.46 -42.94
C ILE B 554 -10.73 -70.78 -42.82
N ASP B 555 -11.53 -70.87 -43.89
CA ASP B 555 -12.86 -70.27 -43.92
C ASP B 555 -13.77 -70.84 -42.83
N ALA B 556 -13.71 -72.17 -42.67
CA ALA B 556 -14.54 -72.89 -41.70
C ALA B 556 -14.15 -72.59 -40.25
N ALA B 557 -12.87 -72.33 -40.02
CA ALA B 557 -12.38 -71.95 -38.68
C ALA B 557 -12.81 -70.54 -38.31
N LEU B 558 -12.79 -69.64 -39.30
CA LEU B 558 -13.12 -68.24 -39.10
C LEU B 558 -14.62 -68.01 -38.86
N ASP B 559 -15.48 -68.80 -39.50
CA ASP B 559 -16.93 -68.67 -39.30
C ASP B 559 -17.47 -69.54 -38.17
N GLY B 560 -16.56 -70.30 -37.54
CA GLY B 560 -16.88 -71.08 -36.34
C GLY B 560 -17.53 -72.43 -36.56
N THR B 561 -17.68 -72.84 -37.82
CA THR B 561 -18.28 -74.13 -38.16
C THR B 561 -17.32 -75.30 -37.95
N ASP B 562 -16.02 -75.00 -37.93
CA ASP B 562 -14.99 -76.02 -37.70
C ASP B 562 -14.19 -75.72 -36.43
N ASP B 563 -13.75 -76.79 -35.77
CA ASP B 563 -12.96 -76.70 -34.55
C ASP B 563 -11.62 -76.03 -34.81
N ILE B 564 -11.25 -75.08 -33.94
CA ILE B 564 -10.01 -74.33 -34.11
C ILE B 564 -8.75 -75.19 -33.96
N ALA B 565 -8.68 -75.98 -32.89
CA ALA B 565 -7.52 -76.83 -32.62
C ALA B 565 -7.31 -77.84 -33.74
N ASP B 566 -8.41 -78.43 -34.22
CA ASP B 566 -8.42 -79.38 -35.31
C ASP B 566 -7.81 -78.78 -36.59
N VAL B 567 -8.27 -77.59 -36.95
CA VAL B 567 -7.79 -76.88 -38.14
C VAL B 567 -6.28 -76.61 -38.10
N ILE B 568 -5.80 -76.15 -36.94
CA ILE B 568 -4.38 -75.87 -36.74
C ILE B 568 -3.52 -77.14 -36.87
N GLN B 569 -3.90 -78.17 -36.13
CA GLN B 569 -3.26 -79.49 -36.21
C GLN B 569 -2.99 -79.93 -37.66
N ALA B 570 -3.95 -79.68 -38.54
CA ALA B 570 -3.88 -80.13 -39.93
C ALA B 570 -3.05 -79.24 -40.85
N VAL B 571 -3.13 -77.92 -40.66
CA VAL B 571 -2.55 -76.97 -41.62
C VAL B 571 -1.10 -76.55 -41.32
N GLU B 572 -0.67 -76.70 -40.07
CA GLU B 572 0.67 -76.26 -39.66
C GLU B 572 1.81 -76.75 -40.58
N PRO B 573 1.83 -78.06 -40.93
CA PRO B 573 2.88 -78.55 -41.84
C PRO B 573 2.93 -77.82 -43.20
N ARG B 574 1.77 -77.54 -43.78
CA ARG B 574 1.69 -76.82 -45.06
C ARG B 574 2.00 -75.33 -44.93
N LEU B 575 1.75 -74.77 -43.75
CA LEU B 575 2.13 -73.40 -43.42
C LEU B 575 3.66 -73.26 -43.44
N TRP B 576 4.35 -74.14 -42.70
CA TRP B 576 5.81 -74.22 -42.72
C TRP B 576 6.35 -74.48 -44.14
N ASN B 577 5.69 -75.40 -44.85
CA ASN B 577 6.12 -75.81 -46.19
C ASN B 577 6.16 -74.67 -47.21
N MET B 578 5.36 -73.63 -46.97
CA MET B 578 5.35 -72.45 -47.83
C MET B 578 6.65 -71.67 -47.72
N ALA B 579 7.38 -71.91 -46.63
CA ALA B 579 8.69 -71.29 -46.37
C ALA B 579 8.67 -69.76 -46.48
N THR B 580 7.65 -69.16 -45.86
CA THR B 580 7.48 -67.70 -45.92
C THR B 580 7.60 -67.01 -44.56
N VAL B 581 7.22 -67.71 -43.49
CA VAL B 581 7.23 -67.15 -42.14
C VAL B 581 8.15 -67.91 -41.19
N LEU B 582 9.10 -67.18 -40.61
CA LEU B 582 9.95 -67.72 -39.56
C LEU B 582 9.63 -67.03 -38.23
N PRO B 583 8.89 -67.72 -37.34
CA PRO B 583 8.69 -67.23 -35.98
C PRO B 583 10.00 -67.24 -35.22
N ILE B 584 10.23 -66.23 -34.37
CA ILE B 584 11.50 -66.12 -33.67
C ILE B 584 11.36 -66.30 -32.15
N LEU B 585 10.62 -65.42 -31.50
CA LEU B 585 10.46 -65.46 -30.04
C LEU B 585 9.19 -64.76 -29.60
N GLN B 586 8.71 -65.10 -28.41
CA GLN B 586 7.73 -64.28 -27.72
C GLN B 586 8.42 -63.44 -26.65
N ASP B 587 8.05 -62.15 -26.63
CA ASP B 587 8.59 -61.19 -25.68
C ASP B 587 8.21 -61.53 -24.24
N THR B 588 9.16 -61.37 -23.33
CA THR B 588 8.91 -61.49 -21.88
C THR B 588 9.52 -60.30 -21.15
N THR B 589 8.95 -59.96 -20.00
CA THR B 589 9.48 -58.88 -19.15
C THR B 589 9.52 -59.29 -17.69
N ILE B 590 10.50 -58.75 -16.96
CA ILE B 590 10.51 -58.84 -15.51
C ILE B 590 9.53 -57.80 -14.97
N VAL B 591 8.63 -58.22 -14.10
CA VAL B 591 7.74 -57.29 -13.38
C VAL B 591 8.10 -57.27 -11.90
N ALA B 592 7.88 -56.14 -11.25
CA ALA B 592 8.27 -55.96 -9.85
C ALA B 592 7.39 -54.94 -9.15
N ALA B 593 7.21 -55.13 -7.84
CA ALA B 593 6.46 -54.22 -6.98
C ALA B 593 7.15 -54.07 -5.63
N GLY B 594 7.37 -52.83 -5.22
CA GLY B 594 7.98 -52.53 -3.93
C GLY B 594 6.94 -52.41 -2.83
N PRO B 595 7.38 -52.50 -1.55
CA PRO B 595 6.49 -52.45 -0.39
C PRO B 595 5.68 -51.15 -0.24
N SER B 596 6.13 -50.08 -0.89
CA SER B 596 5.46 -48.78 -0.77
C SER B 596 4.13 -48.70 -1.53
N VAL B 597 3.84 -49.72 -2.34
CA VAL B 597 2.62 -49.73 -3.15
C VAL B 597 1.66 -50.85 -2.75
N GLN B 598 0.36 -50.57 -2.80
CA GLN B 598 -0.67 -51.53 -2.41
C GLN B 598 -1.53 -51.94 -3.60
N ASN B 599 -2.17 -53.11 -3.47
CA ASN B 599 -3.11 -53.64 -4.47
C ASN B 599 -2.51 -53.91 -5.85
N VAL B 600 -1.19 -54.15 -5.88
CA VAL B 600 -0.51 -54.51 -7.12
C VAL B 600 -0.21 -56.00 -7.13
N SER B 601 -1.05 -56.76 -7.83
CA SER B 601 -0.72 -58.14 -8.16
C SER B 601 0.10 -58.10 -9.44
N LEU B 602 1.02 -59.05 -9.59
CA LEU B 602 1.86 -59.08 -10.77
C LEU B 602 1.34 -60.13 -11.74
N THR B 603 0.01 -60.18 -11.87
CA THR B 603 -0.68 -61.17 -12.69
C THR B 603 -1.83 -60.50 -13.46
N GLY B 604 -2.06 -60.97 -14.69
CA GLY B 604 -3.16 -60.46 -15.51
C GLY B 604 -3.28 -61.22 -16.81
N ALA B 605 -4.17 -60.75 -17.67
CA ALA B 605 -4.34 -61.34 -19.00
C ALA B 605 -3.18 -60.94 -19.91
N VAL B 606 -2.77 -61.86 -20.77
CA VAL B 606 -1.67 -61.65 -21.71
C VAL B 606 -1.77 -60.34 -22.51
N PRO B 607 -2.96 -60.03 -23.08
CA PRO B 607 -3.08 -58.77 -23.83
C PRO B 607 -2.92 -57.49 -23.01
N VAL B 608 -3.04 -57.58 -21.69
CA VAL B 608 -3.00 -56.38 -20.83
C VAL B 608 -1.71 -56.21 -20.05
N GLY B 609 -1.30 -57.26 -19.33
CA GLY B 609 -0.10 -57.20 -18.48
C GLY B 609 -0.45 -57.07 -17.01
N ILE B 610 0.18 -56.11 -16.33
CA ILE B 610 0.00 -55.94 -14.88
C ILE B 610 -0.78 -54.69 -14.47
N VAL B 611 -1.17 -53.86 -15.44
CA VAL B 611 -1.81 -52.57 -15.18
C VAL B 611 -3.34 -52.62 -15.18
N GLY B 612 -3.91 -53.82 -15.29
CA GLY B 612 -5.36 -53.98 -15.29
C GLY B 612 -6.04 -53.47 -14.03
N ASP B 613 -5.35 -53.58 -12.90
CA ASP B 613 -5.90 -53.20 -11.60
C ASP B 613 -5.30 -51.89 -11.06
N ALA B 614 -4.76 -51.08 -11.97
CA ALA B 614 -4.05 -49.85 -11.62
C ALA B 614 -4.92 -48.81 -10.91
N GLY B 615 -6.21 -48.80 -11.21
CA GLY B 615 -7.17 -47.90 -10.56
C GLY B 615 -7.31 -48.15 -9.07
N ASP B 616 -6.77 -49.27 -8.60
CA ASP B 616 -6.83 -49.66 -7.20
C ASP B 616 -5.51 -49.43 -6.45
N TRP B 617 -4.44 -49.19 -7.21
CA TRP B 617 -3.10 -48.96 -6.64
C TRP B 617 -3.10 -47.78 -5.66
N THR B 618 -2.58 -48.01 -4.45
CA THR B 618 -2.42 -46.96 -3.45
C THR B 618 -1.00 -46.96 -2.87
N LYS B 619 -0.66 -45.90 -2.13
CA LYS B 619 0.66 -45.79 -1.48
C LYS B 619 0.58 -45.98 0.03
N THR B 620 1.60 -46.64 0.58
CA THR B 620 1.68 -46.98 2.01
C THR B 620 1.87 -45.73 2.88
N ALA C 46 27.48 52.21 21.71
CA ALA C 46 26.53 51.13 21.27
C ALA C 46 26.05 51.35 19.84
N PRO C 47 26.22 50.34 18.97
CA PRO C 47 25.77 50.43 17.58
C PRO C 47 24.25 50.40 17.47
N THR C 48 23.72 51.11 16.47
CA THR C 48 22.28 51.10 16.20
C THR C 48 21.88 49.77 15.58
N GLN C 49 20.91 49.11 16.20
CA GLN C 49 20.42 47.83 15.72
C GLN C 49 18.92 47.85 15.47
N ILE C 50 18.52 47.30 14.34
CA ILE C 50 17.11 47.10 14.04
C ILE C 50 16.79 45.61 14.08
N ILE C 51 15.76 45.25 14.84
CA ILE C 51 15.37 43.86 15.00
C ILE C 51 14.15 43.54 14.16
N MET C 52 14.32 42.57 13.26
CA MET C 52 13.22 42.07 12.44
C MET C 52 12.88 40.62 12.81
N ALA C 53 11.62 40.39 13.15
CA ALA C 53 11.16 39.06 13.52
C ALA C 53 10.88 38.19 12.30
N ILE C 54 11.28 36.92 12.39
CA ILE C 54 11.03 35.92 11.35
C ILE C 54 10.54 34.62 12.03
N ASP C 55 10.09 33.64 11.24
CA ASP C 55 9.66 32.36 11.79
C ASP C 55 10.88 31.57 12.27
N SER C 56 11.83 31.37 11.36
CA SER C 56 13.10 30.70 11.62
C SER C 56 14.06 31.12 10.51
N ILE C 57 15.32 30.69 10.60
CA ILE C 57 16.33 31.10 9.61
C ILE C 57 16.14 30.45 8.23
N GLY C 58 15.38 29.36 8.19
CA GLY C 58 15.08 28.69 6.94
C GLY C 58 16.08 27.62 6.54
N PRO C 59 15.85 26.98 5.37
CA PRO C 59 16.61 25.82 4.89
C PRO C 59 18.01 26.12 4.36
N GLY C 60 18.25 27.35 3.90
CA GLY C 60 19.54 27.70 3.32
C GLY C 60 19.60 29.07 2.69
N PHE C 61 20.75 29.43 2.13
CA PHE C 61 20.98 30.79 1.67
C PHE C 61 21.47 30.93 0.22
N ASN C 62 21.26 29.87 -0.58
CA ASN C 62 21.47 29.95 -2.01
C ASN C 62 20.14 30.17 -2.74
N PRO C 63 19.90 31.39 -3.23
CA PRO C 63 18.60 31.75 -3.84
C PRO C 63 18.31 30.96 -5.12
N HIS C 64 19.34 30.32 -5.67
CA HIS C 64 19.24 29.63 -6.95
C HIS C 64 18.78 28.17 -6.81
N LEU C 65 18.57 27.72 -5.58
CA LEU C 65 18.18 26.33 -5.32
C LEU C 65 16.73 26.23 -4.92
N LEU C 66 16.05 25.23 -5.48
CA LEU C 66 14.65 24.92 -5.13
C LEU C 66 14.50 24.65 -3.63
N SER C 67 15.52 24.00 -3.06
CA SER C 67 15.55 23.62 -1.65
C SER C 67 15.58 24.80 -0.69
N ASP C 68 16.09 25.93 -1.18
CA ASP C 68 16.31 27.11 -0.35
C ASP C 68 15.27 28.21 -0.52
N GLN C 69 14.21 27.95 -1.29
CA GLN C 69 13.16 28.95 -1.48
C GLN C 69 12.47 29.27 -0.17
N SER C 70 12.56 30.53 0.24
CA SER C 70 11.97 31.02 1.49
C SER C 70 12.08 32.55 1.54
N PRO C 71 11.15 33.21 2.26
CA PRO C 71 11.17 34.67 2.37
C PRO C 71 12.41 35.19 3.11
N VAL C 72 12.98 34.38 3.99
CA VAL C 72 14.21 34.73 4.70
C VAL C 72 15.41 34.70 3.75
N ASN C 73 15.53 33.61 2.99
CA ASN C 73 16.58 33.45 1.99
C ASN C 73 16.57 34.59 0.97
N ALA C 74 15.36 34.98 0.54
CA ALA C 74 15.17 36.05 -0.42
C ALA C 74 15.57 37.40 0.17
N ALA C 75 15.28 37.58 1.45
CA ALA C 75 15.60 38.82 2.18
C ALA C 75 17.09 39.04 2.32
N ILE C 76 17.81 37.99 2.74
CA ILE C 76 19.25 38.07 2.96
C ILE C 76 19.99 38.29 1.65
N ALA C 77 19.60 37.55 0.61
CA ALA C 77 20.19 37.68 -0.73
C ALA C 77 20.09 39.12 -1.26
N SER C 78 18.92 39.71 -1.08
CA SER C 78 18.65 41.10 -1.45
C SER C 78 19.66 42.07 -0.82
N LEU C 79 20.00 41.82 0.44
CA LEU C 79 20.80 42.76 1.25
C LEU C 79 22.31 42.54 1.19
N VAL C 80 22.74 41.32 0.86
CA VAL C 80 24.16 40.95 0.93
C VAL C 80 24.81 40.62 -0.41
N LEU C 81 24.01 40.17 -1.38
CA LEU C 81 24.54 39.73 -2.67
C LEU C 81 24.34 40.77 -3.76
N PRO C 82 25.31 40.89 -4.70
CA PRO C 82 25.14 41.79 -5.83
C PRO C 82 24.21 41.23 -6.90
N SER C 83 23.53 42.13 -7.61
CA SER C 83 22.60 41.77 -8.67
C SER C 83 22.79 42.68 -9.87
N SER C 84 22.58 42.14 -11.07
CA SER C 84 22.60 42.93 -12.29
C SER C 84 21.38 43.84 -12.36
N PHE C 85 20.21 43.30 -11.99
CA PHE C 85 18.94 44.03 -12.02
C PHE C 85 18.15 43.80 -10.75
N ARG C 86 17.37 44.81 -10.36
CA ARG C 86 16.50 44.76 -9.19
C ARG C 86 15.05 44.92 -9.62
N PRO C 87 14.11 44.17 -9.00
CA PRO C 87 12.72 44.28 -9.41
C PRO C 87 11.94 45.38 -8.69
N VAL C 88 11.07 46.06 -9.43
CA VAL C 88 10.11 47.02 -8.88
C VAL C 88 8.69 46.60 -9.29
N PRO C 89 7.68 46.89 -8.45
CA PRO C 89 6.30 46.59 -8.80
C PRO C 89 5.85 47.22 -10.12
N ASP C 90 5.20 46.43 -10.97
CA ASP C 90 4.68 46.89 -12.26
C ASP C 90 3.51 45.98 -12.68
N PRO C 91 2.27 46.45 -12.46
CA PRO C 91 1.07 45.68 -12.81
C PRO C 91 0.90 45.44 -14.30
N THR C 92 1.68 46.16 -15.11
CA THR C 92 1.70 46.02 -16.56
C THR C 92 2.49 44.78 -17.00
N SER C 93 3.29 44.24 -16.09
CA SER C 93 4.10 43.05 -16.35
C SER C 93 3.30 41.79 -16.03
N PRO C 94 3.37 40.76 -16.90
CA PRO C 94 2.76 39.44 -16.67
C PRO C 94 3.20 38.86 -15.33
N THR C 95 4.32 39.36 -14.84
CA THR C 95 4.97 38.86 -13.64
C THR C 95 4.73 39.77 -12.41
N GLY C 96 4.22 40.98 -12.65
CA GLY C 96 4.00 41.95 -11.60
C GLY C 96 5.24 42.78 -11.26
N SER C 97 6.38 42.44 -11.86
CA SER C 97 7.65 43.13 -11.64
C SER C 97 8.29 43.59 -12.93
N ARG C 98 8.96 44.75 -12.86
CA ARG C 98 9.83 45.23 -13.92
C ARG C 98 11.25 45.19 -13.37
N TRP C 99 12.19 44.78 -14.21
CA TRP C 99 13.58 44.62 -13.78
C TRP C 99 14.42 45.80 -14.22
N GLU C 100 14.98 46.50 -13.25
CA GLU C 100 15.74 47.73 -13.52
C GLU C 100 17.20 47.58 -13.14
N LEU C 101 18.06 48.16 -13.97
CA LEU C 101 19.51 48.09 -13.82
C LEU C 101 19.98 48.51 -12.43
N ASP C 102 20.77 47.64 -11.80
CA ASP C 102 21.40 47.96 -10.53
C ASP C 102 22.67 48.76 -10.82
N THR C 103 22.58 50.08 -10.66
CA THR C 103 23.68 50.99 -10.97
C THR C 103 24.79 50.94 -9.91
N THR C 104 24.48 50.39 -8.75
CA THR C 104 25.48 50.17 -7.71
C THR C 104 26.52 49.17 -8.20
N LEU C 105 26.07 48.09 -8.85
CA LEU C 105 26.98 47.07 -9.37
C LEU C 105 27.48 47.40 -10.79
N LEU C 106 26.57 47.85 -11.66
CA LEU C 106 26.86 47.96 -13.08
C LEU C 106 26.84 49.39 -13.62
N GLU C 107 27.68 49.64 -14.61
CA GLU C 107 27.64 50.88 -15.39
C GLU C 107 26.56 50.77 -16.46
N SER C 108 26.50 49.60 -17.12
CA SER C 108 25.52 49.32 -18.17
C SER C 108 25.39 47.83 -18.44
N ALA C 109 24.20 47.45 -18.92
CA ALA C 109 23.92 46.10 -19.40
C ALA C 109 22.95 46.22 -20.56
N GLU C 110 23.41 45.83 -21.74
CA GLU C 110 22.58 45.99 -22.94
C GLU C 110 22.82 44.90 -23.98
N VAL C 111 21.81 44.70 -24.83
CA VAL C 111 21.95 43.84 -26.00
C VAL C 111 22.90 44.53 -26.99
N THR C 112 24.03 43.89 -27.22
CA THR C 112 25.13 44.43 -28.03
C THR C 112 25.02 44.00 -29.50
N GLN C 113 24.46 42.81 -29.71
CA GLN C 113 24.33 42.23 -31.03
C GLN C 113 23.06 41.37 -31.09
N GLU C 114 22.41 41.36 -32.26
CA GLU C 114 21.16 40.65 -32.45
C GLU C 114 21.34 39.37 -33.28
N ASN C 115 22.45 39.28 -34.02
CA ASN C 115 22.72 38.08 -34.82
C ASN C 115 23.02 36.90 -33.89
N PRO C 116 24.28 36.71 -33.46
CA PRO C 116 24.38 35.94 -32.21
C PRO C 116 23.91 36.85 -31.07
N PHE C 117 22.69 36.64 -30.60
CA PHE C 117 22.10 37.40 -29.50
C PHE C 117 23.08 37.48 -28.32
N THR C 118 23.55 38.69 -28.02
CA THR C 118 24.53 38.91 -26.95
C THR C 118 24.20 40.08 -26.05
N VAL C 119 24.50 39.91 -24.76
CA VAL C 119 24.37 40.96 -23.76
C VAL C 119 25.75 41.22 -23.17
N THR C 120 26.14 42.49 -23.08
CA THR C 120 27.39 42.85 -22.42
C THR C 120 27.13 43.64 -21.15
N TYR C 121 27.68 43.13 -20.04
CA TYR C 121 27.59 43.79 -18.74
C TYR C 121 28.90 44.51 -18.46
N LYS C 122 28.81 45.79 -18.09
CA LYS C 122 30.00 46.55 -17.68
C LYS C 122 29.98 46.76 -16.18
N ILE C 123 30.86 46.03 -15.50
CA ILE C 123 30.91 46.01 -14.04
C ILE C 123 31.78 47.15 -13.53
N ARG C 124 31.34 47.77 -12.43
CA ARG C 124 32.08 48.87 -11.82
C ARG C 124 33.42 48.39 -11.24
N PRO C 125 34.50 49.14 -11.49
CA PRO C 125 35.84 48.82 -10.94
C PRO C 125 35.83 48.68 -9.42
N GLU C 126 35.11 49.58 -8.74
CA GLU C 126 35.07 49.60 -7.27
C GLU C 126 34.29 48.42 -6.67
N ALA C 127 33.40 47.83 -7.46
CA ALA C 127 32.57 46.70 -7.00
C ALA C 127 33.41 45.49 -6.62
N GLN C 128 33.37 45.14 -5.34
CA GLN C 128 34.23 44.11 -4.80
C GLN C 128 33.52 43.22 -3.79
N TRP C 129 33.98 41.97 -3.71
CA TRP C 129 33.56 41.06 -2.65
C TRP C 129 34.14 41.50 -1.31
N THR C 130 33.61 40.91 -0.24
CA THR C 130 33.94 41.28 1.13
C THR C 130 35.42 41.01 1.49
N ASP C 131 36.06 40.09 0.75
CA ASP C 131 37.46 39.75 0.97
C ASP C 131 38.41 40.53 0.05
N ASN C 132 37.90 41.63 -0.51
CA ASN C 132 38.63 42.52 -1.43
C ASN C 132 38.85 41.99 -2.85
N ALA C 133 38.38 40.77 -3.12
CA ALA C 133 38.40 40.23 -4.48
C ALA C 133 37.36 40.98 -5.31
N PRO C 134 37.70 41.28 -6.59
CA PRO C 134 36.74 42.02 -7.41
C PRO C 134 35.51 41.18 -7.80
N ILE C 135 34.35 41.83 -7.87
CA ILE C 135 33.19 41.21 -8.50
C ILE C 135 33.43 41.34 -10.01
N ALA C 136 33.59 40.21 -10.68
CA ALA C 136 34.08 40.20 -12.06
C ALA C 136 33.32 39.23 -12.96
N ALA C 137 33.73 39.17 -14.23
CA ALA C 137 33.11 38.30 -15.23
C ALA C 137 33.20 36.81 -14.87
N ASP C 138 34.22 36.45 -14.10
CA ASP C 138 34.38 35.09 -13.59
C ASP C 138 33.18 34.65 -12.75
N ASP C 139 32.63 35.60 -11.99
CA ASP C 139 31.45 35.36 -11.16
C ASP C 139 30.21 35.11 -12.03
N TYR C 140 30.12 35.82 -13.16
CA TYR C 140 29.07 35.58 -14.15
C TYR C 140 29.21 34.20 -14.79
N TRP C 141 30.41 33.90 -15.28
CA TRP C 141 30.73 32.60 -15.87
C TRP C 141 30.38 31.45 -14.93
N TYR C 142 30.75 31.60 -13.67
CA TYR C 142 30.51 30.57 -12.65
C TYR C 142 29.02 30.28 -12.39
N LEU C 143 28.23 31.35 -12.26
CA LEU C 143 26.78 31.19 -12.03
C LEU C 143 26.11 30.48 -13.20
N TRP C 144 26.50 30.84 -14.42
CA TRP C 144 26.00 30.17 -15.63
C TRP C 144 26.28 28.67 -15.59
N ARG C 145 27.55 28.32 -15.33
CA ARG C 145 27.97 26.93 -15.29
C ARG C 145 27.20 26.12 -14.25
N GLN C 146 26.98 26.70 -13.08
CA GLN C 146 26.24 26.04 -12.00
C GLN C 146 24.76 25.89 -12.33
N MET C 147 24.15 26.93 -12.87
CA MET C 147 22.74 26.92 -13.22
C MET C 147 22.41 25.89 -14.30
N VAL C 148 23.40 25.58 -15.13
CA VAL C 148 23.25 24.65 -16.24
C VAL C 148 23.60 23.19 -15.85
N SER C 149 24.50 23.03 -14.89
CA SER C 149 24.96 21.69 -14.50
C SER C 149 24.39 21.13 -13.19
N GLN C 150 23.94 21.99 -12.29
CA GLN C 150 23.43 21.54 -10.99
C GLN C 150 21.96 21.14 -11.02
N PRO C 151 21.65 19.94 -10.47
CA PRO C 151 20.25 19.54 -10.27
C PRO C 151 19.53 20.36 -9.18
N GLY C 152 18.21 20.50 -9.33
CA GLY C 152 17.39 21.19 -8.34
C GLY C 152 17.61 22.68 -8.26
N VAL C 153 17.91 23.31 -9.40
CA VAL C 153 18.06 24.76 -9.46
C VAL C 153 16.77 25.44 -9.93
N VAL C 154 16.62 26.72 -9.63
CA VAL C 154 15.44 27.50 -10.02
C VAL C 154 15.39 27.70 -11.54
N ASP C 155 14.26 27.29 -12.13
CA ASP C 155 13.91 27.56 -13.53
C ASP C 155 15.07 28.04 -14.44
N PRO C 156 15.94 27.11 -14.85
CA PRO C 156 17.17 27.43 -15.60
C PRO C 156 17.06 27.50 -17.13
N ALA C 157 15.84 27.54 -17.66
CA ALA C 157 15.64 27.54 -19.12
C ALA C 157 16.33 28.68 -19.85
N GLY C 158 16.43 29.84 -19.21
CA GLY C 158 17.11 30.99 -19.76
C GLY C 158 18.62 30.79 -19.75
N TYR C 159 19.12 30.29 -18.64
CA TYR C 159 20.54 29.95 -18.51
C TYR C 159 20.96 28.90 -19.53
N ASP C 160 20.06 27.96 -19.83
CA ASP C 160 20.34 26.89 -20.78
C ASP C 160 20.54 27.41 -22.22
N LEU C 161 20.07 28.63 -22.49
CA LEU C 161 20.21 29.24 -23.80
C LEU C 161 21.56 29.92 -23.99
N ILE C 162 22.28 30.11 -22.88
CA ILE C 162 23.61 30.74 -22.91
C ILE C 162 24.63 29.85 -23.62
N THR C 163 25.36 30.46 -24.55
CA THR C 163 26.33 29.78 -25.39
C THR C 163 27.76 29.95 -24.86
N GLY C 164 27.98 31.05 -24.15
CA GLY C 164 29.28 31.34 -23.56
C GLY C 164 29.26 32.63 -22.74
N VAL C 165 30.23 32.74 -21.84
CA VAL C 165 30.46 33.96 -21.07
C VAL C 165 31.94 34.29 -21.16
N GLN C 166 32.26 35.41 -21.80
CA GLN C 166 33.64 35.83 -22.03
C GLN C 166 34.04 36.97 -21.11
N SER C 167 35.27 36.91 -20.60
CA SER C 167 35.82 37.94 -19.72
C SER C 167 36.66 38.94 -20.51
N VAL C 168 36.27 40.22 -20.45
CA VAL C 168 36.96 41.29 -21.17
C VAL C 168 37.23 42.47 -20.23
N GLU C 169 38.25 43.27 -20.56
CA GLU C 169 38.63 44.48 -19.80
C GLU C 169 38.98 44.20 -18.34
N GLY C 170 39.91 43.26 -18.14
CA GLY C 170 40.39 42.89 -16.81
C GLY C 170 39.33 42.30 -15.90
N GLY C 171 38.37 41.60 -16.49
CA GLY C 171 37.28 40.97 -15.74
C GLY C 171 36.10 41.87 -15.48
N LYS C 172 36.24 43.15 -15.77
CA LYS C 172 35.18 44.14 -15.49
C LYS C 172 34.10 44.23 -16.57
N GLN C 173 34.25 43.42 -17.62
CA GLN C 173 33.27 43.38 -18.70
C GLN C 173 32.91 41.93 -19.01
N ALA C 174 31.62 41.63 -18.97
CA ALA C 174 31.12 40.27 -19.22
C ALA C 174 30.27 40.22 -20.48
N VAL C 175 30.72 39.46 -21.47
CA VAL C 175 30.01 39.31 -22.74
C VAL C 175 29.33 37.95 -22.79
N VAL C 176 28.00 37.96 -22.71
CA VAL C 176 27.22 36.72 -22.68
C VAL C 176 26.54 36.45 -24.02
N THR C 177 26.86 35.29 -24.60
CA THR C 177 26.34 34.86 -25.90
C THR C 177 25.15 33.90 -25.74
N PHE C 178 24.17 34.02 -26.62
CA PHE C 178 22.99 33.16 -26.58
C PHE C 178 22.76 32.43 -27.92
N SER C 179 22.13 31.27 -27.85
CA SER C 179 21.81 30.48 -29.05
C SER C 179 20.53 30.94 -29.74
N GLN C 180 19.77 31.82 -29.07
CA GLN C 180 18.52 32.35 -29.60
C GLN C 180 18.20 33.65 -28.86
N PRO C 181 17.22 34.44 -29.38
CA PRO C 181 16.77 35.59 -28.60
C PRO C 181 16.16 35.12 -27.27
N TYR C 182 16.48 35.84 -26.19
CA TYR C 182 15.90 35.57 -24.88
C TYR C 182 15.51 36.89 -24.22
N PRO C 183 14.26 37.35 -24.45
CA PRO C 183 13.72 38.62 -23.97
C PRO C 183 13.80 38.85 -22.46
N ALA C 184 13.82 37.78 -21.67
CA ALA C 184 13.79 37.89 -20.21
C ALA C 184 15.18 37.91 -19.58
N TRP C 185 16.19 38.27 -20.36
CA TRP C 185 17.59 38.20 -19.94
C TRP C 185 17.94 39.04 -18.70
N ARG C 186 17.11 40.05 -18.40
CA ARG C 186 17.34 40.91 -17.23
C ARG C 186 17.15 40.17 -15.90
N GLU C 187 16.58 38.98 -15.96
CA GLU C 187 16.38 38.14 -14.78
C GLU C 187 17.57 37.21 -14.53
N LEU C 188 18.52 37.22 -15.47
CA LEU C 188 19.74 36.44 -15.35
C LEU C 188 20.80 37.21 -14.57
N PHE C 189 21.70 36.46 -13.92
CA PHE C 189 22.84 37.04 -13.21
C PHE C 189 22.46 38.02 -12.10
N ASN C 190 21.45 37.65 -11.34
CA ASN C 190 21.09 38.32 -10.11
C ASN C 190 21.41 37.36 -8.96
N ASP C 191 21.58 37.92 -7.76
CA ASP C 191 22.05 37.16 -6.60
C ASP C 191 23.34 36.42 -6.95
N ILE C 192 24.32 37.17 -7.44
CA ILE C 192 25.60 36.61 -7.87
C ILE C 192 26.41 36.15 -6.67
N LEU C 193 27.09 35.01 -6.82
CA LEU C 193 27.90 34.41 -5.76
C LEU C 193 29.39 34.56 -6.03
N PRO C 194 30.21 34.64 -4.95
CA PRO C 194 31.66 34.70 -5.14
C PRO C 194 32.22 33.37 -5.65
N ALA C 195 32.56 33.32 -6.94
CA ALA C 195 33.04 32.11 -7.61
C ALA C 195 34.21 31.43 -6.90
N HIS C 196 35.19 32.25 -6.50
CA HIS C 196 36.42 31.75 -5.87
C HIS C 196 36.18 31.17 -4.47
N ILE C 197 35.02 31.49 -3.88
CA ILE C 197 34.68 31.06 -2.53
C ILE C 197 33.81 29.80 -2.54
N VAL C 198 32.67 29.88 -3.24
CA VAL C 198 31.71 28.78 -3.31
C VAL C 198 32.32 27.50 -3.88
N LYS C 199 33.22 27.68 -4.84
CA LYS C 199 33.99 26.61 -5.49
C LYS C 199 34.69 25.70 -4.48
N ASP C 200 35.27 26.29 -3.43
CA ASP C 200 36.12 25.56 -2.49
C ASP C 200 35.46 25.23 -1.15
N ILE C 201 34.34 25.89 -0.83
CA ILE C 201 33.67 25.66 0.46
C ILE C 201 33.03 24.27 0.53
N PRO C 202 33.03 23.65 1.73
CA PRO C 202 32.38 22.35 1.93
C PRO C 202 30.89 22.42 1.59
N GLY C 203 30.46 21.51 0.71
CA GLY C 203 29.08 21.47 0.23
C GLY C 203 28.91 22.11 -1.13
N GLY C 204 29.83 23.01 -1.47
CA GLY C 204 29.81 23.72 -2.75
C GLY C 204 28.54 24.53 -3.00
N PHE C 205 28.13 24.56 -4.26
CA PHE C 205 26.94 25.29 -4.69
C PHE C 205 25.66 24.73 -4.06
N GLY C 206 25.58 23.40 -4.01
CA GLY C 206 24.38 22.71 -3.56
C GLY C 206 24.09 22.75 -2.07
N ALA C 207 25.12 22.82 -1.25
CA ALA C 207 24.94 22.71 0.21
C ALA C 207 25.81 23.65 1.03
N GLY C 208 26.79 24.28 0.38
CA GLY C 208 27.76 25.13 1.08
C GLY C 208 27.20 26.37 1.75
N LEU C 209 26.10 26.89 1.21
CA LEU C 209 25.50 28.11 1.72
C LEU C 209 24.28 27.83 2.59
N ALA C 210 24.16 26.58 3.05
CA ALA C 210 23.02 26.18 3.89
C ALA C 210 23.00 26.91 5.23
N ARG C 211 24.18 27.04 5.83
CA ARG C 211 24.33 27.65 7.15
C ARG C 211 25.51 28.62 7.21
N ALA C 212 25.93 29.11 6.06
CA ALA C 212 27.10 29.99 5.96
C ALA C 212 27.03 30.95 4.77
N MET C 213 27.48 32.19 5.02
CA MET C 213 27.65 33.20 3.97
C MET C 213 28.93 34.01 4.25
N PRO C 214 30.11 33.35 4.16
CA PRO C 214 31.35 33.98 4.64
C PRO C 214 31.78 35.20 3.82
N VAL C 215 31.52 35.17 2.52
CA VAL C 215 31.91 36.26 1.62
C VAL C 215 30.71 36.74 0.81
N THR C 216 30.43 38.03 0.93
CA THR C 216 29.31 38.67 0.25
C THR C 216 29.76 39.93 -0.50
N GLY C 217 28.82 40.64 -1.10
CA GLY C 217 29.16 41.81 -1.92
C GLY C 217 28.02 42.80 -2.05
N GLY C 218 27.54 43.29 -0.92
CA GLY C 218 26.44 44.24 -0.90
C GLY C 218 26.53 45.22 0.25
N GLN C 219 25.49 46.03 0.39
CA GLN C 219 25.38 47.05 1.44
C GLN C 219 25.59 46.45 2.85
N PHE C 220 25.00 45.29 3.09
CA PHE C 220 25.18 44.56 4.34
C PHE C 220 26.05 43.32 4.12
N ARG C 221 26.66 42.84 5.20
CA ARG C 221 27.36 41.56 5.19
C ARG C 221 26.78 40.66 6.28
N VAL C 222 27.04 39.37 6.19
CA VAL C 222 26.55 38.41 7.17
C VAL C 222 27.57 38.20 8.28
N GLU C 223 27.23 38.65 9.49
CA GLU C 223 28.10 38.51 10.65
C GLU C 223 27.99 37.11 11.26
N THR C 224 26.78 36.68 11.60
CA THR C 224 26.55 35.34 12.13
C THR C 224 25.23 34.73 11.63
N ILE C 225 25.25 33.41 11.43
CA ILE C 225 24.04 32.62 11.21
C ILE C 225 23.97 31.58 12.34
N ASP C 226 22.95 31.71 13.18
CA ASP C 226 22.82 30.91 14.39
C ASP C 226 21.58 30.00 14.34
N PRO C 227 21.77 28.70 14.04
CA PRO C 227 20.66 27.73 13.93
C PRO C 227 19.98 27.42 15.27
N GLN C 228 20.76 27.43 16.36
CA GLN C 228 20.21 27.15 17.69
C GLN C 228 19.26 28.24 18.17
N ARG C 229 19.70 29.50 18.07
CA ARG C 229 18.91 30.65 18.46
C ARG C 229 17.93 31.10 17.38
N ASP C 230 18.07 30.54 16.17
CA ASP C 230 17.32 30.98 14.98
C ASP C 230 17.52 32.47 14.69
N GLU C 231 18.78 32.89 14.62
CA GLU C 231 19.12 34.28 14.39
C GLU C 231 20.08 34.48 13.23
N ILE C 232 19.89 35.57 12.48
CA ILE C 232 20.84 36.02 11.48
C ILE C 232 21.20 37.47 11.79
N LEU C 233 22.48 37.70 12.09
CA LEU C 233 22.95 39.06 12.33
C LEU C 233 23.66 39.61 11.11
N LEU C 234 23.12 40.71 10.58
CA LEU C 234 23.75 41.42 9.48
C LEU C 234 24.41 42.69 9.99
N ALA C 235 25.62 42.94 9.51
CA ALA C 235 26.33 44.18 9.81
C ALA C 235 26.53 44.98 8.54
N ARG C 236 26.62 46.30 8.68
CA ARG C 236 27.01 47.15 7.55
C ARG C 236 28.38 46.73 7.05
N ASN C 237 28.47 46.55 5.73
CA ASN C 237 29.72 46.23 5.07
C ASN C 237 30.57 47.51 4.93
N ASP C 238 31.64 47.59 5.73
CA ASP C 238 32.55 48.74 5.69
C ASP C 238 33.34 48.80 4.39
N ARG C 239 33.39 47.68 3.67
CA ARG C 239 34.08 47.59 2.38
C ARG C 239 33.13 47.74 1.20
N PHE C 240 31.91 48.21 1.48
CA PHE C 240 30.93 48.55 0.44
C PHE C 240 31.40 49.81 -0.29
N TRP C 241 31.12 49.86 -1.59
CA TRP C 241 31.68 50.89 -2.47
C TRP C 241 30.70 52.02 -2.80
N SER C 242 29.50 51.96 -2.24
CA SER C 242 28.48 52.98 -2.50
C SER C 242 27.90 53.56 -1.21
N VAL C 243 26.70 54.15 -1.32
CA VAL C 243 26.00 54.77 -0.20
C VAL C 243 25.85 53.77 0.97
N PRO C 244 26.41 54.11 2.15
CA PRO C 244 26.39 53.22 3.30
C PRO C 244 24.99 53.05 3.89
N ALA C 245 24.72 51.85 4.41
CA ALA C 245 23.46 51.58 5.09
C ALA C 245 23.38 52.39 6.39
N LYS C 246 22.19 52.91 6.69
CA LYS C 246 21.98 53.69 7.91
C LYS C 246 22.15 52.86 9.19
N PRO C 247 21.49 51.69 9.29
CA PRO C 247 21.69 50.91 10.51
C PRO C 247 23.07 50.24 10.56
N ASP C 248 23.63 50.15 11.76
CA ASP C 248 24.89 49.44 12.00
C ASP C 248 24.68 47.94 11.90
N LEU C 249 23.58 47.48 12.50
CA LEU C 249 23.25 46.07 12.57
C LEU C 249 21.78 45.85 12.26
N VAL C 250 21.48 44.73 11.62
CA VAL C 250 20.11 44.27 11.47
C VAL C 250 20.05 42.81 11.93
N LEU C 251 19.28 42.58 12.99
CA LEU C 251 19.11 41.24 13.55
C LEU C 251 17.78 40.61 13.16
N PHE C 252 17.85 39.49 12.44
CA PHE C 252 16.69 38.68 12.16
C PHE C 252 16.62 37.59 13.23
N ARG C 253 15.47 37.47 13.89
CA ARG C 253 15.31 36.46 14.94
C ARG C 253 13.92 35.83 14.98
N ARG C 254 13.87 34.61 15.51
CA ARG C 254 12.63 33.89 15.78
C ARG C 254 11.63 34.79 16.51
N GLY C 255 10.44 34.94 15.94
CA GLY C 255 9.38 35.73 16.57
C GLY C 255 8.75 35.02 17.77
N GLY C 256 8.74 33.69 17.73
CA GLY C 256 8.11 32.88 18.76
C GLY C 256 6.61 32.80 18.56
N ALA C 257 5.89 32.47 19.63
CA ALA C 257 4.42 32.41 19.61
C ALA C 257 3.83 33.81 19.34
N PRO C 258 2.65 33.86 18.70
CA PRO C 258 1.95 35.13 18.41
C PRO C 258 1.93 36.15 19.57
N ALA C 259 1.56 35.70 20.76
CA ALA C 259 1.47 36.57 21.94
C ALA C 259 2.82 37.16 22.34
N ALA C 260 3.88 36.37 22.16
CA ALA C 260 5.23 36.80 22.50
C ALA C 260 5.75 37.85 21.52
N LEU C 261 5.53 37.61 20.23
CA LEU C 261 5.84 38.59 19.19
C LEU C 261 5.05 39.87 19.39
N ALA C 262 3.74 39.74 19.65
CA ALA C 262 2.88 40.88 19.91
C ALA C 262 3.45 41.80 21.00
N ASP C 263 3.84 41.19 22.13
CA ASP C 263 4.35 41.93 23.27
C ASP C 263 5.70 42.58 22.98
N SER C 264 6.54 41.90 22.20
CA SER C 264 7.84 42.41 21.78
C SER C 264 7.71 43.63 20.86
N ILE C 265 6.74 43.59 19.96
CA ILE C 265 6.41 44.76 19.12
C ILE C 265 5.81 45.87 19.98
N ARG C 266 4.87 45.49 20.85
CA ARG C 266 4.22 46.39 21.81
C ARG C 266 5.24 47.16 22.66
N ASN C 267 6.30 46.47 23.09
CA ASN C 267 7.34 47.06 23.93
C ASN C 267 8.39 47.84 23.16
N GLY C 268 8.43 47.65 21.85
CA GLY C 268 9.38 48.34 20.99
C GLY C 268 10.70 47.63 20.81
N ASP C 269 10.81 46.42 21.34
CA ASP C 269 12.02 45.60 21.20
C ASP C 269 12.16 45.07 19.78
N THR C 270 11.03 44.78 19.15
CA THR C 270 10.99 44.37 17.74
C THR C 270 10.44 45.52 16.89
N GLN C 271 11.14 45.86 15.81
CA GLN C 271 10.76 46.97 14.94
C GLN C 271 9.96 46.52 13.72
N VAL C 272 10.39 45.43 13.11
CA VAL C 272 9.80 44.89 11.87
C VAL C 272 9.50 43.39 12.05
N ALA C 273 8.52 42.88 11.32
CA ALA C 273 8.24 41.44 11.32
C ALA C 273 7.78 40.92 9.96
N GLN C 274 8.23 39.73 9.61
CA GLN C 274 7.66 38.96 8.50
C GLN C 274 7.54 37.51 8.95
N VAL C 275 6.33 37.10 9.31
CA VAL C 275 6.08 35.79 9.91
C VAL C 275 4.83 35.13 9.32
N HIS C 276 4.70 33.83 9.54
CA HIS C 276 3.49 33.10 9.20
C HIS C 276 2.50 33.20 10.35
N GLY C 277 1.22 33.35 10.01
CA GLY C 277 0.14 33.39 10.99
C GLY C 277 -1.19 33.58 10.30
N GLY C 278 -2.27 33.28 11.01
CA GLY C 278 -3.63 33.38 10.47
C GLY C 278 -4.32 34.70 10.77
N ALA C 279 -5.64 34.72 10.61
CA ALA C 279 -6.45 35.92 10.79
C ALA C 279 -6.42 36.46 12.23
N ALA C 280 -6.36 35.55 13.20
CA ALA C 280 -6.27 35.93 14.61
C ALA C 280 -4.97 36.66 14.93
N THR C 281 -3.83 36.08 14.52
CA THR C 281 -2.52 36.70 14.67
C THR C 281 -2.47 38.08 14.01
N PHE C 282 -2.99 38.16 12.77
CA PHE C 282 -3.06 39.42 12.05
C PHE C 282 -3.83 40.48 12.84
N ALA C 283 -4.98 40.09 13.38
CA ALA C 283 -5.84 40.99 14.15
C ALA C 283 -5.19 41.45 15.46
N GLN C 284 -4.43 40.55 16.08
CA GLN C 284 -3.73 40.83 17.33
C GLN C 284 -2.62 41.88 17.13
N LEU C 285 -1.84 41.72 16.06
CA LEU C 285 -0.77 42.66 15.76
C LEU C 285 -1.32 44.02 15.32
N SER C 286 -2.40 44.00 14.55
CA SER C 286 -3.03 45.21 14.02
C SER C 286 -3.63 46.08 15.11
N ALA C 287 -3.93 45.48 16.25
CA ALA C 287 -4.57 46.18 17.37
C ALA C 287 -3.60 46.97 18.24
N ILE C 288 -2.30 46.69 18.10
CA ILE C 288 -1.27 47.43 18.82
C ILE C 288 -1.19 48.85 18.25
N PRO C 289 -1.32 49.86 19.13
CA PRO C 289 -1.32 51.26 18.70
C PRO C 289 -0.15 51.62 17.79
N ASP C 290 -0.47 52.27 16.66
CA ASP C 290 0.53 52.82 15.72
C ASP C 290 1.37 51.76 15.01
N VAL C 291 0.88 50.52 14.99
CA VAL C 291 1.56 49.43 14.29
C VAL C 291 0.90 49.25 12.93
N ARG C 292 1.72 49.20 11.89
CA ARG C 292 1.23 48.99 10.53
C ARG C 292 1.39 47.52 10.17
N THR C 293 0.35 46.93 9.59
CA THR C 293 0.36 45.52 9.22
C THR C 293 -0.18 45.30 7.82
N ALA C 294 0.24 44.21 7.19
CA ALA C 294 -0.29 43.77 5.91
C ALA C 294 -0.03 42.27 5.76
N ARG C 295 -0.74 41.64 4.83
CA ARG C 295 -0.42 40.29 4.42
C ARG C 295 0.11 40.35 3.01
N ILE C 296 1.32 39.86 2.80
CA ILE C 296 1.89 39.83 1.48
C ILE C 296 2.19 38.41 1.05
N VAL C 297 2.28 38.24 -0.25
CA VAL C 297 2.62 36.98 -0.83
C VAL C 297 4.14 36.85 -0.80
N THR C 298 4.61 35.61 -0.80
CA THR C 298 6.03 35.27 -0.77
C THR C 298 6.39 34.65 -2.13
N PRO C 299 7.62 34.87 -2.64
CA PRO C 299 8.00 34.37 -3.97
C PRO C 299 8.22 32.85 -4.09
N ARG C 300 7.27 32.06 -3.59
CA ARG C 300 7.33 30.60 -3.70
C ARG C 300 5.96 29.93 -3.70
N VAL C 301 5.86 28.83 -4.45
CA VAL C 301 4.66 28.00 -4.55
C VAL C 301 5.04 26.53 -4.25
N MET C 302 4.25 25.86 -3.41
CA MET C 302 4.46 24.43 -3.13
C MET C 302 3.74 23.57 -4.17
N GLN C 303 4.44 22.56 -4.68
CA GLN C 303 3.87 21.63 -5.65
C GLN C 303 4.20 20.19 -5.30
N LEU C 304 3.30 19.29 -5.68
CA LEU C 304 3.56 17.86 -5.65
C LEU C 304 3.70 17.37 -7.09
N THR C 305 4.80 16.70 -7.38
CA THR C 305 5.10 16.22 -8.74
C THR C 305 5.25 14.71 -8.76
N LEU C 306 4.57 14.05 -9.71
CA LEU C 306 4.74 12.62 -9.94
C LEU C 306 5.84 12.34 -10.97
N ARG C 307 6.59 11.26 -10.76
CA ARG C 307 7.62 10.85 -11.71
C ARG C 307 7.00 9.88 -12.73
N ALA C 308 6.58 10.42 -13.86
CA ALA C 308 5.84 9.65 -14.88
C ALA C 308 6.71 8.64 -15.64
N GLN C 309 8.02 8.76 -15.51
CA GLN C 309 8.95 7.79 -16.12
C GLN C 309 9.06 6.49 -15.32
N GLN C 310 8.49 6.49 -14.11
CA GLN C 310 8.38 5.26 -13.31
C GLN C 310 7.31 4.36 -13.93
N PRO C 311 7.67 3.08 -14.21
CA PRO C 311 6.76 2.17 -14.91
C PRO C 311 5.36 2.06 -14.29
N LYS C 312 5.30 2.02 -12.96
CA LYS C 312 4.01 1.95 -12.26
C LYS C 312 3.17 3.23 -12.42
N LEU C 313 3.83 4.32 -12.83
CA LEU C 313 3.16 5.60 -13.07
C LEU C 313 3.09 5.99 -14.55
N ALA C 314 3.50 5.08 -15.42
CA ALA C 314 3.51 5.33 -16.87
C ALA C 314 2.10 5.55 -17.46
N ASP C 315 1.12 4.81 -16.92
CA ASP C 315 -0.28 4.95 -17.31
C ASP C 315 -0.86 6.24 -16.73
N PRO C 316 -1.32 7.16 -17.62
CA PRO C 316 -1.92 8.44 -17.22
C PRO C 316 -3.14 8.27 -16.32
N GLN C 317 -3.87 7.17 -16.50
CA GLN C 317 -5.08 6.90 -15.72
C GLN C 317 -4.75 6.58 -14.26
N VAL C 318 -3.63 5.89 -14.05
CA VAL C 318 -3.09 5.65 -12.70
C VAL C 318 -2.72 6.97 -12.03
N ARG C 319 -2.00 7.83 -12.76
CA ARG C 319 -1.59 9.15 -12.27
C ARG C 319 -2.79 10.03 -11.91
N LYS C 320 -3.81 10.03 -12.77
CA LYS C 320 -5.05 10.76 -12.50
C LYS C 320 -5.74 10.24 -11.23
N ALA C 321 -5.75 8.92 -11.07
CA ALA C 321 -6.31 8.26 -9.90
C ALA C 321 -5.57 8.63 -8.62
N ILE C 322 -4.24 8.60 -8.65
CA ILE C 322 -3.41 8.99 -7.51
C ILE C 322 -3.71 10.42 -7.06
N LEU C 323 -3.66 11.34 -8.02
CA LEU C 323 -3.91 12.77 -7.74
C LEU C 323 -5.36 13.01 -7.34
N GLY C 324 -6.26 12.21 -7.90
CA GLY C 324 -7.67 12.26 -7.56
C GLY C 324 -8.03 11.68 -6.20
N LEU C 325 -7.12 10.88 -5.64
CA LEU C 325 -7.30 10.32 -4.28
C LEU C 325 -6.74 11.28 -3.23
N ILE C 326 -5.98 12.26 -3.70
CA ILE C 326 -5.36 13.25 -2.82
C ILE C 326 -6.21 14.52 -2.81
N ASP C 327 -6.61 14.95 -1.61
CA ASP C 327 -7.33 16.20 -1.45
C ASP C 327 -6.33 17.34 -1.35
N VAL C 328 -6.24 18.14 -2.42
CA VAL C 328 -5.30 19.26 -2.47
C VAL C 328 -5.66 20.37 -1.48
N ASP C 329 -6.95 20.50 -1.16
CA ASP C 329 -7.39 21.48 -0.17
C ASP C 329 -6.87 21.12 1.22
N LEU C 330 -6.89 19.82 1.53
CA LEU C 330 -6.31 19.30 2.76
C LEU C 330 -4.81 19.54 2.81
N LEU C 331 -4.11 19.29 1.70
CA LEU C 331 -2.66 19.50 1.65
C LEU C 331 -2.31 20.96 1.87
N ALA C 332 -3.11 21.85 1.28
CA ALA C 332 -2.90 23.28 1.40
C ALA C 332 -3.08 23.78 2.83
N SER C 333 -4.11 23.31 3.52
CA SER C 333 -4.34 23.72 4.90
C SER C 333 -3.26 23.21 5.85
N VAL C 334 -2.74 22.02 5.60
CA VAL C 334 -1.56 21.51 6.31
C VAL C 334 -0.32 22.35 5.95
N GLY C 335 -0.18 22.68 4.66
CA GLY C 335 0.93 23.50 4.19
C GLY C 335 0.90 24.90 4.78
N ALA C 336 -0.30 25.44 4.94
CA ALA C 336 -0.49 26.77 5.52
C ALA C 336 -0.52 26.74 7.06
N GLY C 337 -1.18 25.73 7.63
CA GLY C 337 -1.33 25.63 9.09
C GLY C 337 -2.52 26.40 9.60
N ASP C 338 -2.82 26.25 10.89
CA ASP C 338 -3.84 27.08 11.54
C ASP C 338 -3.31 28.51 11.47
N ASP C 339 -2.07 28.63 11.98
CA ASP C 339 -1.28 29.84 11.92
C ASP C 339 -0.89 30.18 10.48
N ASN C 340 -1.92 30.46 9.67
CA ASN C 340 -1.75 30.87 8.28
C ASN C 340 -3.07 30.94 7.54
N THR C 341 -3.14 31.84 6.55
CA THR C 341 -4.29 31.95 5.67
C THR C 341 -3.91 31.39 4.30
N VAL C 342 -4.74 30.49 3.77
CA VAL C 342 -4.38 29.71 2.59
C VAL C 342 -4.73 30.35 1.24
N THR C 343 -3.69 30.66 0.46
CA THR C 343 -3.84 31.08 -0.92
C THR C 343 -3.62 29.86 -1.85
N LEU C 344 -4.71 29.27 -2.32
CA LEU C 344 -4.66 28.09 -3.18
C LEU C 344 -4.00 28.38 -4.52
N ALA C 345 -3.17 27.44 -4.98
CA ALA C 345 -2.54 27.55 -6.30
C ALA C 345 -3.29 26.63 -7.26
N GLN C 346 -4.04 27.24 -8.18
CA GLN C 346 -4.98 26.50 -9.02
C GLN C 346 -4.74 26.69 -10.52
N ALA C 347 -3.52 27.08 -10.87
CA ALA C 347 -3.05 27.10 -12.25
C ALA C 347 -1.68 26.45 -12.29
N GLN C 348 -1.21 26.07 -13.47
CA GLN C 348 0.11 25.45 -13.60
C GLN C 348 1.22 26.49 -13.69
N VAL C 349 1.17 27.34 -14.73
CA VAL C 349 2.27 28.29 -14.97
C VAL C 349 2.23 29.47 -14.01
N ARG C 350 1.12 30.22 -14.01
CA ARG C 350 1.01 31.41 -13.17
C ARG C 350 0.82 31.08 -11.69
N SER C 351 1.47 31.90 -10.85
CA SER C 351 1.22 31.89 -9.42
C SER C 351 0.06 32.84 -9.11
N PRO C 352 -0.67 32.57 -8.01
CA PRO C 352 -1.74 33.48 -7.57
C PRO C 352 -1.36 34.96 -7.57
N SER C 353 -0.09 35.27 -7.34
CA SER C 353 0.38 36.66 -7.27
C SER C 353 0.57 37.35 -8.63
N ASP C 354 0.66 36.56 -9.71
CA ASP C 354 0.78 37.11 -11.06
C ASP C 354 -0.50 37.86 -11.46
N PRO C 355 -0.35 39.09 -12.01
CA PRO C 355 -1.48 39.94 -12.37
C PRO C 355 -2.57 39.28 -13.21
N GLY C 356 -2.18 38.43 -14.15
CA GLY C 356 -3.16 37.75 -15.00
C GLY C 356 -3.67 36.41 -14.48
N TYR C 357 -3.35 36.10 -13.22
CA TYR C 357 -3.72 34.80 -12.63
C TYR C 357 -5.23 34.52 -12.64
N VAL C 358 -5.57 33.38 -13.23
CA VAL C 358 -6.93 32.84 -13.21
C VAL C 358 -6.77 31.31 -12.96
N PRO C 359 -7.63 30.74 -12.09
CA PRO C 359 -7.61 29.27 -11.92
C PRO C 359 -7.87 28.52 -13.23
N THR C 360 -7.13 27.44 -13.45
CA THR C 360 -7.30 26.63 -14.67
C THR C 360 -7.54 25.16 -14.36
N ALA C 361 -7.51 24.82 -13.08
CA ALA C 361 -7.73 23.45 -12.61
C ALA C 361 -9.05 22.87 -13.12
N PRO C 362 -9.00 21.66 -13.72
CA PRO C 362 -10.22 20.93 -14.09
C PRO C 362 -11.05 20.57 -12.86
N PRO C 363 -12.35 20.25 -13.04
CA PRO C 363 -13.19 19.88 -11.89
C PRO C 363 -12.61 18.73 -11.06
N ALA C 364 -12.76 18.84 -9.74
CA ALA C 364 -12.29 17.84 -8.79
C ALA C 364 -12.93 16.48 -9.05
N MET C 365 -12.12 15.44 -8.94
CA MET C 365 -12.56 14.05 -9.07
C MET C 365 -13.08 13.57 -7.71
N THR C 366 -14.09 12.71 -7.73
CA THR C 366 -14.57 12.06 -6.50
C THR C 366 -13.61 10.93 -6.09
N ARG C 367 -13.91 10.26 -4.98
CA ARG C 367 -13.09 9.16 -4.49
C ARG C 367 -13.40 7.88 -5.27
N ASP C 368 -14.69 7.63 -5.49
CA ASP C 368 -15.16 6.46 -6.22
C ASP C 368 -14.67 6.41 -7.67
N ASP C 369 -14.60 7.57 -8.30
CA ASP C 369 -14.11 7.69 -9.69
C ASP C 369 -12.61 7.40 -9.77
N ALA C 370 -11.86 7.88 -8.78
CA ALA C 370 -10.43 7.60 -8.69
C ALA C 370 -10.18 6.11 -8.52
N LEU C 371 -10.94 5.48 -7.62
CA LEU C 371 -10.88 4.02 -7.43
C LEU C 371 -11.34 3.27 -8.69
N GLU C 372 -12.34 3.83 -9.37
CA GLU C 372 -12.85 3.32 -10.64
C GLU C 372 -11.75 3.29 -11.70
N LEU C 373 -10.95 4.36 -11.75
CA LEU C 373 -9.83 4.46 -12.69
C LEU C 373 -8.74 3.43 -12.39
N LEU C 374 -8.55 3.13 -11.10
CA LEU C 374 -7.61 2.11 -10.67
C LEU C 374 -8.02 0.70 -11.09
N ARG C 375 -9.30 0.37 -10.92
CA ARG C 375 -9.79 -0.95 -11.34
C ARG C 375 -9.73 -1.12 -12.86
N ASP C 376 -9.96 -0.04 -13.59
CA ASP C 376 -9.82 -0.04 -15.06
C ASP C 376 -8.37 -0.25 -15.48
N ALA C 377 -7.44 0.25 -14.66
CA ALA C 377 -6.01 0.08 -14.89
C ALA C 377 -5.55 -1.34 -14.52
N GLY C 378 -6.46 -2.12 -13.94
CA GLY C 378 -6.19 -3.52 -13.61
C GLY C 378 -5.88 -3.80 -12.15
N TYR C 379 -6.23 -2.87 -11.28
CA TYR C 379 -6.01 -3.03 -9.85
C TYR C 379 -7.22 -3.64 -9.15
N VAL C 380 -6.96 -4.44 -8.11
CA VAL C 380 -8.00 -5.01 -7.27
C VAL C 380 -7.66 -4.85 -5.79
N SER C 381 -8.62 -5.16 -4.92
CA SER C 381 -8.42 -5.13 -3.47
C SER C 381 -8.38 -6.54 -2.89
N GLU C 382 -7.44 -6.77 -1.97
CA GLU C 382 -7.24 -8.08 -1.34
C GLU C 382 -7.10 -7.93 0.18
N PRO C 383 -7.44 -9.00 0.94
CA PRO C 383 -7.17 -9.01 2.39
C PRO C 383 -5.67 -8.91 2.71
N VAL C 384 -5.35 -8.50 3.93
CA VAL C 384 -3.96 -8.42 4.40
C VAL C 384 -3.57 -9.74 5.08
N ARG C 400 -7.95 -5.10 7.12
CA ARG C 400 -7.97 -3.78 6.38
C ARG C 400 -8.44 -3.96 4.93
N GLU C 401 -7.48 -3.93 4.01
CA GLU C 401 -7.67 -4.08 2.55
C GLU C 401 -6.39 -3.62 1.87
N ARG C 402 -6.22 -3.90 0.57
CA ARG C 402 -4.95 -3.66 -0.12
C ARG C 402 -5.13 -3.61 -1.64
N ILE C 403 -4.45 -2.66 -2.29
CA ILE C 403 -4.54 -2.47 -3.74
C ILE C 403 -3.38 -3.17 -4.47
N VAL C 404 -3.73 -3.98 -5.46
CA VAL C 404 -2.77 -4.89 -6.09
C VAL C 404 -3.02 -5.01 -7.60
N LYS C 405 -1.94 -5.12 -8.38
CA LYS C 405 -2.04 -5.47 -9.80
C LYS C 405 -1.32 -6.78 -10.05
N ASP C 406 -2.08 -7.81 -10.43
CA ASP C 406 -1.52 -9.14 -10.67
C ASP C 406 -0.63 -9.60 -9.51
N GLY C 407 -1.10 -9.42 -8.29
CA GLY C 407 -0.36 -9.84 -7.08
C GLY C 407 0.69 -8.85 -6.58
N VAL C 408 0.90 -7.77 -7.31
CA VAL C 408 1.89 -6.76 -6.94
C VAL C 408 1.22 -5.53 -6.28
N PRO C 409 1.48 -5.32 -4.97
CA PRO C 409 0.94 -4.16 -4.27
C PRO C 409 1.42 -2.84 -4.86
N LEU C 410 0.51 -1.88 -5.01
CA LEU C 410 0.87 -0.55 -5.49
C LEU C 410 1.61 0.24 -4.40
N THR C 411 2.80 0.70 -4.76
CA THR C 411 3.73 1.38 -3.87
C THR C 411 3.95 2.81 -4.37
N ILE C 412 3.88 3.78 -3.46
CA ILE C 412 4.18 5.17 -3.78
C ILE C 412 5.14 5.78 -2.75
N VAL C 413 6.31 6.19 -3.21
CA VAL C 413 7.31 6.82 -2.35
C VAL C 413 7.39 8.31 -2.66
N LEU C 414 6.99 9.13 -1.70
CA LEU C 414 7.05 10.57 -1.85
C LEU C 414 8.36 11.12 -1.28
N GLY C 415 9.17 11.70 -2.16
CA GLY C 415 10.43 12.31 -1.78
C GLY C 415 10.23 13.74 -1.32
N VAL C 416 11.00 14.14 -0.32
CA VAL C 416 10.91 15.48 0.27
C VAL C 416 12.22 15.84 0.98
N ALA C 417 12.52 17.12 1.07
CA ALA C 417 13.70 17.59 1.79
C ALA C 417 13.44 17.57 3.30
N SER C 418 14.22 16.76 4.02
CA SER C 418 14.12 16.65 5.49
C SER C 418 14.41 17.99 6.16
N ASN C 419 15.00 18.88 5.37
CA ASN C 419 15.28 20.27 5.66
C ASN C 419 14.04 21.13 5.92
N ASP C 420 12.89 20.68 5.41
CA ASP C 420 11.68 21.52 5.32
C ASP C 420 10.48 20.85 6.01
N PRO C 421 10.26 21.14 7.30
CA PRO C 421 9.20 20.49 8.09
C PRO C 421 7.79 20.66 7.49
N THR C 422 7.56 21.78 6.80
CA THR C 422 6.27 22.07 6.19
C THR C 422 5.99 21.16 5.00
N SER C 423 6.95 21.03 4.10
CA SER C 423 6.83 20.11 2.97
C SER C 423 6.76 18.66 3.44
N VAL C 424 7.52 18.34 4.49
CA VAL C 424 7.52 16.99 5.09
C VAL C 424 6.13 16.64 5.64
N ALA C 425 5.51 17.60 6.32
CA ALA C 425 4.15 17.43 6.84
C ALA C 425 3.14 17.16 5.73
N VAL C 426 3.24 17.94 4.64
CA VAL C 426 2.38 17.82 3.48
C VAL C 426 2.53 16.45 2.80
N ALA C 427 3.77 16.03 2.59
CA ALA C 427 4.06 14.73 1.99
C ALA C 427 3.42 13.61 2.82
N ASN C 428 3.49 13.74 4.14
CA ASN C 428 2.93 12.74 5.05
C ASN C 428 1.41 12.66 4.99
N THR C 429 0.76 13.82 4.90
CA THR C 429 -0.70 13.85 4.77
C THR C 429 -1.14 13.27 3.43
N ALA C 430 -0.37 13.51 2.38
CA ALA C 430 -0.59 12.90 1.07
C ALA C 430 -0.51 11.38 1.14
N ALA C 431 0.50 10.88 1.84
CA ALA C 431 0.69 9.44 2.02
C ALA C 431 -0.43 8.83 2.87
N ASP C 432 -0.85 9.55 3.91
CA ASP C 432 -1.97 9.13 4.77
C ASP C 432 -3.23 8.86 3.94
N GLN C 433 -3.52 9.77 3.01
CA GLN C 433 -4.69 9.68 2.14
C GLN C 433 -4.66 8.46 1.23
N LEU C 434 -3.48 8.14 0.71
CA LEU C 434 -3.30 6.99 -0.17
C LEU C 434 -3.36 5.69 0.63
N ARG C 435 -2.82 5.72 1.85
CA ARG C 435 -2.89 4.57 2.74
C ARG C 435 -4.32 4.24 3.17
N ASN C 436 -5.16 5.27 3.25
CA ASN C 436 -6.56 5.08 3.61
C ASN C 436 -7.37 4.26 2.61
N VAL C 437 -6.94 4.28 1.35
CA VAL C 437 -7.59 3.51 0.29
C VAL C 437 -6.84 2.21 -0.08
N GLY C 438 -5.81 1.87 0.70
CA GLY C 438 -5.08 0.61 0.53
C GLY C 438 -3.83 0.66 -0.33
N ILE C 439 -3.32 1.86 -0.57
CA ILE C 439 -2.05 2.04 -1.29
C ILE C 439 -0.89 2.13 -0.28
N ASP C 440 0.16 1.35 -0.53
CA ASP C 440 1.36 1.34 0.31
C ASP C 440 2.20 2.59 0.06
N ALA C 441 1.74 3.73 0.58
CA ALA C 441 2.43 5.01 0.38
C ALA C 441 3.33 5.34 1.56
N SER C 442 4.47 5.94 1.27
CA SER C 442 5.44 6.31 2.31
C SER C 442 6.20 7.59 1.95
N VAL C 443 6.84 8.17 2.95
CA VAL C 443 7.58 9.41 2.78
C VAL C 443 9.08 9.16 2.98
N LEU C 444 9.88 9.53 1.98
CA LEU C 444 11.33 9.48 2.11
C LEU C 444 11.90 10.90 2.23
N ALA C 445 12.19 11.30 3.46
CA ALA C 445 12.79 12.60 3.75
C ALA C 445 14.30 12.52 3.58
N LEU C 446 14.82 13.30 2.64
CA LEU C 446 16.23 13.24 2.24
C LEU C 446 16.91 14.60 2.37
N ASP C 447 18.24 14.59 2.45
CA ASP C 447 18.98 15.84 2.36
C ASP C 447 18.79 16.43 0.94
N PRO C 448 18.72 17.77 0.84
CA PRO C 448 18.29 18.46 -0.39
C PRO C 448 19.09 18.08 -1.63
N VAL C 449 20.40 17.92 -1.46
CA VAL C 449 21.28 17.56 -2.58
C VAL C 449 21.00 16.14 -3.06
N ALA C 450 20.83 15.19 -2.13
CA ALA C 450 20.47 13.81 -2.44
C ALA C 450 19.12 13.71 -3.14
N LEU C 451 18.17 14.56 -2.71
CA LEU C 451 16.80 14.55 -3.24
C LEU C 451 16.76 14.79 -4.75
N TYR C 452 17.36 15.89 -5.20
CA TYR C 452 17.35 16.26 -6.62
C TYR C 452 18.49 15.63 -7.41
N GLY C 453 19.57 15.24 -6.72
CA GLY C 453 20.76 14.74 -7.39
C GLY C 453 20.86 13.24 -7.49
N ASP C 454 20.51 12.53 -6.41
CA ASP C 454 20.71 11.08 -6.33
C ASP C 454 19.41 10.29 -6.42
N ALA C 455 18.40 10.72 -5.66
CA ALA C 455 17.10 10.05 -5.60
C ALA C 455 16.34 10.06 -6.92
N LEU C 456 16.47 11.16 -7.67
CA LEU C 456 15.78 11.31 -8.96
C LEU C 456 16.51 10.55 -10.05
N VAL C 457 17.82 10.74 -10.10
CA VAL C 457 18.69 10.11 -11.09
C VAL C 457 18.62 8.58 -11.00
N ASN C 458 18.51 8.08 -9.77
CA ASN C 458 18.47 6.64 -9.53
C ASN C 458 17.06 6.10 -9.22
N ASN C 459 16.03 6.94 -9.44
CA ASN C 459 14.62 6.54 -9.33
C ASN C 459 14.25 5.92 -7.98
N ARG C 460 14.73 6.53 -6.90
CA ARG C 460 14.43 6.09 -5.53
C ARG C 460 13.10 6.62 -5.00
N VAL C 461 12.51 7.58 -5.71
CA VAL C 461 11.21 8.14 -5.32
C VAL C 461 10.23 8.12 -6.50
N ASP C 462 8.94 8.20 -6.19
CA ASP C 462 7.90 8.20 -7.22
C ASP C 462 7.26 9.59 -7.36
N ALA C 463 7.51 10.44 -6.37
CA ALA C 463 6.97 11.79 -6.32
C ALA C 463 7.90 12.73 -5.56
N VAL C 464 7.75 14.03 -5.78
CA VAL C 464 8.51 15.05 -5.05
C VAL C 464 7.56 16.11 -4.51
N VAL C 465 7.75 16.47 -3.24
CA VAL C 465 7.04 17.59 -2.62
C VAL C 465 8.06 18.69 -2.26
N GLY C 466 7.81 19.91 -2.73
CA GLY C 466 8.72 21.01 -2.48
C GLY C 466 8.28 22.33 -3.06
N TRP C 467 9.11 23.35 -2.85
CA TRP C 467 8.81 24.71 -3.29
C TRP C 467 9.41 25.04 -4.64
N ARG C 468 8.71 25.91 -5.37
CA ARG C 468 9.24 26.49 -6.59
C ARG C 468 9.11 28.00 -6.51
N GLN C 469 9.97 28.70 -7.25
CA GLN C 469 9.95 30.15 -7.29
C GLN C 469 8.64 30.66 -7.88
N ALA C 470 8.12 31.74 -7.28
CA ALA C 470 7.02 32.52 -7.83
C ALA C 470 7.52 33.93 -8.12
N GLY C 471 7.03 34.54 -9.19
CA GLY C 471 7.38 35.92 -9.54
C GLY C 471 8.44 36.04 -10.63
N GLY C 472 8.89 34.91 -11.17
CA GLY C 472 9.85 34.89 -12.26
C GLY C 472 9.20 34.85 -13.62
N ASP C 473 9.97 35.18 -14.66
CA ASP C 473 9.50 35.13 -16.05
C ASP C 473 8.68 33.87 -16.32
N LEU C 474 7.48 34.06 -16.85
CA LEU C 474 6.55 32.94 -17.04
C LEU C 474 6.96 31.96 -18.14
N ALA C 475 7.52 32.48 -19.23
CA ALA C 475 7.99 31.64 -20.33
C ALA C 475 9.11 30.70 -19.85
N THR C 476 9.98 31.24 -19.01
CA THR C 476 11.07 30.48 -18.42
C THR C 476 10.55 29.41 -17.45
N VAL C 477 9.52 29.76 -16.68
CA VAL C 477 8.82 28.80 -15.82
C VAL C 477 8.28 27.63 -16.66
N LEU C 478 7.54 27.95 -17.72
CA LEU C 478 6.92 26.95 -18.59
C LEU C 478 7.96 26.03 -19.26
N ALA C 479 8.99 26.61 -19.86
CA ALA C 479 10.06 25.83 -20.48
C ALA C 479 10.78 24.95 -19.47
N SER C 480 11.15 25.53 -18.32
CA SER C 480 11.92 24.81 -17.31
C SER C 480 11.24 23.56 -16.77
N ARG C 481 9.95 23.68 -16.49
CA ARG C 481 9.21 22.65 -15.75
C ARG C 481 8.49 21.62 -16.65
N TYR C 482 8.11 22.03 -17.86
CA TYR C 482 7.31 21.17 -18.73
C TYR C 482 7.90 20.91 -20.12
N GLY C 483 8.94 21.68 -20.47
CA GLY C 483 9.52 21.60 -21.81
C GLY C 483 10.24 20.30 -22.09
N CYS C 484 10.30 19.94 -23.37
CA CYS C 484 10.95 18.70 -23.81
C CYS C 484 12.49 18.81 -23.78
N ARG C 485 13.01 20.01 -24.02
CA ARG C 485 14.47 20.26 -24.00
C ARG C 485 15.06 20.14 -22.59
N ALA C 486 14.21 20.39 -21.59
CA ALA C 486 14.60 20.35 -20.18
C ALA C 486 14.49 18.95 -19.60
N LEU C 487 14.32 17.97 -20.48
CA LEU C 487 14.16 16.58 -20.09
C LEU C 487 15.44 15.81 -20.39
N GLN C 537 24.17 18.48 -17.75
CA GLN C 537 22.69 18.88 -18.14
C GLN C 537 21.73 18.13 -17.22
N ALA C 538 21.54 18.65 -16.00
CA ALA C 538 20.58 18.08 -15.07
C ALA C 538 19.18 18.54 -15.47
N PRO C 539 18.27 17.59 -15.70
CA PRO C 539 16.91 17.95 -16.14
C PRO C 539 16.16 18.82 -15.13
N SER C 540 15.55 19.90 -15.62
CA SER C 540 14.73 20.77 -14.78
C SER C 540 13.27 20.33 -14.82
N ASN C 541 12.92 19.60 -15.87
CA ASN C 541 11.63 18.92 -15.97
C ASN C 541 11.80 17.58 -15.26
N ILE C 542 11.34 17.51 -14.01
CA ILE C 542 11.53 16.31 -13.17
C ILE C 542 10.32 15.39 -13.24
N THR C 543 9.43 15.72 -14.17
CA THR C 543 8.20 14.99 -14.42
C THR C 543 8.45 13.69 -15.20
N GLY C 544 9.50 13.69 -16.02
CA GLY C 544 9.85 12.54 -16.85
C GLY C 544 9.21 12.54 -18.23
N ILE C 545 8.22 13.40 -18.44
CA ILE C 545 7.52 13.48 -19.72
C ILE C 545 7.25 14.93 -20.16
N CYS C 546 6.88 15.09 -21.42
CA CYS C 546 6.46 16.38 -21.96
C CYS C 546 5.34 16.13 -22.96
N ASP C 547 4.66 17.20 -23.36
CA ASP C 547 3.64 17.14 -24.39
C ASP C 547 4.24 17.74 -25.66
N ARG C 548 4.49 16.88 -26.63
CA ARG C 548 5.12 17.29 -27.90
C ARG C 548 4.34 18.34 -28.66
N SER C 549 3.01 18.22 -28.64
CA SER C 549 2.15 19.09 -29.43
C SER C 549 2.11 20.55 -28.95
N ILE C 550 2.53 20.81 -27.71
CA ILE C 550 2.61 22.18 -27.20
C ILE C 550 4.02 22.79 -27.25
N GLN C 551 5.02 21.98 -27.60
CA GLN C 551 6.42 22.42 -27.62
C GLN C 551 6.68 23.67 -28.48
N PRO C 552 6.12 23.73 -29.71
CA PRO C 552 6.34 24.93 -30.52
C PRO C 552 5.86 26.23 -29.85
N ARG C 553 4.77 26.14 -29.09
CA ARG C 553 4.24 27.28 -28.34
C ARG C 553 5.17 27.68 -27.19
N ILE C 554 5.68 26.68 -26.47
CA ILE C 554 6.67 26.89 -25.41
C ILE C 554 7.91 27.61 -25.96
N ASP C 555 8.42 27.12 -27.09
CA ASP C 555 9.57 27.73 -27.78
C ASP C 555 9.31 29.18 -28.18
N ALA C 556 8.13 29.42 -28.73
CA ALA C 556 7.74 30.74 -29.22
C ALA C 556 7.54 31.75 -28.08
N ALA C 557 7.06 31.26 -26.93
CA ALA C 557 6.93 32.12 -25.75
C ALA C 557 8.30 32.47 -25.19
N LEU C 558 9.20 31.49 -25.17
CA LEU C 558 10.54 31.68 -24.60
C LEU C 558 11.42 32.65 -25.41
N ASP C 559 11.30 32.62 -26.74
CA ASP C 559 12.04 33.56 -27.59
C ASP C 559 11.29 34.87 -27.82
N GLY C 560 10.04 34.93 -27.33
CA GLY C 560 9.25 36.15 -27.36
C GLY C 560 8.55 36.46 -28.68
N THR C 561 8.41 35.46 -29.55
CA THR C 561 7.68 35.65 -30.82
C THR C 561 6.18 35.38 -30.65
N ASP C 562 5.81 34.87 -29.47
CA ASP C 562 4.43 34.58 -29.13
C ASP C 562 4.16 35.22 -27.76
N ASP C 563 2.99 35.87 -27.62
CA ASP C 563 2.60 36.45 -26.34
C ASP C 563 2.37 35.35 -25.31
N ILE C 564 2.99 35.51 -24.14
CA ILE C 564 2.96 34.51 -23.08
C ILE C 564 1.55 34.23 -22.52
N ALA C 565 0.72 35.26 -22.46
CA ALA C 565 -0.67 35.12 -22.02
C ALA C 565 -1.46 34.22 -22.96
N ASP C 566 -1.22 34.36 -24.26
CA ASP C 566 -1.89 33.54 -25.27
C ASP C 566 -1.41 32.10 -25.24
N VAL C 567 -0.12 31.91 -25.01
CA VAL C 567 0.49 30.59 -24.88
C VAL C 567 -0.09 29.84 -23.67
N ILE C 568 -0.07 30.51 -22.51
CA ILE C 568 -0.60 29.93 -21.27
C ILE C 568 -2.06 29.48 -21.47
N GLN C 569 -2.89 30.40 -21.95
CA GLN C 569 -4.28 30.12 -22.30
C GLN C 569 -4.44 28.85 -23.13
N ALA C 570 -3.59 28.68 -24.13
CA ALA C 570 -3.63 27.53 -25.05
C ALA C 570 -3.12 26.22 -24.45
N VAL C 571 -2.15 26.30 -23.54
CA VAL C 571 -1.43 25.08 -23.10
C VAL C 571 -1.87 24.51 -21.74
N GLU C 572 -2.50 25.32 -20.90
CA GLU C 572 -2.87 24.90 -19.54
C GLU C 572 -3.64 23.56 -19.48
N PRO C 573 -4.69 23.38 -20.30
CA PRO C 573 -5.39 22.10 -20.27
C PRO C 573 -4.48 20.88 -20.52
N ARG C 574 -3.53 21.02 -21.45
CA ARG C 574 -2.59 19.95 -21.77
C ARG C 574 -1.64 19.66 -20.61
N LEU C 575 -1.28 20.71 -19.86
CA LEU C 575 -0.41 20.57 -18.70
C LEU C 575 -1.08 19.78 -17.57
N TRP C 576 -2.33 20.14 -17.28
CA TRP C 576 -3.13 19.41 -16.28
C TRP C 576 -3.38 17.96 -16.73
N ASN C 577 -3.57 17.77 -18.03
CA ASN C 577 -3.90 16.46 -18.56
C ASN C 577 -2.76 15.44 -18.47
N MET C 578 -1.53 15.91 -18.37
CA MET C 578 -0.38 15.03 -18.16
C MET C 578 -0.40 14.40 -16.78
N ALA C 579 -1.14 15.02 -15.86
CA ALA C 579 -1.34 14.50 -14.49
C ALA C 579 -0.02 14.19 -13.80
N THR C 580 0.89 15.16 -13.83
CA THR C 580 2.20 15.02 -13.20
C THR C 580 2.44 16.06 -12.11
N VAL C 581 1.75 17.20 -12.19
CA VAL C 581 1.98 18.30 -11.25
C VAL C 581 0.69 18.75 -10.55
N LEU C 582 0.72 18.73 -9.23
CA LEU C 582 -0.35 19.25 -8.40
C LEU C 582 0.15 20.45 -7.59
N PRO C 583 -0.10 21.68 -8.10
CA PRO C 583 0.16 22.88 -7.30
C PRO C 583 -0.70 22.90 -6.04
N ILE C 584 -0.13 23.32 -4.93
CA ILE C 584 -0.81 23.29 -3.64
C ILE C 584 -1.20 24.70 -3.17
N LEU C 585 -0.21 25.54 -2.88
CA LEU C 585 -0.49 26.88 -2.36
C LEU C 585 0.65 27.84 -2.69
N GLN C 586 0.34 29.14 -2.71
CA GLN C 586 1.38 30.16 -2.64
C GLN C 586 1.54 30.61 -1.19
N ASP C 587 2.80 30.71 -0.78
CA ASP C 587 3.18 31.13 0.57
C ASP C 587 2.81 32.59 0.82
N THR C 588 2.22 32.87 1.99
CA THR C 588 1.99 34.25 2.41
C THR C 588 2.51 34.47 3.82
N THR C 589 2.83 35.73 4.13
CA THR C 589 3.27 36.12 5.46
C THR C 589 2.58 37.40 5.93
N ILE C 590 2.41 37.51 7.24
CA ILE C 590 2.06 38.77 7.89
C ILE C 590 3.34 39.61 8.01
N VAL C 591 3.25 40.87 7.60
CA VAL C 591 4.34 41.83 7.82
C VAL C 591 3.86 42.96 8.72
N ALA C 592 4.78 43.49 9.51
CA ALA C 592 4.45 44.55 10.46
C ALA C 592 5.64 45.49 10.69
N ALA C 593 5.32 46.74 11.02
CA ALA C 593 6.30 47.75 11.38
C ALA C 593 5.76 48.55 12.56
N GLY C 594 6.55 48.59 13.64
CA GLY C 594 6.21 49.38 14.83
C GLY C 594 6.56 50.86 14.67
N PRO C 595 6.01 51.72 15.56
CA PRO C 595 6.23 53.16 15.49
C PRO C 595 7.67 53.59 15.80
N SER C 596 8.45 52.68 16.40
CA SER C 596 9.82 52.98 16.80
C SER C 596 10.83 52.96 15.64
N VAL C 597 10.36 52.61 14.45
CA VAL C 597 11.24 52.53 13.28
C VAL C 597 10.78 53.47 12.17
N GLN C 598 11.75 54.05 11.47
CA GLN C 598 11.48 54.98 10.38
C GLN C 598 11.89 54.39 9.03
N ASN C 599 11.23 54.86 7.97
CA ASN C 599 11.54 54.48 6.58
C ASN C 599 11.29 53.02 6.22
N VAL C 600 10.39 52.38 6.94
CA VAL C 600 9.98 51.02 6.60
C VAL C 600 8.64 51.07 5.87
N SER C 601 8.72 50.98 4.54
CA SER C 601 7.54 50.80 3.72
C SER C 601 7.26 49.31 3.68
N LEU C 602 6.05 48.91 4.05
CA LEU C 602 5.72 47.48 4.03
C LEU C 602 5.32 47.04 2.63
N THR C 603 5.97 47.62 1.64
CA THR C 603 5.67 47.40 0.23
C THR C 603 6.94 47.08 -0.53
N GLY C 604 6.80 46.25 -1.56
CA GLY C 604 7.91 45.89 -2.42
C GLY C 604 7.49 44.88 -3.47
N ALA C 605 8.38 44.59 -4.40
CA ALA C 605 8.14 43.60 -5.43
C ALA C 605 8.09 42.19 -4.80
N VAL C 606 7.28 41.33 -5.41
CA VAL C 606 7.11 39.95 -4.96
C VAL C 606 8.44 39.19 -4.68
N PRO C 607 9.42 39.28 -5.60
CA PRO C 607 10.67 38.54 -5.37
C PRO C 607 11.47 38.98 -4.15
N VAL C 608 11.26 40.21 -3.69
CA VAL C 608 12.10 40.81 -2.65
C VAL C 608 11.43 40.75 -1.27
N GLY C 609 10.17 41.18 -1.21
CA GLY C 609 9.48 41.29 0.07
C GLY C 609 9.53 42.72 0.56
N ILE C 610 9.90 42.88 1.83
CA ILE C 610 9.85 44.20 2.48
C ILE C 610 11.22 44.78 2.88
N VAL C 611 12.31 44.13 2.50
CA VAL C 611 13.65 44.56 2.93
C VAL C 611 14.40 45.42 1.90
N GLY C 612 13.77 45.72 0.77
CA GLY C 612 14.38 46.52 -0.29
C GLY C 612 14.95 47.86 0.17
N ASP C 613 14.32 48.45 1.18
CA ASP C 613 14.69 49.77 1.69
C ASP C 613 15.41 49.72 3.04
N ALA C 614 15.85 48.53 3.44
CA ALA C 614 16.46 48.31 4.76
C ALA C 614 17.67 49.20 5.05
N GLY C 615 18.37 49.61 3.99
CA GLY C 615 19.52 50.52 4.12
C GLY C 615 19.13 51.89 4.62
N ASP C 616 17.84 52.23 4.52
CA ASP C 616 17.32 53.53 4.97
C ASP C 616 16.69 53.47 6.36
N TRP C 617 16.53 52.27 6.91
CA TRP C 617 15.84 52.08 8.19
C TRP C 617 16.58 52.78 9.35
N THR C 618 15.83 53.57 10.11
CA THR C 618 16.33 54.30 11.29
C THR C 618 15.37 54.06 12.45
N LYS C 619 15.88 54.12 13.68
CA LYS C 619 15.07 53.84 14.86
C LYS C 619 14.66 55.10 15.65
N THR C 620 13.89 54.88 16.72
CA THR C 620 13.26 55.91 17.57
C THR C 620 12.28 56.82 16.81
#